data_7BAD
# 
_entry.id   7BAD 
# 
_audit_conform.dict_name       mmcif_pdbx.dic 
_audit_conform.dict_version    5.399 
_audit_conform.dict_location   http://mmcif.pdb.org/dictionaries/ascii/mmcif_pdbx.dic 
# 
loop_
_database_2.database_id 
_database_2.database_code 
_database_2.pdbx_database_accession 
_database_2.pdbx_DOI 
PDB   7BAD         pdb_00007bad 10.2210/pdb7bad/pdb 
WWPDB D_1292113047 ?            ?                   
# 
loop_
_pdbx_audit_revision_history.ordinal 
_pdbx_audit_revision_history.data_content_type 
_pdbx_audit_revision_history.major_revision 
_pdbx_audit_revision_history.minor_revision 
_pdbx_audit_revision_history.revision_date 
1 'Structure model' 1 0 2021-03-17 
2 'Structure model' 1 1 2021-03-24 
3 'Structure model' 1 2 2024-01-31 
4 'Structure model' 1 3 2024-11-20 
# 
_pdbx_audit_revision_details.ordinal             1 
_pdbx_audit_revision_details.revision_ordinal    1 
_pdbx_audit_revision_details.data_content_type   'Structure model' 
_pdbx_audit_revision_details.provider            repository 
_pdbx_audit_revision_details.type                'Initial release' 
_pdbx_audit_revision_details.description         ? 
_pdbx_audit_revision_details.details             ? 
# 
loop_
_pdbx_audit_revision_group.ordinal 
_pdbx_audit_revision_group.revision_ordinal 
_pdbx_audit_revision_group.data_content_type 
_pdbx_audit_revision_group.group 
1 2 'Structure model' 'Database references'    
2 3 'Structure model' Advisory                 
3 3 'Structure model' 'Data collection'        
4 3 'Structure model' 'Database references'    
5 3 'Structure model' 'Refinement description' 
6 4 'Structure model' 'Structure summary'      
# 
loop_
_pdbx_audit_revision_category.ordinal 
_pdbx_audit_revision_category.revision_ordinal 
_pdbx_audit_revision_category.data_content_type 
_pdbx_audit_revision_category.category 
1 2 'Structure model' citation                        
2 3 'Structure model' chem_comp_atom                  
3 3 'Structure model' chem_comp_bond                  
4 3 'Structure model' database_2                      
5 3 'Structure model' pdbx_initial_refinement_model   
6 3 'Structure model' pdbx_unobs_or_zero_occ_residues 
7 4 'Structure model' pdbx_entry_details              
8 4 'Structure model' pdbx_modification_feature       
# 
loop_
_pdbx_audit_revision_item.ordinal 
_pdbx_audit_revision_item.revision_ordinal 
_pdbx_audit_revision_item.data_content_type 
_pdbx_audit_revision_item.item 
1 2 'Structure model' '_citation.journal_volume'                     
2 2 'Structure model' '_citation.title'                              
3 3 'Structure model' '_database_2.pdbx_DOI'                         
4 3 'Structure model' '_database_2.pdbx_database_accession'          
5 4 'Structure model' '_pdbx_entry_details.has_protein_modification' 
# 
_pdbx_database_status.status_code                     REL 
_pdbx_database_status.status_code_sf                  REL 
_pdbx_database_status.status_code_mr                  ? 
_pdbx_database_status.entry_id                        7BAD 
_pdbx_database_status.recvd_initial_deposition_date   2020-12-15 
_pdbx_database_status.SG_entry                        N 
_pdbx_database_status.deposit_site                    PDBE 
_pdbx_database_status.process_site                    PDBE 
_pdbx_database_status.status_code_cs                  ? 
_pdbx_database_status.status_code_nmr_data            ? 
_pdbx_database_status.methods_development_category    ? 
_pdbx_database_status.pdb_format_compatible           Y 
# 
loop_
_pdbx_database_related.db_name 
_pdbx_database_related.details 
_pdbx_database_related.db_id 
_pdbx_database_related.content_type 
PDB 'NMR structure of the same protein'                                                          2NC2 unspecified 
PDB 'Antifungal protein secreted by the same organism in complex with p-sulfonato-calix[8]arene' 6HAJ unspecified 
# 
loop_
_audit_author.name 
_audit_author.pdbx_ordinal 
_audit_author.identifier_ORCID 
'Guagnini, F.'  1 0000-0003-3871-9064 
'Huber, A.'     2 ?                   
'Alex, J.M.'    3 ?                   
'Marx, F.'      4 0000-0002-8408-1842 
'Crowley, P.B.' 5 0000-0002-5365-0096 
# 
_citation.abstract                  ? 
_citation.abstract_id_CAS           ? 
_citation.book_id_ISBN              ? 
_citation.book_publisher            ? 
_citation.book_publisher_city       ? 
_citation.book_title                ? 
_citation.coordinate_linkage        ? 
_citation.country                   US 
_citation.database_id_Medline       ? 
_citation.details                   ? 
_citation.id                        primary 
_citation.journal_abbrev            J.Struct.Biol. 
_citation.journal_id_ASTM           JSBIEM 
_citation.journal_id_CSD            0803 
_citation.journal_id_ISSN           1095-8657 
_citation.journal_full              ? 
_citation.journal_issue             ? 
_citation.journal_volume            213 
_citation.language                  ? 
_citation.page_first                107711 
_citation.page_last                 107711 
_citation.title                     'Porous assembly of an antifungal protein mediated by zinc and sulfonato-calix[8]arene.' 
_citation.year                      2021 
_citation.database_id_CSD           ? 
_citation.pdbx_database_id_DOI      10.1016/j.jsb.2021.107711 
_citation.pdbx_database_id_PubMed   33631304 
_citation.unpublished_flag          ? 
# 
loop_
_citation_author.citation_id 
_citation_author.name 
_citation_author.ordinal 
_citation_author.identifier_ORCID 
primary 'Guagnini, F.'  1 ? 
primary 'Huber, A.'     2 ? 
primary 'Alex, J.M.'    3 ? 
primary 'Marx, F.'      4 ? 
primary 'Crowley, P.B.' 5 ? 
# 
loop_
_entity.id 
_entity.type 
_entity.src_method 
_entity.pdbx_description 
_entity.formula_weight 
_entity.pdbx_number_of_molecules 
_entity.pdbx_ec 
_entity.pdbx_mutation 
_entity.pdbx_fragment 
_entity.details 
1 polymer     man 'Antifungal protein'      6516.394 1  ? ? ? ? 
2 non-polymer syn 'sulfonato-calix[8]arene' 1489.481 1  ? ? ? ? 
3 non-polymer syn 'ZINC ION'                65.409   1  ? ? ? ? 
4 non-polymer syn 'PHOSPHATE ION'           94.971   2  ? ? ? ? 
5 water       nat water                     18.015   49 ? ? ? ? 
# 
_entity_poly.entity_id                      1 
_entity_poly.type                           'polypeptide(L)' 
_entity_poly.nstd_linkage                   no 
_entity_poly.nstd_monomer                   no 
_entity_poly.pdbx_seq_one_letter_code       LSKFGGECSLKHNTCTYLKGGKNHVVNCGSAANKKCKSDRHHCEYDEHHKRVDCQTPV 
_entity_poly.pdbx_seq_one_letter_code_can   LSKFGGECSLKHNTCTYLKGGKNHVVNCGSAANKKCKSDRHHCEYDEHHKRVDCQTPV 
_entity_poly.pdbx_strand_id                 A 
_entity_poly.pdbx_target_identifier         ? 
# 
loop_
_pdbx_entity_nonpoly.entity_id 
_pdbx_entity_nonpoly.name 
_pdbx_entity_nonpoly.comp_id 
2 'sulfonato-calix[8]arene' EVB 
3 'ZINC ION'                ZN  
4 'PHOSPHATE ION'           PO4 
5 water                     HOH 
# 
loop_
_entity_poly_seq.entity_id 
_entity_poly_seq.num 
_entity_poly_seq.mon_id 
_entity_poly_seq.hetero 
1 1  LEU n 
1 2  SER n 
1 3  LYS n 
1 4  PHE n 
1 5  GLY n 
1 6  GLY n 
1 7  GLU n 
1 8  CYS n 
1 9  SER n 
1 10 LEU n 
1 11 LYS n 
1 12 HIS n 
1 13 ASN n 
1 14 THR n 
1 15 CYS n 
1 16 THR n 
1 17 TYR n 
1 18 LEU n 
1 19 LYS n 
1 20 GLY n 
1 21 GLY n 
1 22 LYS n 
1 23 ASN n 
1 24 HIS n 
1 25 VAL n 
1 26 VAL n 
1 27 ASN n 
1 28 CYS n 
1 29 GLY n 
1 30 SER n 
1 31 ALA n 
1 32 ALA n 
1 33 ASN n 
1 34 LYS n 
1 35 LYS n 
1 36 CYS n 
1 37 LYS n 
1 38 SER n 
1 39 ASP n 
1 40 ARG n 
1 41 HIS n 
1 42 HIS n 
1 43 CYS n 
1 44 GLU n 
1 45 TYR n 
1 46 ASP n 
1 47 GLU n 
1 48 HIS n 
1 49 HIS n 
1 50 LYS n 
1 51 ARG n 
1 52 VAL n 
1 53 ASP n 
1 54 CYS n 
1 55 GLN n 
1 56 THR n 
1 57 PRO n 
1 58 VAL n 
# 
_entity_src_gen.entity_id                          1 
_entity_src_gen.pdbx_src_id                        1 
_entity_src_gen.pdbx_alt_source_flag               sample 
_entity_src_gen.pdbx_seq_type                      'Biological sequence' 
_entity_src_gen.pdbx_beg_seq_num                   1 
_entity_src_gen.pdbx_end_seq_num                   58 
_entity_src_gen.gene_src_common_name               ? 
_entity_src_gen.gene_src_genus                     ? 
_entity_src_gen.pdbx_gene_src_gene                 'afp, Pc12g08290' 
_entity_src_gen.gene_src_species                   ? 
_entity_src_gen.gene_src_strain                    'ATCC 28089 / DSM 1075 / NRRL 1951 / Wisconsin 54-1255' 
_entity_src_gen.gene_src_tissue                    ? 
_entity_src_gen.gene_src_tissue_fraction           ? 
_entity_src_gen.gene_src_details                   ? 
_entity_src_gen.pdbx_gene_src_fragment             ? 
_entity_src_gen.pdbx_gene_src_scientific_name      
'Penicillium rubens (strain ATCC 28089 / DSM 1075 / NRRL 1951 / Wisconsin 54-1255)' 
_entity_src_gen.pdbx_gene_src_ncbi_taxonomy_id     500485 
_entity_src_gen.pdbx_gene_src_variant              ? 
_entity_src_gen.pdbx_gene_src_cell_line            ? 
_entity_src_gen.pdbx_gene_src_atcc                 ? 
_entity_src_gen.pdbx_gene_src_organ                ? 
_entity_src_gen.pdbx_gene_src_organelle            ? 
_entity_src_gen.pdbx_gene_src_cell                 ? 
_entity_src_gen.pdbx_gene_src_cellular_location    ? 
_entity_src_gen.host_org_common_name               ? 
_entity_src_gen.pdbx_host_org_scientific_name      'Penicillium rubens Wisconsin 54-1255' 
_entity_src_gen.pdbx_host_org_ncbi_taxonomy_id     500485 
_entity_src_gen.host_org_genus                     ? 
_entity_src_gen.pdbx_host_org_gene                 ? 
_entity_src_gen.pdbx_host_org_organ                ? 
_entity_src_gen.host_org_species                   ? 
_entity_src_gen.pdbx_host_org_tissue               ? 
_entity_src_gen.pdbx_host_org_tissue_fraction      ? 
_entity_src_gen.pdbx_host_org_strain               ? 
_entity_src_gen.pdbx_host_org_variant              ? 
_entity_src_gen.pdbx_host_org_cell_line            ? 
_entity_src_gen.pdbx_host_org_atcc                 ? 
_entity_src_gen.pdbx_host_org_culture_collection   ? 
_entity_src_gen.pdbx_host_org_cell                 ? 
_entity_src_gen.pdbx_host_org_organelle            ? 
_entity_src_gen.pdbx_host_org_cellular_location    ? 
_entity_src_gen.pdbx_host_org_vector_type          ? 
_entity_src_gen.pdbx_host_org_vector               ? 
_entity_src_gen.host_org_details                   ? 
_entity_src_gen.expression_system_id               ? 
_entity_src_gen.plasmid_name                       ? 
_entity_src_gen.plasmid_details                    ? 
_entity_src_gen.pdbx_description                   ? 
# 
loop_
_chem_comp.id 
_chem_comp.type 
_chem_comp.mon_nstd_flag 
_chem_comp.name 
_chem_comp.pdbx_synonyms 
_chem_comp.formula 
_chem_comp.formula_weight 
ALA 'L-peptide linking' y ALANINE                   ? 'C3 H7 N O2'     89.093   
ARG 'L-peptide linking' y ARGININE                  ? 'C6 H15 N4 O2 1' 175.209  
ASN 'L-peptide linking' y ASPARAGINE                ? 'C4 H8 N2 O3'    132.118  
ASP 'L-peptide linking' y 'ASPARTIC ACID'           ? 'C4 H7 N O4'     133.103  
CYS 'L-peptide linking' y CYSTEINE                  ? 'C3 H7 N O2 S'   121.158  
EVB non-polymer         . 'sulfonato-calix[8]arene' ? 'C56 H48 O32 S8' 1489.481 
GLN 'L-peptide linking' y GLUTAMINE                 ? 'C5 H10 N2 O3'   146.144  
GLU 'L-peptide linking' y 'GLUTAMIC ACID'           ? 'C5 H9 N O4'     147.129  
GLY 'peptide linking'   y GLYCINE                   ? 'C2 H5 N O2'     75.067   
HIS 'L-peptide linking' y HISTIDINE                 ? 'C6 H10 N3 O2 1' 156.162  
HOH non-polymer         . WATER                     ? 'H2 O'           18.015   
LEU 'L-peptide linking' y LEUCINE                   ? 'C6 H13 N O2'    131.173  
LYS 'L-peptide linking' y LYSINE                    ? 'C6 H15 N2 O2 1' 147.195  
PHE 'L-peptide linking' y PHENYLALANINE             ? 'C9 H11 N O2'    165.189  
PO4 non-polymer         . 'PHOSPHATE ION'           ? 'O4 P -3'        94.971   
PRO 'L-peptide linking' y PROLINE                   ? 'C5 H9 N O2'     115.130  
SER 'L-peptide linking' y SERINE                    ? 'C3 H7 N O3'     105.093  
THR 'L-peptide linking' y THREONINE                 ? 'C4 H9 N O3'     119.119  
TYR 'L-peptide linking' y TYROSINE                  ? 'C9 H11 N O3'    181.189  
VAL 'L-peptide linking' y VALINE                    ? 'C5 H11 N O2'    117.146  
ZN  non-polymer         . 'ZINC ION'                ? 'Zn 2'           65.409   
# 
loop_
_pdbx_poly_seq_scheme.asym_id 
_pdbx_poly_seq_scheme.entity_id 
_pdbx_poly_seq_scheme.seq_id 
_pdbx_poly_seq_scheme.mon_id 
_pdbx_poly_seq_scheme.ndb_seq_num 
_pdbx_poly_seq_scheme.pdb_seq_num 
_pdbx_poly_seq_scheme.auth_seq_num 
_pdbx_poly_seq_scheme.pdb_mon_id 
_pdbx_poly_seq_scheme.auth_mon_id 
_pdbx_poly_seq_scheme.pdb_strand_id 
_pdbx_poly_seq_scheme.pdb_ins_code 
_pdbx_poly_seq_scheme.hetero 
A 1 1  LEU 1  -2 -2 LEU LEU A . n 
A 1 2  SER 2  -1 -1 SER SER A . n 
A 1 3  LYS 3  1  1  LYS LYS A . n 
A 1 4  PHE 4  2  2  PHE PHE A . n 
A 1 5  GLY 5  3  3  GLY GLY A . n 
A 1 6  GLY 6  4  4  GLY GLY A . n 
A 1 7  GLU 7  5  5  GLU GLU A . n 
A 1 8  CYS 8  6  6  CYS CYS A . n 
A 1 9  SER 9  7  7  SER SER A . n 
A 1 10 LEU 10 8  8  LEU LEU A . n 
A 1 11 LYS 11 9  9  LYS LYS A . n 
A 1 12 HIS 12 10 10 HIS HIS A . n 
A 1 13 ASN 13 11 11 ASN ASN A . n 
A 1 14 THR 14 12 12 THR THR A . n 
A 1 15 CYS 15 13 13 CYS CYS A . n 
A 1 16 THR 16 14 14 THR THR A . n 
A 1 17 TYR 17 15 15 TYR TYR A . n 
A 1 18 LEU 18 16 16 LEU LEU A . n 
A 1 19 LYS 19 17 17 LYS LYS A . n 
A 1 20 GLY 20 18 18 GLY GLY A . n 
A 1 21 GLY 21 19 19 GLY GLY A . n 
A 1 22 LYS 22 20 20 LYS LYS A . n 
A 1 23 ASN 23 21 21 ASN ASN A . n 
A 1 24 HIS 24 22 22 HIS HIS A . n 
A 1 25 VAL 25 23 23 VAL VAL A . n 
A 1 26 VAL 26 24 24 VAL VAL A . n 
A 1 27 ASN 27 25 25 ASN ASN A . n 
A 1 28 CYS 28 26 26 CYS CYS A . n 
A 1 29 GLY 29 27 27 GLY GLY A . n 
A 1 30 SER 30 28 28 SER SER A . n 
A 1 31 ALA 31 29 29 ALA ALA A . n 
A 1 32 ALA 32 30 30 ALA ALA A . n 
A 1 33 ASN 33 31 31 ASN ASN A . n 
A 1 34 LYS 34 32 32 LYS LYS A . n 
A 1 35 LYS 35 33 33 LYS LYS A . n 
A 1 36 CYS 36 34 34 CYS CYS A . n 
A 1 37 LYS 37 35 35 LYS LYS A . n 
A 1 38 SER 38 36 36 SER SER A . n 
A 1 39 ASP 39 37 37 ASP ASP A . n 
A 1 40 ARG 40 38 38 ARG ARG A . n 
A 1 41 HIS 41 39 39 HIS HIS A . n 
A 1 42 HIS 42 40 40 HIS HIS A . n 
A 1 43 CYS 43 41 41 CYS CYS A . n 
A 1 44 GLU 44 42 42 GLU GLU A . n 
A 1 45 TYR 45 43 43 TYR TYR A . n 
A 1 46 ASP 46 44 44 ASP ASP A . n 
A 1 47 GLU 47 45 45 GLU GLU A . n 
A 1 48 HIS 48 46 46 HIS HIS A . n 
A 1 49 HIS 49 47 47 HIS HIS A . n 
A 1 50 LYS 50 48 48 LYS LYS A . n 
A 1 51 ARG 51 49 49 ARG ARG A . n 
A 1 52 VAL 52 50 50 VAL VAL A . n 
A 1 53 ASP 53 51 51 ASP ASP A . n 
A 1 54 CYS 54 52 52 CYS CYS A . n 
A 1 55 GLN 55 53 53 GLN GLN A . n 
A 1 56 THR 56 54 54 THR THR A . n 
A 1 57 PRO 57 55 55 PRO PRO A . n 
A 1 58 VAL 58 56 56 VAL VAL A . n 
# 
loop_
_pdbx_entity_instance_feature.ordinal 
_pdbx_entity_instance_feature.comp_id 
_pdbx_entity_instance_feature.asym_id 
_pdbx_entity_instance_feature.seq_num 
_pdbx_entity_instance_feature.auth_comp_id 
_pdbx_entity_instance_feature.auth_asym_id 
_pdbx_entity_instance_feature.auth_seq_num 
_pdbx_entity_instance_feature.feature_type 
_pdbx_entity_instance_feature.details 
1 EVB ? ? EVB ? ? 'SUBJECT OF INVESTIGATION' ? 
2 ZN  ? ? ZN  ? ? 'SUBJECT OF INVESTIGATION' ? 
# 
loop_
_pdbx_nonpoly_scheme.asym_id 
_pdbx_nonpoly_scheme.entity_id 
_pdbx_nonpoly_scheme.mon_id 
_pdbx_nonpoly_scheme.ndb_seq_num 
_pdbx_nonpoly_scheme.pdb_seq_num 
_pdbx_nonpoly_scheme.auth_seq_num 
_pdbx_nonpoly_scheme.pdb_mon_id 
_pdbx_nonpoly_scheme.auth_mon_id 
_pdbx_nonpoly_scheme.pdb_strand_id 
_pdbx_nonpoly_scheme.pdb_ins_code 
B 2 EVB 1  101 101 EVB EVB A . 
C 3 ZN  1  102 1   ZN  ZN  A . 
D 4 PO4 1  103 1   PO4 PO4 A . 
E 4 PO4 1  104 2   PO4 PO4 A . 
F 5 HOH 1  201 32  HOH HOH A . 
F 5 HOH 2  202 30  HOH HOH A . 
F 5 HOH 3  203 2   HOH HOH A . 
F 5 HOH 4  204 38  HOH HOH A . 
F 5 HOH 5  205 8   HOH HOH A . 
F 5 HOH 6  206 24  HOH HOH A . 
F 5 HOH 7  207 10  HOH HOH A . 
F 5 HOH 8  208 11  HOH HOH A . 
F 5 HOH 9  209 43  HOH HOH A . 
F 5 HOH 10 210 41  HOH HOH A . 
F 5 HOH 11 211 3   HOH HOH A . 
F 5 HOH 12 212 22  HOH HOH A . 
F 5 HOH 13 213 29  HOH HOH A . 
F 5 HOH 14 214 44  HOH HOH A . 
F 5 HOH 15 215 19  HOH HOH A . 
F 5 HOH 16 216 42  HOH HOH A . 
F 5 HOH 17 217 36  HOH HOH A . 
F 5 HOH 18 218 28  HOH HOH A . 
F 5 HOH 19 219 14  HOH HOH A . 
F 5 HOH 20 220 25  HOH HOH A . 
F 5 HOH 21 221 35  HOH HOH A . 
F 5 HOH 22 222 26  HOH HOH A . 
F 5 HOH 23 223 7   HOH HOH A . 
F 5 HOH 24 224 9   HOH HOH A . 
F 5 HOH 25 225 1   HOH HOH A . 
F 5 HOH 26 226 17  HOH HOH A . 
F 5 HOH 27 227 15  HOH HOH A . 
F 5 HOH 28 228 21  HOH HOH A . 
F 5 HOH 29 229 4   HOH HOH A . 
F 5 HOH 30 230 23  HOH HOH A . 
F 5 HOH 31 231 12  HOH HOH A . 
F 5 HOH 32 232 31  HOH HOH A . 
F 5 HOH 33 233 40  HOH HOH A . 
F 5 HOH 34 234 6   HOH HOH A . 
F 5 HOH 35 235 20  HOH HOH A . 
F 5 HOH 36 236 27  HOH HOH A . 
F 5 HOH 37 237 33  HOH HOH A . 
F 5 HOH 38 238 18  HOH HOH A . 
F 5 HOH 39 239 13  HOH HOH A . 
F 5 HOH 40 240 5   HOH HOH A . 
F 5 HOH 41 241 37  HOH HOH A . 
F 5 HOH 42 242 16  HOH HOH A . 
F 5 HOH 43 243 39  HOH HOH A . 
F 5 HOH 44 244 34  HOH HOH A . 
F 5 HOH 45 245 45  HOH HOH A . 
F 5 HOH 46 246 47  HOH HOH A . 
F 5 HOH 47 247 46  HOH HOH A . 
F 5 HOH 48 248 49  HOH HOH A . 
F 5 HOH 49 249 48  HOH HOH A . 
# 
loop_
_software.citation_id 
_software.classification 
_software.compiler_name 
_software.compiler_version 
_software.contact_author 
_software.contact_author_email 
_software.date 
_software.description 
_software.dependencies 
_software.hardware 
_software.language 
_software.location 
_software.mods 
_software.name 
_software.os 
_software.os_version 
_software.type 
_software.version 
_software.pdbx_ordinal 
? refinement        ? ? ? ? ? ? ? ? ? ? ? BUSTER      ? ? ? '2.10.3 (18-SEP-2020)' 1 
? 'data scaling'    ? ? ? ? ? ? ? ? ? ? ? Aimless     ? ? ? 0.7.4                  2 
? 'data extraction' ? ? ? ? ? ? ? ? ? ? ? PDB_EXTRACT ? ? ? 3.27                   3 
? 'data reduction'  ? ? ? ? ? ? ? ? ? ? ? pointless   ? ? ? .                      4 
? phasing           ? ? ? ? ? ? ? ? ? ? ? PHASER      ? ? ? .                      5 
# 
_cell.angle_alpha                  90.000 
_cell.angle_alpha_esd              ? 
_cell.angle_beta                   90.000 
_cell.angle_beta_esd               ? 
_cell.angle_gamma                  120.000 
_cell.angle_gamma_esd              ? 
_cell.entry_id                     7BAD 
_cell.details                      ? 
_cell.formula_units_Z              ? 
_cell.length_a                     101.175 
_cell.length_a_esd                 ? 
_cell.length_b                     101.175 
_cell.length_b_esd                 ? 
_cell.length_c                     46.303 
_cell.length_c_esd                 ? 
_cell.volume                       ? 
_cell.volume_esd                   ? 
_cell.Z_PDB                        18 
_cell.reciprocal_angle_alpha       ? 
_cell.reciprocal_angle_beta        ? 
_cell.reciprocal_angle_gamma       ? 
_cell.reciprocal_angle_alpha_esd   ? 
_cell.reciprocal_angle_beta_esd    ? 
_cell.reciprocal_angle_gamma_esd   ? 
_cell.reciprocal_length_a          ? 
_cell.reciprocal_length_b          ? 
_cell.reciprocal_length_c          ? 
_cell.reciprocal_length_a_esd      ? 
_cell.reciprocal_length_b_esd      ? 
_cell.reciprocal_length_c_esd      ? 
_cell.pdbx_unique_axis             ? 
# 
_symmetry.entry_id                         7BAD 
_symmetry.cell_setting                     ? 
_symmetry.Int_Tables_number                155 
_symmetry.space_group_name_Hall            ? 
_symmetry.space_group_name_H-M             'H 3 2' 
_symmetry.pdbx_full_space_group_name_H-M   ? 
# 
_exptl.absorpt_coefficient_mu     ? 
_exptl.absorpt_correction_T_max   ? 
_exptl.absorpt_correction_T_min   ? 
_exptl.absorpt_correction_type    ? 
_exptl.absorpt_process_details    ? 
_exptl.entry_id                   7BAD 
_exptl.crystals_number            1 
_exptl.details                    ? 
_exptl.method                     'X-RAY DIFFRACTION' 
_exptl.method_details             ? 
# 
_exptl_crystal.colour                      ? 
_exptl_crystal.density_diffrn              ? 
_exptl_crystal.density_Matthews            3.50 
_exptl_crystal.density_method              ? 
_exptl_crystal.density_percent_sol         60 
_exptl_crystal.description                 ? 
_exptl_crystal.F_000                       ? 
_exptl_crystal.id                          1 
_exptl_crystal.preparation                 ? 
_exptl_crystal.size_max                    ? 
_exptl_crystal.size_mid                    ? 
_exptl_crystal.size_min                    ? 
_exptl_crystal.size_rad                    ? 
_exptl_crystal.colour_lustre               ? 
_exptl_crystal.colour_modifier             ? 
_exptl_crystal.colour_primary              ? 
_exptl_crystal.density_meas                ? 
_exptl_crystal.density_meas_esd            ? 
_exptl_crystal.density_meas_gt             ? 
_exptl_crystal.density_meas_lt             ? 
_exptl_crystal.density_meas_temp           ? 
_exptl_crystal.density_meas_temp_esd       ? 
_exptl_crystal.density_meas_temp_gt        ? 
_exptl_crystal.density_meas_temp_lt        ? 
_exptl_crystal.pdbx_crystal_image_url      ? 
_exptl_crystal.pdbx_crystal_image_format   ? 
_exptl_crystal.pdbx_mosaicity              ? 
_exptl_crystal.pdbx_mosaicity_esd          ? 
# 
_exptl_crystal_grow.apparatus       ? 
_exptl_crystal_grow.atmosphere      ? 
_exptl_crystal_grow.crystal_id      1 
_exptl_crystal_grow.details         ? 
_exptl_crystal_grow.method          'VAPOR DIFFUSION, HANGING DROP' 
_exptl_crystal_grow.method_ref      ? 
_exptl_crystal_grow.pH              6.5 
_exptl_crystal_grow.pressure        ? 
_exptl_crystal_grow.pressure_esd    ? 
_exptl_crystal_grow.seeding         ? 
_exptl_crystal_grow.seeding_ref     ? 
_exptl_crystal_grow.temp            293.15 
_exptl_crystal_grow.temp_details    ? 
_exptl_crystal_grow.temp_esd        ? 
_exptl_crystal_grow.time            ? 
_exptl_crystal_grow.pdbx_details    '0.1 M MES pH 6.5, 40% MPD, 5% PEG 8000' 
_exptl_crystal_grow.pdbx_pH_range   ? 
# 
_diffrn.ambient_environment              ? 
_diffrn.ambient_temp                     100 
_diffrn.ambient_temp_details             ? 
_diffrn.ambient_temp_esd                 ? 
_diffrn.crystal_id                       1 
_diffrn.crystal_support                  ? 
_diffrn.crystal_treatment                ? 
_diffrn.details                          ? 
_diffrn.id                               1 
_diffrn.ambient_pressure                 ? 
_diffrn.ambient_pressure_esd             ? 
_diffrn.ambient_pressure_gt              ? 
_diffrn.ambient_pressure_lt              ? 
_diffrn.ambient_temp_gt                  ? 
_diffrn.ambient_temp_lt                  ? 
_diffrn.pdbx_serial_crystal_experiment   N 
# 
_diffrn_detector.details                      ? 
_diffrn_detector.detector                     PIXEL 
_diffrn_detector.diffrn_id                    1 
_diffrn_detector.type                         'DECTRIS EIGER2 X 9M' 
_diffrn_detector.area_resol_mean              ? 
_diffrn_detector.dtime                        ? 
_diffrn_detector.pdbx_frames_total            ? 
_diffrn_detector.pdbx_collection_time_total   ? 
_diffrn_detector.pdbx_collection_date         2020-11-11 
_diffrn_detector.pdbx_frequency               ? 
# 
_diffrn_radiation.collimation                      ? 
_diffrn_radiation.diffrn_id                        1 
_diffrn_radiation.filter_edge                      ? 
_diffrn_radiation.inhomogeneity                    ? 
_diffrn_radiation.monochromator                    ? 
_diffrn_radiation.polarisn_norm                    ? 
_diffrn_radiation.polarisn_ratio                   ? 
_diffrn_radiation.probe                            ? 
_diffrn_radiation.type                             ? 
_diffrn_radiation.xray_symbol                      ? 
_diffrn_radiation.wavelength_id                    1 
_diffrn_radiation.pdbx_monochromatic_or_laue_m_l   M 
_diffrn_radiation.pdbx_wavelength_list             ? 
_diffrn_radiation.pdbx_wavelength                  ? 
_diffrn_radiation.pdbx_diffrn_protocol             'SINGLE WAVELENGTH' 
_diffrn_radiation.pdbx_analyzer                    ? 
_diffrn_radiation.pdbx_scattering_type             x-ray 
# 
_diffrn_radiation_wavelength.id           1 
_diffrn_radiation_wavelength.wavelength   0.98013 
_diffrn_radiation_wavelength.wt           1.0 
# 
_diffrn_source.current                     ? 
_diffrn_source.details                     ? 
_diffrn_source.diffrn_id                   1 
_diffrn_source.power                       ? 
_diffrn_source.size                        ? 
_diffrn_source.source                      SYNCHROTRON 
_diffrn_source.target                      ? 
_diffrn_source.type                        'SOLEIL BEAMLINE PROXIMA 2' 
_diffrn_source.voltage                     ? 
_diffrn_source.take-off_angle              ? 
_diffrn_source.pdbx_wavelength_list        0.98013 
_diffrn_source.pdbx_wavelength             ? 
_diffrn_source.pdbx_synchrotron_beamline   'PROXIMA 2' 
_diffrn_source.pdbx_synchrotron_site       SOLEIL 
# 
_reflns.B_iso_Wilson_estimate            27.970 
_reflns.entry_id                         7BAD 
_reflns.data_reduction_details           ? 
_reflns.data_reduction_method            ? 
_reflns.d_resolution_high                1.690 
_reflns.d_resolution_low                 31.820 
_reflns.details                          ? 
_reflns.limit_h_max                      ? 
_reflns.limit_h_min                      ? 
_reflns.limit_k_max                      ? 
_reflns.limit_k_min                      ? 
_reflns.limit_l_max                      ? 
_reflns.limit_l_min                      ? 
_reflns.number_all                       ? 
_reflns.number_obs                       10271 
_reflns.observed_criterion               ? 
_reflns.observed_criterion_F_max         ? 
_reflns.observed_criterion_F_min         ? 
_reflns.observed_criterion_I_max         ? 
_reflns.observed_criterion_I_min         ? 
_reflns.observed_criterion_sigma_F       ? 
_reflns.observed_criterion_sigma_I       ? 
_reflns.percent_possible_obs             99.800 
_reflns.R_free_details                   ? 
_reflns.Rmerge_F_all                     ? 
_reflns.Rmerge_F_obs                     ? 
_reflns.Friedel_coverage                 ? 
_reflns.number_gt                        ? 
_reflns.threshold_expression             ? 
_reflns.pdbx_redundancy                  18.900 
_reflns.pdbx_Rmerge_I_obs                0.216 
_reflns.pdbx_Rmerge_I_all                ? 
_reflns.pdbx_Rsym_value                  ? 
_reflns.pdbx_netI_over_av_sigmaI         ? 
_reflns.pdbx_netI_over_sigmaI            17.900 
_reflns.pdbx_res_netI_over_av_sigmaI_2   ? 
_reflns.pdbx_res_netI_over_sigmaI_2      ? 
_reflns.pdbx_chi_squared                 ? 
_reflns.pdbx_scaling_rejects             8608 
_reflns.pdbx_d_res_high_opt              ? 
_reflns.pdbx_d_res_low_opt               ? 
_reflns.pdbx_d_res_opt_method            ? 
_reflns.phase_calculation_details        ? 
_reflns.pdbx_Rrim_I_all                  0.224 
_reflns.pdbx_Rpim_I_all                  0.056 
_reflns.pdbx_d_opt                       ? 
_reflns.pdbx_number_measured_all         194217 
_reflns.pdbx_diffrn_id                   1 
_reflns.pdbx_ordinal                     1 
_reflns.pdbx_CC_half                     0.977 
_reflns.pdbx_CC_star                     ? 
_reflns.pdbx_R_split                     ? 
# 
loop_
_reflns_shell.d_res_high 
_reflns_shell.d_res_low 
_reflns_shell.meanI_over_sigI_all 
_reflns_shell.meanI_over_sigI_obs 
_reflns_shell.number_measured_all 
_reflns_shell.number_measured_obs 
_reflns_shell.number_possible 
_reflns_shell.number_unique_all 
_reflns_shell.number_unique_obs 
_reflns_shell.percent_possible_all 
_reflns_shell.percent_possible_obs 
_reflns_shell.Rmerge_F_all 
_reflns_shell.Rmerge_F_obs 
_reflns_shell.Rmerge_I_all 
_reflns_shell.Rmerge_I_obs 
_reflns_shell.meanI_over_sigI_gt 
_reflns_shell.meanI_over_uI_all 
_reflns_shell.meanI_over_uI_gt 
_reflns_shell.number_measured_gt 
_reflns_shell.number_unique_gt 
_reflns_shell.percent_possible_gt 
_reflns_shell.Rmerge_F_gt 
_reflns_shell.Rmerge_I_gt 
_reflns_shell.pdbx_redundancy 
_reflns_shell.pdbx_Rsym_value 
_reflns_shell.pdbx_chi_squared 
_reflns_shell.pdbx_netI_over_sigmaI_all 
_reflns_shell.pdbx_netI_over_sigmaI_obs 
_reflns_shell.pdbx_Rrim_I_all 
_reflns_shell.pdbx_Rpim_I_all 
_reflns_shell.pdbx_rejects 
_reflns_shell.pdbx_ordinal 
_reflns_shell.pdbx_diffrn_id 
_reflns_shell.pdbx_CC_half 
_reflns_shell.pdbx_CC_star 
_reflns_shell.pdbx_R_split 
1.690 1.780  ? ? 27234 ? ? ? 1493 100.000 ? ? ? ? 1.767 ? ? ? ? ? ? ? ? 18.200 ? ? ? 2.800  1.817 0.421 ? 1 1 0.912 ? ? 
5.340 31.820 ? ? 6054  ? ? ? 350  99.500  ? ? ? ? 0.069 ? ? ? ? ? ? ? ? 17.300 ? ? ? 42.600 0.071 0.017 ? 2 1 0.996 ? ? 
# 
_refine.aniso_B[1][1]                            5.2890 
_refine.aniso_B[1][2]                            0.0000 
_refine.aniso_B[1][3]                            0.0000 
_refine.aniso_B[2][2]                            5.2890 
_refine.aniso_B[2][3]                            0.0000 
_refine.aniso_B[3][3]                            -10.5780 
_refine.B_iso_max                                68.940 
_refine.B_iso_mean                               35.7700 
_refine.B_iso_min                                16.480 
_refine.correlation_coeff_Fo_to_Fc               0.9130 
_refine.correlation_coeff_Fo_to_Fc_free          0.9000 
_refine.details                                  
;HYDROGENS WERE FULLY REFINED WITH ZERO OCCUPANCY AT NUCLEAR POSITION.  REFINEMENT NOTES. NUMBER OF REFINEMENT NOTES :   1 NOTE   1 : IDEAL-DIST CONTACT TERM CONTACT SETUP. ALL ATOMS HAVE CCP4 ATOM TYPE FROM LIBRARY
;
_refine.diff_density_max                         ? 
_refine.diff_density_max_esd                     ? 
_refine.diff_density_min                         ? 
_refine.diff_density_min_esd                     ? 
_refine.diff_density_rms                         ? 
_refine.diff_density_rms_esd                     ? 
_refine.entry_id                                 7BAD 
_refine.pdbx_refine_id                           'X-RAY DIFFRACTION' 
_refine.ls_abs_structure_details                 ? 
_refine.ls_abs_structure_Flack                   ? 
_refine.ls_abs_structure_Flack_esd               ? 
_refine.ls_abs_structure_Rogers                  ? 
_refine.ls_abs_structure_Rogers_esd              ? 
_refine.ls_d_res_high                            1.6900 
_refine.ls_d_res_low                             31.8200 
_refine.ls_extinction_coef                       ? 
_refine.ls_extinction_coef_esd                   ? 
_refine.ls_extinction_expression                 ? 
_refine.ls_extinction_method                     ? 
_refine.ls_goodness_of_fit_all                   ? 
_refine.ls_goodness_of_fit_all_esd               ? 
_refine.ls_goodness_of_fit_obs                   ? 
_refine.ls_goodness_of_fit_obs_esd               ? 
_refine.ls_hydrogen_treatment                    ? 
_refine.ls_matrix_type                           ? 
_refine.ls_number_constraints                    ? 
_refine.ls_number_parameters                     ? 
_refine.ls_number_reflns_all                     ? 
_refine.ls_number_reflns_obs                     10227 
_refine.ls_number_reflns_R_free                  458 
_refine.ls_number_reflns_R_work                  ? 
_refine.ls_number_restraints                     ? 
_refine.ls_percent_reflns_obs                    99.4000 
_refine.ls_percent_reflns_R_free                 4.4800 
_refine.ls_R_factor_all                          ? 
_refine.ls_R_factor_obs                          0.2310 
_refine.ls_R_factor_R_free                       0.2671 
_refine.ls_R_factor_R_free_error                 ? 
_refine.ls_R_factor_R_free_error_details         ? 
_refine.ls_R_factor_R_work                       0.2291 
_refine.ls_R_Fsqd_factor_obs                     ? 
_refine.ls_R_I_factor_obs                        ? 
_refine.ls_redundancy_reflns_all                 ? 
_refine.ls_redundancy_reflns_obs                 ? 
_refine.ls_restrained_S_all                      ? 
_refine.ls_restrained_S_obs                      ? 
_refine.ls_shift_over_esd_max                    ? 
_refine.ls_shift_over_esd_mean                   ? 
_refine.ls_structure_factor_coef                 ? 
_refine.ls_weighting_details                     ? 
_refine.ls_weighting_scheme                      ? 
_refine.ls_wR_factor_all                         ? 
_refine.ls_wR_factor_obs                         ? 
_refine.ls_wR_factor_R_free                      ? 
_refine.ls_wR_factor_R_work                      ? 
_refine.occupancy_max                            ? 
_refine.occupancy_min                            ? 
_refine.solvent_model_details                    ? 
_refine.solvent_model_param_bsol                 ? 
_refine.solvent_model_param_ksol                 ? 
_refine.pdbx_R_complete                          ? 
_refine.ls_R_factor_gt                           ? 
_refine.ls_goodness_of_fit_gt                    ? 
_refine.ls_goodness_of_fit_ref                   ? 
_refine.ls_shift_over_su_max                     ? 
_refine.ls_shift_over_su_max_lt                  ? 
_refine.ls_shift_over_su_mean                    ? 
_refine.ls_shift_over_su_mean_lt                 ? 
_refine.pdbx_ls_sigma_I                          ? 
_refine.pdbx_ls_sigma_F                          0.000 
_refine.pdbx_ls_sigma_Fsqd                       ? 
_refine.pdbx_data_cutoff_high_absF               ? 
_refine.pdbx_data_cutoff_high_rms_absF           ? 
_refine.pdbx_data_cutoff_low_absF                ? 
_refine.pdbx_isotropic_thermal_model             ? 
_refine.pdbx_ls_cross_valid_method               THROUGHOUT 
_refine.pdbx_method_to_determine_struct          'MOLECULAR REPLACEMENT' 
_refine.pdbx_starting_model                      6HAJ 
_refine.pdbx_stereochemistry_target_values       ? 
_refine.pdbx_R_Free_selection_details            RANDOM 
_refine.pdbx_stereochem_target_val_spec_case     ? 
_refine.pdbx_overall_ESU_R                       ? 
_refine.pdbx_overall_ESU_R_Free                  ? 
_refine.pdbx_solvent_vdw_probe_radii             ? 
_refine.pdbx_solvent_ion_probe_radii             ? 
_refine.pdbx_solvent_shrinkage_radii             ? 
_refine.pdbx_real_space_R                        ? 
_refine.pdbx_density_correlation                 ? 
_refine.pdbx_pd_number_of_powder_patterns        ? 
_refine.pdbx_pd_number_of_points                 ? 
_refine.pdbx_pd_meas_number_of_points            ? 
_refine.pdbx_pd_proc_ls_prof_R_factor            ? 
_refine.pdbx_pd_proc_ls_prof_wR_factor           ? 
_refine.pdbx_pd_Marquardt_correlation_coeff      ? 
_refine.pdbx_pd_Fsqrd_R_factor                   ? 
_refine.pdbx_pd_ls_matrix_band_width             ? 
_refine.pdbx_overall_phase_error                 ? 
_refine.pdbx_overall_SU_R_free_Cruickshank_DPI   0.1090 
_refine.pdbx_overall_SU_R_free_Blow_DPI          0.1140 
_refine.pdbx_overall_SU_R_Blow_DPI               0.1140 
_refine.pdbx_TLS_residual_ADP_flag               ? 
_refine.pdbx_diffrn_id                           1 
_refine.overall_SU_B                             ? 
_refine.overall_SU_ML                            ? 
_refine.overall_SU_R_Cruickshank_DPI             0.1090 
_refine.overall_SU_R_free                        ? 
_refine.overall_FOM_free_R_set                   ? 
_refine.overall_FOM_work_R_set                   ? 
_refine.pdbx_average_fsc_overall                 ? 
_refine.pdbx_average_fsc_work                    ? 
_refine.pdbx_average_fsc_free                    ? 
# 
_refine_analyze.entry_id                        7BAD 
_refine_analyze.pdbx_refine_id                  'X-RAY DIFFRACTION' 
_refine_analyze.Luzzati_coordinate_error_free   ? 
_refine_analyze.Luzzati_coordinate_error_obs    0.280 
_refine_analyze.Luzzati_d_res_low_free          ? 
_refine_analyze.Luzzati_d_res_low_obs           ? 
_refine_analyze.Luzzati_sigma_a_free            ? 
_refine_analyze.Luzzati_sigma_a_free_details    ? 
_refine_analyze.Luzzati_sigma_a_obs             ? 
_refine_analyze.Luzzati_sigma_a_obs_details     ? 
_refine_analyze.number_disordered_residues      ? 
_refine_analyze.occupancy_sum_hydrogen          ? 
_refine_analyze.occupancy_sum_non_hydrogen      ? 
_refine_analyze.RG_d_res_high                   ? 
_refine_analyze.RG_d_res_low                    ? 
_refine_analyze.RG_free                         ? 
_refine_analyze.RG_work                         ? 
_refine_analyze.RG_free_work_ratio              ? 
_refine_analyze.pdbx_Luzzati_d_res_high_obs     ? 
# 
_refine_hist.pdbx_refine_id                   'X-RAY DIFFRACTION' 
_refine_hist.cycle_id                         final 
_refine_hist.details                          ? 
_refine_hist.d_res_high                       1.6900 
_refine_hist.d_res_low                        31.8200 
_refine_hist.number_atoms_solvent             49 
_refine_hist.number_atoms_total               608 
_refine_hist.number_reflns_all                ? 
_refine_hist.number_reflns_obs                ? 
_refine_hist.number_reflns_R_free             ? 
_refine_hist.number_reflns_R_work             ? 
_refine_hist.R_factor_all                     ? 
_refine_hist.R_factor_obs                     ? 
_refine_hist.R_factor_R_free                  ? 
_refine_hist.R_factor_R_work                  ? 
_refine_hist.pdbx_number_residues_total       57 
_refine_hist.pdbx_B_iso_mean_ligand           39.04 
_refine_hist.pdbx_B_iso_mean_solvent          42.27 
_refine_hist.pdbx_number_atoms_protein        452 
_refine_hist.pdbx_number_atoms_nucleic_acid   0 
_refine_hist.pdbx_number_atoms_ligand         107 
_refine_hist.pdbx_number_atoms_lipid          ? 
_refine_hist.pdbx_number_atoms_carb           ? 
_refine_hist.pdbx_pseudo_atom_details         ? 
# 
loop_
_refine_ls_restr.pdbx_refine_id 
_refine_ls_restr.criterion 
_refine_ls_restr.dev_ideal 
_refine_ls_restr.dev_ideal_target 
_refine_ls_restr.number 
_refine_ls_restr.rejects 
_refine_ls_restr.type 
_refine_ls_restr.weight 
_refine_ls_restr.pdbx_restraint_function 
'X-RAY DIFFRACTION' ? ?      ? 190 ? t_dihedral_angle_d        2.000  SINUSOIDAL   
'X-RAY DIFFRACTION' ? ?      ? ?   ? t_trig_c_planes           ?      ?            
'X-RAY DIFFRACTION' ? ?      ? 88  ? t_gen_planes              5.000  HARMONIC     
'X-RAY DIFFRACTION' ? ?      ? 576 ? t_it                      10.000 HARMONIC     
'X-RAY DIFFRACTION' ? ?      ? ?   ? t_nbd                     ?      ?            
'X-RAY DIFFRACTION' ? ?      ? ?   ? t_improper_torsion        ?      ?            
'X-RAY DIFFRACTION' ? ?      ? ?   ? t_pseud_angle             ?      ?            
'X-RAY DIFFRACTION' ? ?      ? 56  ? t_chiral_improper_torsion 5.000  SEMIHARMONIC 
'X-RAY DIFFRACTION' ? ?      ? ?   ? t_sum_occupancies         ?      ?            
'X-RAY DIFFRACTION' ? ?      ? ?   ? t_utility_distance        ?      ?            
'X-RAY DIFFRACTION' ? ?      ? ?   ? t_utility_angle           ?      ?            
'X-RAY DIFFRACTION' ? ?      ? ?   ? t_utility_torsion         ?      ?            
'X-RAY DIFFRACTION' ? ?      ? 459 ? t_ideal_dist_contact      4.000  SEMIHARMONIC 
'X-RAY DIFFRACTION' ? 0.009  ? 640 ? t_bond_d                  2.000  HARMONIC     
'X-RAY DIFFRACTION' ? 1.150  ? 906 ? t_angle_deg               2.000  HARMONIC     
'X-RAY DIFFRACTION' ? 3.580  ? ?   ? t_omega_torsion           ?      ?            
'X-RAY DIFFRACTION' ? 18.680 ? ?   ? t_other_torsion           ?      ?            
# 
_refine_ls_shell.pdbx_refine_id                   'X-RAY DIFFRACTION' 
_refine_ls_shell.d_res_high                       1.6900 
_refine_ls_shell.d_res_low                        1.7200 
_refine_ls_shell.number_reflns_all                465 
_refine_ls_shell.number_reflns_obs                ? 
_refine_ls_shell.number_reflns_R_free             17 
_refine_ls_shell.number_reflns_R_work             448 
_refine_ls_shell.percent_reflns_obs               100.0000 
_refine_ls_shell.percent_reflns_R_free            3.6600 
_refine_ls_shell.R_factor_all                     0.2486 
_refine_ls_shell.R_factor_obs                     ? 
_refine_ls_shell.R_factor_R_free                  0.2456 
_refine_ls_shell.R_factor_R_free_error            0.0000 
_refine_ls_shell.R_factor_R_work                  0.2487 
_refine_ls_shell.redundancy_reflns_all            ? 
_refine_ls_shell.redundancy_reflns_obs            ? 
_refine_ls_shell.wR_factor_all                    ? 
_refine_ls_shell.wR_factor_obs                    ? 
_refine_ls_shell.wR_factor_R_free                 ? 
_refine_ls_shell.wR_factor_R_work                 ? 
_refine_ls_shell.pdbx_R_complete                  ? 
_refine_ls_shell.pdbx_total_number_of_bins_used   23 
_refine_ls_shell.pdbx_phase_error                 ? 
_refine_ls_shell.pdbx_fsc_work                    ? 
_refine_ls_shell.pdbx_fsc_free                    ? 
# 
_struct.entry_id                     7BAD 
_struct.title                        'Crystal structure of PAFB in complex with p-sulfonato-calix[8]arene and zinc' 
_struct.pdbx_model_details           ? 
_struct.pdbx_formula_weight          ? 
_struct.pdbx_formula_weight_method   ? 
_struct.pdbx_model_type_details      ? 
_struct.pdbx_CASP_flag               N 
# 
_struct_keywords.entry_id        7BAD 
_struct_keywords.text            
'Penicillium chrysogenum antifungal protein B, calix[n]arene, zinc, porous framework, molecular recognition, ANTIFUNGAL PROTEIN' 
_struct_keywords.pdbx_keywords   'ANTIFUNGAL PROTEIN' 
# 
loop_
_struct_asym.id 
_struct_asym.pdbx_blank_PDB_chainid_flag 
_struct_asym.pdbx_modified 
_struct_asym.entity_id 
_struct_asym.details 
A N N 1 ? 
B N N 2 ? 
C N N 3 ? 
D N N 4 ? 
E N N 4 ? 
F N N 5 ? 
# 
_struct_ref.id                         1 
_struct_ref.db_name                    UNP 
_struct_ref.db_code                    AFP_PENRW 
_struct_ref.pdbx_db_accession          B6GXZ8 
_struct_ref.pdbx_db_isoform            ? 
_struct_ref.entity_id                  1 
_struct_ref.pdbx_seq_one_letter_code   LSKFGGECSLKHNTCTYLKGGKNHVVNCGSAANKKCKSDRHHCEYDEHHKRVDCQTPV 
_struct_ref.pdbx_align_begin           35 
# 
_struct_ref_seq.align_id                      1 
_struct_ref_seq.ref_id                        1 
_struct_ref_seq.pdbx_PDB_id_code              7BAD 
_struct_ref_seq.pdbx_strand_id                A 
_struct_ref_seq.seq_align_beg                 1 
_struct_ref_seq.pdbx_seq_align_beg_ins_code   ? 
_struct_ref_seq.seq_align_end                 58 
_struct_ref_seq.pdbx_seq_align_end_ins_code   ? 
_struct_ref_seq.pdbx_db_accession             B6GXZ8 
_struct_ref_seq.db_align_beg                  35 
_struct_ref_seq.pdbx_db_align_beg_ins_code    ? 
_struct_ref_seq.db_align_end                  92 
_struct_ref_seq.pdbx_db_align_end_ins_code    ? 
_struct_ref_seq.pdbx_auth_seq_align_beg       -2 
_struct_ref_seq.pdbx_auth_seq_align_end       56 
# 
_pdbx_struct_assembly.id                   1 
_pdbx_struct_assembly.details              author_and_software_defined_assembly 
_pdbx_struct_assembly.method_details       PISA 
_pdbx_struct_assembly.oligomeric_details   monomeric 
_pdbx_struct_assembly.oligomeric_count     1 
# 
loop_
_pdbx_struct_assembly_prop.biol_id 
_pdbx_struct_assembly_prop.type 
_pdbx_struct_assembly_prop.value 
_pdbx_struct_assembly_prop.details 
1 'ABSA (A^2)' 220  ? 
1 MORE         -20  ? 
1 'SSA (A^2)'  5170 ? 
# 
_pdbx_struct_assembly_gen.assembly_id       1 
_pdbx_struct_assembly_gen.oper_expression   1 
_pdbx_struct_assembly_gen.asym_id_list      A,B,C,D,E,F 
# 
_pdbx_struct_assembly_auth_evidence.id                     1 
_pdbx_struct_assembly_auth_evidence.assembly_id            1 
_pdbx_struct_assembly_auth_evidence.experimental_support   'NMR relaxation study' 
_pdbx_struct_assembly_auth_evidence.details                ? 
# 
_pdbx_struct_oper_list.id                   1 
_pdbx_struct_oper_list.type                 'identity operation' 
_pdbx_struct_oper_list.name                 1_555 
_pdbx_struct_oper_list.symmetry_operation   x,y,z 
_pdbx_struct_oper_list.matrix[1][1]         1.0000000000 
_pdbx_struct_oper_list.matrix[1][2]         0.0000000000 
_pdbx_struct_oper_list.matrix[1][3]         0.0000000000 
_pdbx_struct_oper_list.vector[1]            0.0000000000 
_pdbx_struct_oper_list.matrix[2][1]         0.0000000000 
_pdbx_struct_oper_list.matrix[2][2]         1.0000000000 
_pdbx_struct_oper_list.matrix[2][3]         0.0000000000 
_pdbx_struct_oper_list.vector[2]            0.0000000000 
_pdbx_struct_oper_list.matrix[3][1]         0.0000000000 
_pdbx_struct_oper_list.matrix[3][2]         0.0000000000 
_pdbx_struct_oper_list.matrix[3][3]         1.0000000000 
_pdbx_struct_oper_list.vector[3]            0.0000000000 
# 
loop_
_struct_conn.id 
_struct_conn.conn_type_id 
_struct_conn.pdbx_leaving_atom_flag 
_struct_conn.pdbx_PDB_id 
_struct_conn.ptnr1_label_asym_id 
_struct_conn.ptnr1_label_comp_id 
_struct_conn.ptnr1_label_seq_id 
_struct_conn.ptnr1_label_atom_id 
_struct_conn.pdbx_ptnr1_label_alt_id 
_struct_conn.pdbx_ptnr1_PDB_ins_code 
_struct_conn.pdbx_ptnr1_standard_comp_id 
_struct_conn.ptnr1_symmetry 
_struct_conn.ptnr2_label_asym_id 
_struct_conn.ptnr2_label_comp_id 
_struct_conn.ptnr2_label_seq_id 
_struct_conn.ptnr2_label_atom_id 
_struct_conn.pdbx_ptnr2_label_alt_id 
_struct_conn.pdbx_ptnr2_PDB_ins_code 
_struct_conn.ptnr1_auth_asym_id 
_struct_conn.ptnr1_auth_comp_id 
_struct_conn.ptnr1_auth_seq_id 
_struct_conn.ptnr2_auth_asym_id 
_struct_conn.ptnr2_auth_comp_id 
_struct_conn.ptnr2_auth_seq_id 
_struct_conn.ptnr2_symmetry 
_struct_conn.pdbx_ptnr3_label_atom_id 
_struct_conn.pdbx_ptnr3_label_seq_id 
_struct_conn.pdbx_ptnr3_label_comp_id 
_struct_conn.pdbx_ptnr3_label_asym_id 
_struct_conn.pdbx_ptnr3_label_alt_id 
_struct_conn.pdbx_ptnr3_PDB_ins_code 
_struct_conn.details 
_struct_conn.pdbx_dist_value 
_struct_conn.pdbx_value_order 
_struct_conn.pdbx_role 
disulf1 disulf ? ? A CYS 8  SG  ? ? ? 1_555 A CYS 36 SG ? ? A CYS 6   A CYS 34  1_555 ? ? ? ? ? ? ? 2.070 ? ? 
disulf2 disulf ? ? A CYS 15 SG  ? ? ? 1_555 A CYS 43 SG ? ? A CYS 13  A CYS 41  1_555 ? ? ? ? ? ? ? 2.068 ? ? 
disulf3 disulf ? ? A CYS 28 SG  ? ? ? 1_555 A CYS 54 SG ? ? A CYS 26  A CYS 52  1_555 ? ? ? ? ? ? ? 2.051 ? ? 
metalc1 metalc ? ? A HIS 48 NE2 ? ? ? 1_555 C ZN  .  ZN ? ? A HIS 46  A ZN  102 1_555 ? ? ? ? ? ? ? 2.026 ? ? 
metalc2 metalc ? ? A HIS 49 NE2 ? ? ? 1_555 C ZN  .  ZN ? ? A HIS 47  A ZN  102 3_555 ? ? ? ? ? ? ? 2.051 ? ? 
metalc3 metalc ? ? C ZN  .  ZN  ? ? ? 1_555 D PO4 .  O2 ? ? A ZN  102 A PO4 103 1_555 ? ? ? ? ? ? ? 1.873 ? ? 
metalc4 metalc ? ? C ZN  .  ZN  ? ? ? 1_555 D PO4 .  O4 ? ? A ZN  102 A PO4 103 2_555 ? ? ? ? ? ? ? 1.875 ? ? 
metalc5 metalc ? ? C ZN  .  ZN  ? ? ? 1_555 D PO4 .  O3 ? ? A ZN  102 A PO4 103 3_555 ? ? ? ? ? ? ? 1.872 ? ? 
metalc6 metalc ? ? C ZN  .  ZN  ? ? ? 1_555 E PO4 .  O1 ? ? A ZN  102 A PO4 104 1_555 ? ? ? ? ? ? ? 1.887 ? ? 
metalc7 metalc ? ? C ZN  .  ZN  ? ? ? 1_555 E PO4 .  O2 ? ? A ZN  102 A PO4 104 2_555 ? ? ? ? ? ? ? 2.283 ? ? 
metalc8 metalc ? ? C ZN  .  ZN  ? ? ? 1_555 E PO4 .  O3 ? ? A ZN  102 A PO4 104 3_555 ? ? ? ? ? ? ? 1.854 ? ? 
# 
loop_
_struct_conn_type.id 
_struct_conn_type.criteria 
_struct_conn_type.reference 
disulf ? ? 
metalc ? ? 
# 
loop_
_pdbx_struct_conn_angle.id 
_pdbx_struct_conn_angle.ptnr1_label_atom_id 
_pdbx_struct_conn_angle.ptnr1_label_alt_id 
_pdbx_struct_conn_angle.ptnr1_label_asym_id 
_pdbx_struct_conn_angle.ptnr1_label_comp_id 
_pdbx_struct_conn_angle.ptnr1_label_seq_id 
_pdbx_struct_conn_angle.ptnr1_auth_atom_id 
_pdbx_struct_conn_angle.ptnr1_auth_asym_id 
_pdbx_struct_conn_angle.ptnr1_auth_comp_id 
_pdbx_struct_conn_angle.ptnr1_auth_seq_id 
_pdbx_struct_conn_angle.ptnr1_PDB_ins_code 
_pdbx_struct_conn_angle.ptnr1_symmetry 
_pdbx_struct_conn_angle.ptnr2_label_atom_id 
_pdbx_struct_conn_angle.ptnr2_label_alt_id 
_pdbx_struct_conn_angle.ptnr2_label_asym_id 
_pdbx_struct_conn_angle.ptnr2_label_comp_id 
_pdbx_struct_conn_angle.ptnr2_label_seq_id 
_pdbx_struct_conn_angle.ptnr2_auth_atom_id 
_pdbx_struct_conn_angle.ptnr2_auth_asym_id 
_pdbx_struct_conn_angle.ptnr2_auth_comp_id 
_pdbx_struct_conn_angle.ptnr2_auth_seq_id 
_pdbx_struct_conn_angle.ptnr2_PDB_ins_code 
_pdbx_struct_conn_angle.ptnr2_symmetry 
_pdbx_struct_conn_angle.ptnr3_label_atom_id 
_pdbx_struct_conn_angle.ptnr3_label_alt_id 
_pdbx_struct_conn_angle.ptnr3_label_asym_id 
_pdbx_struct_conn_angle.ptnr3_label_comp_id 
_pdbx_struct_conn_angle.ptnr3_label_seq_id 
_pdbx_struct_conn_angle.ptnr3_auth_atom_id 
_pdbx_struct_conn_angle.ptnr3_auth_asym_id 
_pdbx_struct_conn_angle.ptnr3_auth_comp_id 
_pdbx_struct_conn_angle.ptnr3_auth_seq_id 
_pdbx_struct_conn_angle.ptnr3_PDB_ins_code 
_pdbx_struct_conn_angle.ptnr3_symmetry 
_pdbx_struct_conn_angle.value 
_pdbx_struct_conn_angle.value_esd 
1  NE2 ? A HIS 48 ? A HIS 46  ? 1_555 ZN ? C ZN . ? A ZN 102 ? 1_555 NE2 ? A HIS 49 ? A HIS 47  ? 1_555 71.1  ? 
2  NE2 ? A HIS 48 ? A HIS 46  ? 1_555 ZN ? C ZN . ? A ZN 102 ? 1_555 O2  ? D PO4 .  ? A PO4 103 ? 1_555 109.7 ? 
3  NE2 ? A HIS 49 ? A HIS 47  ? 1_555 ZN ? C ZN . ? A ZN 102 ? 1_555 O2  ? D PO4 .  ? A PO4 103 ? 1_555 90.6  ? 
4  NE2 ? A HIS 48 ? A HIS 46  ? 1_555 ZN ? C ZN . ? A ZN 102 ? 1_555 O4  ? D PO4 .  ? A PO4 103 ? 2_555 109.8 ? 
5  NE2 ? A HIS 49 ? A HIS 47  ? 1_555 ZN ? C ZN . ? A ZN 102 ? 1_555 O4  ? D PO4 .  ? A PO4 103 ? 2_555 89.9  ? 
6  O2  ? D PO4 .  ? A PO4 103 ? 1_555 ZN ? C ZN . ? A ZN 102 ? 1_555 O4  ? D PO4 .  ? A PO4 103 ? 2_555 0.8   ? 
7  NE2 ? A HIS 48 ? A HIS 46  ? 1_555 ZN ? C ZN . ? A ZN 102 ? 1_555 O3  ? D PO4 .  ? A PO4 103 ? 3_555 108.8 ? 
8  NE2 ? A HIS 49 ? A HIS 47  ? 1_555 ZN ? C ZN . ? A ZN 102 ? 1_555 O3  ? D PO4 .  ? A PO4 103 ? 3_555 90.1  ? 
9  O2  ? D PO4 .  ? A PO4 103 ? 1_555 ZN ? C ZN . ? A ZN 102 ? 1_555 O3  ? D PO4 .  ? A PO4 103 ? 3_555 0.9   ? 
10 O4  ? D PO4 .  ? A PO4 103 ? 2_555 ZN ? C ZN . ? A ZN 102 ? 1_555 O3  ? D PO4 .  ? A PO4 103 ? 3_555 1.1   ? 
11 NE2 ? A HIS 48 ? A HIS 46  ? 1_555 ZN ? C ZN . ? A ZN 102 ? 1_555 O1  ? E PO4 .  ? A PO4 104 ? 1_555 110.4 ? 
12 NE2 ? A HIS 49 ? A HIS 47  ? 1_555 ZN ? C ZN . ? A ZN 102 ? 1_555 O1  ? E PO4 .  ? A PO4 104 ? 1_555 52.1  ? 
13 O2  ? D PO4 .  ? A PO4 103 ? 1_555 ZN ? C ZN . ? A ZN 102 ? 1_555 O1  ? E PO4 .  ? A PO4 104 ? 1_555 107.6 ? 
14 O4  ? D PO4 .  ? A PO4 103 ? 2_555 ZN ? C ZN . ? A ZN 102 ? 1_555 O1  ? E PO4 .  ? A PO4 104 ? 1_555 106.9 ? 
15 O3  ? D PO4 .  ? A PO4 103 ? 3_555 ZN ? C ZN . ? A ZN 102 ? 1_555 O1  ? E PO4 .  ? A PO4 104 ? 1_555 107.8 ? 
16 NE2 ? A HIS 48 ? A HIS 46  ? 1_555 ZN ? C ZN . ? A ZN 102 ? 1_555 O2  ? E PO4 .  ? A PO4 104 ? 2_555 94.2  ? 
17 NE2 ? A HIS 49 ? A HIS 47  ? 1_555 ZN ? C ZN . ? A ZN 102 ? 1_555 O2  ? E PO4 .  ? A PO4 104 ? 2_555 50.8  ? 
18 O2  ? D PO4 .  ? A PO4 103 ? 1_555 ZN ? C ZN . ? A ZN 102 ? 1_555 O2  ? E PO4 .  ? A PO4 104 ? 2_555 125.1 ? 
19 O4  ? D PO4 .  ? A PO4 103 ? 2_555 ZN ? C ZN . ? A ZN 102 ? 1_555 O2  ? E PO4 .  ? A PO4 104 ? 2_555 124.3 ? 
20 O3  ? D PO4 .  ? A PO4 103 ? 3_555 ZN ? C ZN . ? A ZN 102 ? 1_555 O2  ? E PO4 .  ? A PO4 104 ? 2_555 125.1 ? 
21 O1  ? E PO4 .  ? A PO4 104 ? 1_555 ZN ? C ZN . ? A ZN 102 ? 1_555 O2  ? E PO4 .  ? A PO4 104 ? 2_555 19.6  ? 
22 NE2 ? A HIS 48 ? A HIS 46  ? 1_555 ZN ? C ZN . ? A ZN 102 ? 1_555 O3  ? E PO4 .  ? A PO4 104 ? 3_555 100.2 ? 
23 NE2 ? A HIS 49 ? A HIS 47  ? 1_555 ZN ? C ZN . ? A ZN 102 ? 1_555 O3  ? E PO4 .  ? A PO4 104 ? 3_555 66.3  ? 
24 O2  ? D PO4 .  ? A PO4 103 ? 1_555 ZN ? C ZN . ? A ZN 102 ? 1_555 O3  ? E PO4 .  ? A PO4 104 ? 3_555 133.7 ? 
25 O4  ? D PO4 .  ? A PO4 103 ? 2_555 ZN ? C ZN . ? A ZN 102 ? 1_555 O3  ? E PO4 .  ? A PO4 104 ? 3_555 133.0 ? 
26 O3  ? D PO4 .  ? A PO4 103 ? 3_555 ZN ? C ZN . ? A ZN 102 ? 1_555 O3  ? E PO4 .  ? A PO4 104 ? 3_555 134.0 ? 
27 O1  ? E PO4 .  ? A PO4 104 ? 1_555 ZN ? C ZN . ? A ZN 102 ? 1_555 O3  ? E PO4 .  ? A PO4 104 ? 3_555 26.8  ? 
28 O2  ? E PO4 .  ? A PO4 104 ? 2_555 ZN ? C ZN . ? A ZN 102 ? 1_555 O3  ? E PO4 .  ? A PO4 104 ? 3_555 15.6  ? 
# 
loop_
_pdbx_modification_feature.ordinal 
_pdbx_modification_feature.label_comp_id 
_pdbx_modification_feature.label_asym_id 
_pdbx_modification_feature.label_seq_id 
_pdbx_modification_feature.label_alt_id 
_pdbx_modification_feature.modified_residue_label_comp_id 
_pdbx_modification_feature.modified_residue_label_asym_id 
_pdbx_modification_feature.modified_residue_label_seq_id 
_pdbx_modification_feature.modified_residue_label_alt_id 
_pdbx_modification_feature.auth_comp_id 
_pdbx_modification_feature.auth_asym_id 
_pdbx_modification_feature.auth_seq_id 
_pdbx_modification_feature.PDB_ins_code 
_pdbx_modification_feature.symmetry 
_pdbx_modification_feature.modified_residue_auth_comp_id 
_pdbx_modification_feature.modified_residue_auth_asym_id 
_pdbx_modification_feature.modified_residue_auth_seq_id 
_pdbx_modification_feature.modified_residue_PDB_ins_code 
_pdbx_modification_feature.modified_residue_symmetry 
_pdbx_modification_feature.comp_id_linking_atom 
_pdbx_modification_feature.modified_residue_id_linking_atom 
_pdbx_modification_feature.modified_residue_id 
_pdbx_modification_feature.ref_pcm_id 
_pdbx_modification_feature.ref_comp_id 
_pdbx_modification_feature.type 
_pdbx_modification_feature.category 
1 CYS A 8  ? CYS A 36 ? CYS A 6  ? 1_555 CYS A 34 ? 1_555 SG SG . . . None 'Disulfide bridge' 
2 CYS A 15 ? CYS A 43 ? CYS A 13 ? 1_555 CYS A 41 ? 1_555 SG SG . . . None 'Disulfide bridge' 
3 CYS A 28 ? CYS A 54 ? CYS A 26 ? 1_555 CYS A 52 ? 1_555 SG SG . . . None 'Disulfide bridge' 
# 
_struct_sheet.id               AA1 
_struct_sheet.type             ? 
_struct_sheet.number_strands   5 
_struct_sheet.details          ? 
# 
loop_
_struct_sheet_order.sheet_id 
_struct_sheet_order.range_id_1 
_struct_sheet_order.range_id_2 
_struct_sheet_order.offset 
_struct_sheet_order.sense 
AA1 1 2 ? anti-parallel 
AA1 2 3 ? anti-parallel 
AA1 3 4 ? anti-parallel 
AA1 4 5 ? anti-parallel 
# 
loop_
_struct_sheet_range.sheet_id 
_struct_sheet_range.id 
_struct_sheet_range.beg_label_comp_id 
_struct_sheet_range.beg_label_asym_id 
_struct_sheet_range.beg_label_seq_id 
_struct_sheet_range.pdbx_beg_PDB_ins_code 
_struct_sheet_range.end_label_comp_id 
_struct_sheet_range.end_label_asym_id 
_struct_sheet_range.end_label_seq_id 
_struct_sheet_range.pdbx_end_PDB_ins_code 
_struct_sheet_range.beg_auth_comp_id 
_struct_sheet_range.beg_auth_asym_id 
_struct_sheet_range.beg_auth_seq_id 
_struct_sheet_range.end_auth_comp_id 
_struct_sheet_range.end_auth_asym_id 
_struct_sheet_range.end_auth_seq_id 
AA1 1 LYS A 22 ? ASN A 27 ? LYS A 20 ASN A 25 
AA1 2 THR A 14 ? LYS A 19 ? THR A 12 LYS A 17 
AA1 3 LYS A 3  ? SER A 9  ? LYS A 1  SER A 7  
AA1 4 HIS A 42 ? ASP A 46 ? HIS A 40 ASP A 44 
AA1 5 ARG A 51 ? ASP A 53 ? ARG A 49 ASP A 51 
# 
loop_
_pdbx_struct_sheet_hbond.sheet_id 
_pdbx_struct_sheet_hbond.range_id_1 
_pdbx_struct_sheet_hbond.range_id_2 
_pdbx_struct_sheet_hbond.range_1_label_atom_id 
_pdbx_struct_sheet_hbond.range_1_label_comp_id 
_pdbx_struct_sheet_hbond.range_1_label_asym_id 
_pdbx_struct_sheet_hbond.range_1_label_seq_id 
_pdbx_struct_sheet_hbond.range_1_PDB_ins_code 
_pdbx_struct_sheet_hbond.range_1_auth_atom_id 
_pdbx_struct_sheet_hbond.range_1_auth_comp_id 
_pdbx_struct_sheet_hbond.range_1_auth_asym_id 
_pdbx_struct_sheet_hbond.range_1_auth_seq_id 
_pdbx_struct_sheet_hbond.range_2_label_atom_id 
_pdbx_struct_sheet_hbond.range_2_label_comp_id 
_pdbx_struct_sheet_hbond.range_2_label_asym_id 
_pdbx_struct_sheet_hbond.range_2_label_seq_id 
_pdbx_struct_sheet_hbond.range_2_PDB_ins_code 
_pdbx_struct_sheet_hbond.range_2_auth_atom_id 
_pdbx_struct_sheet_hbond.range_2_auth_comp_id 
_pdbx_struct_sheet_hbond.range_2_auth_asym_id 
_pdbx_struct_sheet_hbond.range_2_auth_seq_id 
AA1 1 2 O VAL A 26 ? O VAL A 24 N CYS A 15 ? N CYS A 13 
AA1 2 3 O THR A 16 ? O THR A 14 N GLU A 7  ? N GLU A 5  
AA1 3 4 N PHE A 4  ? N PHE A 2  O TYR A 45 ? O TYR A 43 
AA1 4 5 N ASP A 46 ? N ASP A 44 O ARG A 51 ? O ARG A 49 
# 
_pdbx_entry_details.entry_id                   7BAD 
_pdbx_entry_details.nonpolymer_details         ? 
_pdbx_entry_details.sequence_details           ? 
_pdbx_entry_details.compound_details           ? 
_pdbx_entry_details.source_details             ? 
_pdbx_entry_details.has_ligand_of_interest     Y 
_pdbx_entry_details.has_protein_modification   Y 
# 
loop_
_pdbx_struct_special_symmetry.id 
_pdbx_struct_special_symmetry.PDB_model_num 
_pdbx_struct_special_symmetry.auth_asym_id 
_pdbx_struct_special_symmetry.auth_comp_id 
_pdbx_struct_special_symmetry.auth_seq_id 
_pdbx_struct_special_symmetry.PDB_ins_code 
_pdbx_struct_special_symmetry.label_asym_id 
_pdbx_struct_special_symmetry.label_comp_id 
_pdbx_struct_special_symmetry.label_seq_id 
1 1 A PO4 103 ? D PO4 . 
2 1 A PO4 103 ? D PO4 . 
3 1 A PO4 104 ? E PO4 . 
# 
_pdbx_unobs_or_zero_occ_residues.id               1 
_pdbx_unobs_or_zero_occ_residues.PDB_model_num    1 
_pdbx_unobs_or_zero_occ_residues.polymer_flag     Y 
_pdbx_unobs_or_zero_occ_residues.occupancy_flag   0 
_pdbx_unobs_or_zero_occ_residues.auth_asym_id     A 
_pdbx_unobs_or_zero_occ_residues.auth_comp_id     VAL 
_pdbx_unobs_or_zero_occ_residues.auth_seq_id      56 
_pdbx_unobs_or_zero_occ_residues.PDB_ins_code     ? 
_pdbx_unobs_or_zero_occ_residues.label_asym_id    A 
_pdbx_unobs_or_zero_occ_residues.label_comp_id    VAL 
_pdbx_unobs_or_zero_occ_residues.label_seq_id     58 
# 
loop_
_chem_comp_atom.comp_id 
_chem_comp_atom.atom_id 
_chem_comp_atom.type_symbol 
_chem_comp_atom.pdbx_aromatic_flag 
_chem_comp_atom.pdbx_stereo_config 
_chem_comp_atom.pdbx_ordinal 
ALA N    N  N N 1   
ALA CA   C  N S 2   
ALA C    C  N N 3   
ALA O    O  N N 4   
ALA CB   C  N N 5   
ALA OXT  O  N N 6   
ALA H    H  N N 7   
ALA H2   H  N N 8   
ALA HA   H  N N 9   
ALA HB1  H  N N 10  
ALA HB2  H  N N 11  
ALA HB3  H  N N 12  
ALA HXT  H  N N 13  
ARG N    N  N N 14  
ARG CA   C  N S 15  
ARG C    C  N N 16  
ARG O    O  N N 17  
ARG CB   C  N N 18  
ARG CG   C  N N 19  
ARG CD   C  N N 20  
ARG NE   N  N N 21  
ARG CZ   C  N N 22  
ARG NH1  N  N N 23  
ARG NH2  N  N N 24  
ARG OXT  O  N N 25  
ARG H    H  N N 26  
ARG H2   H  N N 27  
ARG HA   H  N N 28  
ARG HB2  H  N N 29  
ARG HB3  H  N N 30  
ARG HG2  H  N N 31  
ARG HG3  H  N N 32  
ARG HD2  H  N N 33  
ARG HD3  H  N N 34  
ARG HE   H  N N 35  
ARG HH11 H  N N 36  
ARG HH12 H  N N 37  
ARG HH21 H  N N 38  
ARG HH22 H  N N 39  
ARG HXT  H  N N 40  
ASN N    N  N N 41  
ASN CA   C  N S 42  
ASN C    C  N N 43  
ASN O    O  N N 44  
ASN CB   C  N N 45  
ASN CG   C  N N 46  
ASN OD1  O  N N 47  
ASN ND2  N  N N 48  
ASN OXT  O  N N 49  
ASN H    H  N N 50  
ASN H2   H  N N 51  
ASN HA   H  N N 52  
ASN HB2  H  N N 53  
ASN HB3  H  N N 54  
ASN HD21 H  N N 55  
ASN HD22 H  N N 56  
ASN HXT  H  N N 57  
ASP N    N  N N 58  
ASP CA   C  N S 59  
ASP C    C  N N 60  
ASP O    O  N N 61  
ASP CB   C  N N 62  
ASP CG   C  N N 63  
ASP OD1  O  N N 64  
ASP OD2  O  N N 65  
ASP OXT  O  N N 66  
ASP H    H  N N 67  
ASP H2   H  N N 68  
ASP HA   H  N N 69  
ASP HB2  H  N N 70  
ASP HB3  H  N N 71  
ASP HD2  H  N N 72  
ASP HXT  H  N N 73  
CYS N    N  N N 74  
CYS CA   C  N R 75  
CYS C    C  N N 76  
CYS O    O  N N 77  
CYS CB   C  N N 78  
CYS SG   S  N N 79  
CYS OXT  O  N N 80  
CYS H    H  N N 81  
CYS H2   H  N N 82  
CYS HA   H  N N 83  
CYS HB2  H  N N 84  
CYS HB3  H  N N 85  
CYS HG   H  N N 86  
CYS HXT  H  N N 87  
EVB C11  C  Y N 88  
EVB C12  C  Y N 89  
EVB C13  C  Y N 90  
EVB C14  C  N N 91  
EVB C15  C  N N 92  
EVB C17  C  Y N 93  
EVB C18  C  Y N 94  
EVB C19  C  Y N 95  
EVB C20  C  Y N 96  
EVB C21  C  Y N 97  
EVB C22  C  Y N 98  
EVB C23  C  Y N 99  
EVB C1   C  Y N 100 
EVB C2   C  Y N 101 
EVB C3   C  Y N 102 
EVB C4   C  Y N 103 
EVB C5   C  Y N 104 
EVB C6   C  Y N 105 
EVB C7   C  N N 106 
EVB C8   C  Y N 107 
EVB C9   C  Y N 108 
EVB C10  C  Y N 109 
EVB C16  C  Y N 110 
EVB C24  C  Y N 111 
EVB C25  C  Y N 112 
EVB C26  C  Y N 113 
EVB C27  C  Y N 114 
EVB C28  C  N N 115 
EVB C29  C  N N 116 
EVB C30  C  Y N 117 
EVB C31  C  Y N 118 
EVB C32  C  Y N 119 
EVB C33  C  Y N 120 
EVB C34  C  Y N 121 
EVB C35  C  Y N 122 
EVB C36  C  Y N 123 
EVB C37  C  Y N 124 
EVB C38  C  Y N 125 
EVB C39  C  Y N 126 
EVB C40  C  Y N 127 
EVB C41  C  Y N 128 
EVB C42  C  N N 129 
EVB C43  C  N N 130 
EVB C44  C  Y N 131 
EVB C45  C  Y N 132 
EVB C46  C  Y N 133 
EVB C47  C  Y N 134 
EVB C48  C  Y N 135 
EVB C49  C  Y N 136 
EVB C50  C  Y N 137 
EVB C51  C  Y N 138 
EVB C52  C  Y N 139 
EVB C53  C  Y N 140 
EVB C54  C  Y N 141 
EVB C55  C  Y N 142 
EVB O1   O  N N 143 
EVB O2   O  N N 144 
EVB O3   O  N N 145 
EVB O4   O  N N 146 
EVB O5   O  N N 147 
EVB O6   O  N N 148 
EVB O7   O  N N 149 
EVB O8   O  N N 150 
EVB S64  S  N N 151 
EVB S65  S  N N 152 
EVB S66  S  N N 153 
EVB S67  S  N N 154 
EVB S68  S  N N 155 
EVB S69  S  N N 156 
EVB S70  S  N N 157 
EVB S71  S  N N 158 
EVB C72  C  N N 159 
EVB O9   O  N N 160 
EVB O10  O  N N 161 
EVB O11  O  N N 162 
EVB O12  O  N N 163 
EVB O13  O  N N 164 
EVB O14  O  N N 165 
EVB O15  O  N N 166 
EVB O16  O  N N 167 
EVB O17  O  N N 168 
EVB O18  O  N N 169 
EVB O19  O  N N 170 
EVB O20  O  N N 171 
EVB O21  O  N N 172 
EVB O22  O  N N 173 
EVB O23  O  N N 174 
EVB O24  O  N N 175 
EVB O25  O  N N 176 
EVB O26  O  N N 177 
EVB O27  O  N N 178 
EVB O28  O  N N 179 
EVB O29  O  N N 180 
EVB O30  O  N N 181 
EVB O31  O  N N 182 
EVB O32  O  N N 183 
EVB H1   H  N N 184 
EVB H2   H  N N 185 
EVB H3   H  N N 186 
EVB H4   H  N N 187 
EVB H5   H  N N 188 
EVB H6   H  N N 189 
EVB H7   H  N N 190 
EVB H8   H  N N 191 
EVB H9   H  N N 192 
EVB H10  H  N N 193 
EVB H11  H  N N 194 
EVB H12  H  N N 195 
EVB H13  H  N N 196 
EVB H14  H  N N 197 
EVB H15  H  N N 198 
EVB H16  H  N N 199 
EVB H17  H  N N 200 
EVB H18  H  N N 201 
EVB H19  H  N N 202 
EVB H20  H  N N 203 
EVB H21  H  N N 204 
EVB H22  H  N N 205 
EVB H23  H  N N 206 
EVB H24  H  N N 207 
EVB H25  H  N N 208 
EVB H26  H  N N 209 
EVB H27  H  N N 210 
EVB H28  H  N N 211 
EVB H29  H  N N 212 
EVB H30  H  N N 213 
EVB H31  H  N N 214 
EVB H32  H  N N 215 
EVB H33  H  N N 216 
EVB H34  H  N N 217 
EVB H35  H  N N 218 
EVB H36  H  N N 219 
EVB H37  H  N N 220 
EVB H38  H  N N 221 
EVB H39  H  N N 222 
EVB H40  H  N N 223 
EVB H41  H  N N 224 
EVB H42  H  N N 225 
EVB H43  H  N N 226 
EVB H44  H  N N 227 
EVB H45  H  N N 228 
EVB H46  H  N N 229 
EVB H47  H  N N 230 
EVB H48  H  N N 231 
GLN N    N  N N 232 
GLN CA   C  N S 233 
GLN C    C  N N 234 
GLN O    O  N N 235 
GLN CB   C  N N 236 
GLN CG   C  N N 237 
GLN CD   C  N N 238 
GLN OE1  O  N N 239 
GLN NE2  N  N N 240 
GLN OXT  O  N N 241 
GLN H    H  N N 242 
GLN H2   H  N N 243 
GLN HA   H  N N 244 
GLN HB2  H  N N 245 
GLN HB3  H  N N 246 
GLN HG2  H  N N 247 
GLN HG3  H  N N 248 
GLN HE21 H  N N 249 
GLN HE22 H  N N 250 
GLN HXT  H  N N 251 
GLU N    N  N N 252 
GLU CA   C  N S 253 
GLU C    C  N N 254 
GLU O    O  N N 255 
GLU CB   C  N N 256 
GLU CG   C  N N 257 
GLU CD   C  N N 258 
GLU OE1  O  N N 259 
GLU OE2  O  N N 260 
GLU OXT  O  N N 261 
GLU H    H  N N 262 
GLU H2   H  N N 263 
GLU HA   H  N N 264 
GLU HB2  H  N N 265 
GLU HB3  H  N N 266 
GLU HG2  H  N N 267 
GLU HG3  H  N N 268 
GLU HE2  H  N N 269 
GLU HXT  H  N N 270 
GLY N    N  N N 271 
GLY CA   C  N N 272 
GLY C    C  N N 273 
GLY O    O  N N 274 
GLY OXT  O  N N 275 
GLY H    H  N N 276 
GLY H2   H  N N 277 
GLY HA2  H  N N 278 
GLY HA3  H  N N 279 
GLY HXT  H  N N 280 
HIS N    N  N N 281 
HIS CA   C  N S 282 
HIS C    C  N N 283 
HIS O    O  N N 284 
HIS CB   C  N N 285 
HIS CG   C  Y N 286 
HIS ND1  N  Y N 287 
HIS CD2  C  Y N 288 
HIS CE1  C  Y N 289 
HIS NE2  N  Y N 290 
HIS OXT  O  N N 291 
HIS H    H  N N 292 
HIS H2   H  N N 293 
HIS HA   H  N N 294 
HIS HB2  H  N N 295 
HIS HB3  H  N N 296 
HIS HD1  H  N N 297 
HIS HD2  H  N N 298 
HIS HE1  H  N N 299 
HIS HE2  H  N N 300 
HIS HXT  H  N N 301 
HOH O    O  N N 302 
HOH H1   H  N N 303 
HOH H2   H  N N 304 
LEU N    N  N N 305 
LEU CA   C  N S 306 
LEU C    C  N N 307 
LEU O    O  N N 308 
LEU CB   C  N N 309 
LEU CG   C  N N 310 
LEU CD1  C  N N 311 
LEU CD2  C  N N 312 
LEU OXT  O  N N 313 
LEU H    H  N N 314 
LEU H2   H  N N 315 
LEU HA   H  N N 316 
LEU HB2  H  N N 317 
LEU HB3  H  N N 318 
LEU HG   H  N N 319 
LEU HD11 H  N N 320 
LEU HD12 H  N N 321 
LEU HD13 H  N N 322 
LEU HD21 H  N N 323 
LEU HD22 H  N N 324 
LEU HD23 H  N N 325 
LEU HXT  H  N N 326 
LYS N    N  N N 327 
LYS CA   C  N S 328 
LYS C    C  N N 329 
LYS O    O  N N 330 
LYS CB   C  N N 331 
LYS CG   C  N N 332 
LYS CD   C  N N 333 
LYS CE   C  N N 334 
LYS NZ   N  N N 335 
LYS OXT  O  N N 336 
LYS H    H  N N 337 
LYS H2   H  N N 338 
LYS HA   H  N N 339 
LYS HB2  H  N N 340 
LYS HB3  H  N N 341 
LYS HG2  H  N N 342 
LYS HG3  H  N N 343 
LYS HD2  H  N N 344 
LYS HD3  H  N N 345 
LYS HE2  H  N N 346 
LYS HE3  H  N N 347 
LYS HZ1  H  N N 348 
LYS HZ2  H  N N 349 
LYS HZ3  H  N N 350 
LYS HXT  H  N N 351 
PHE N    N  N N 352 
PHE CA   C  N S 353 
PHE C    C  N N 354 
PHE O    O  N N 355 
PHE CB   C  N N 356 
PHE CG   C  Y N 357 
PHE CD1  C  Y N 358 
PHE CD2  C  Y N 359 
PHE CE1  C  Y N 360 
PHE CE2  C  Y N 361 
PHE CZ   C  Y N 362 
PHE OXT  O  N N 363 
PHE H    H  N N 364 
PHE H2   H  N N 365 
PHE HA   H  N N 366 
PHE HB2  H  N N 367 
PHE HB3  H  N N 368 
PHE HD1  H  N N 369 
PHE HD2  H  N N 370 
PHE HE1  H  N N 371 
PHE HE2  H  N N 372 
PHE HZ   H  N N 373 
PHE HXT  H  N N 374 
PO4 P    P  N N 375 
PO4 O1   O  N N 376 
PO4 O2   O  N N 377 
PO4 O3   O  N N 378 
PO4 O4   O  N N 379 
PRO N    N  N N 380 
PRO CA   C  N S 381 
PRO C    C  N N 382 
PRO O    O  N N 383 
PRO CB   C  N N 384 
PRO CG   C  N N 385 
PRO CD   C  N N 386 
PRO OXT  O  N N 387 
PRO H    H  N N 388 
PRO HA   H  N N 389 
PRO HB2  H  N N 390 
PRO HB3  H  N N 391 
PRO HG2  H  N N 392 
PRO HG3  H  N N 393 
PRO HD2  H  N N 394 
PRO HD3  H  N N 395 
PRO HXT  H  N N 396 
SER N    N  N N 397 
SER CA   C  N S 398 
SER C    C  N N 399 
SER O    O  N N 400 
SER CB   C  N N 401 
SER OG   O  N N 402 
SER OXT  O  N N 403 
SER H    H  N N 404 
SER H2   H  N N 405 
SER HA   H  N N 406 
SER HB2  H  N N 407 
SER HB3  H  N N 408 
SER HG   H  N N 409 
SER HXT  H  N N 410 
THR N    N  N N 411 
THR CA   C  N S 412 
THR C    C  N N 413 
THR O    O  N N 414 
THR CB   C  N R 415 
THR OG1  O  N N 416 
THR CG2  C  N N 417 
THR OXT  O  N N 418 
THR H    H  N N 419 
THR H2   H  N N 420 
THR HA   H  N N 421 
THR HB   H  N N 422 
THR HG1  H  N N 423 
THR HG21 H  N N 424 
THR HG22 H  N N 425 
THR HG23 H  N N 426 
THR HXT  H  N N 427 
TYR N    N  N N 428 
TYR CA   C  N S 429 
TYR C    C  N N 430 
TYR O    O  N N 431 
TYR CB   C  N N 432 
TYR CG   C  Y N 433 
TYR CD1  C  Y N 434 
TYR CD2  C  Y N 435 
TYR CE1  C  Y N 436 
TYR CE2  C  Y N 437 
TYR CZ   C  Y N 438 
TYR OH   O  N N 439 
TYR OXT  O  N N 440 
TYR H    H  N N 441 
TYR H2   H  N N 442 
TYR HA   H  N N 443 
TYR HB2  H  N N 444 
TYR HB3  H  N N 445 
TYR HD1  H  N N 446 
TYR HD2  H  N N 447 
TYR HE1  H  N N 448 
TYR HE2  H  N N 449 
TYR HH   H  N N 450 
TYR HXT  H  N N 451 
VAL N    N  N N 452 
VAL CA   C  N S 453 
VAL C    C  N N 454 
VAL O    O  N N 455 
VAL CB   C  N N 456 
VAL CG1  C  N N 457 
VAL CG2  C  N N 458 
VAL OXT  O  N N 459 
VAL H    H  N N 460 
VAL H2   H  N N 461 
VAL HA   H  N N 462 
VAL HB   H  N N 463 
VAL HG11 H  N N 464 
VAL HG12 H  N N 465 
VAL HG13 H  N N 466 
VAL HG21 H  N N 467 
VAL HG22 H  N N 468 
VAL HG23 H  N N 469 
VAL HXT  H  N N 470 
ZN  ZN   ZN N N 471 
# 
loop_
_chem_comp_bond.comp_id 
_chem_comp_bond.atom_id_1 
_chem_comp_bond.atom_id_2 
_chem_comp_bond.value_order 
_chem_comp_bond.pdbx_aromatic_flag 
_chem_comp_bond.pdbx_stereo_config 
_chem_comp_bond.pdbx_ordinal 
ALA N   CA   sing N N 1   
ALA N   H    sing N N 2   
ALA N   H2   sing N N 3   
ALA CA  C    sing N N 4   
ALA CA  CB   sing N N 5   
ALA CA  HA   sing N N 6   
ALA C   O    doub N N 7   
ALA C   OXT  sing N N 8   
ALA CB  HB1  sing N N 9   
ALA CB  HB2  sing N N 10  
ALA CB  HB3  sing N N 11  
ALA OXT HXT  sing N N 12  
ARG N   CA   sing N N 13  
ARG N   H    sing N N 14  
ARG N   H2   sing N N 15  
ARG CA  C    sing N N 16  
ARG CA  CB   sing N N 17  
ARG CA  HA   sing N N 18  
ARG C   O    doub N N 19  
ARG C   OXT  sing N N 20  
ARG CB  CG   sing N N 21  
ARG CB  HB2  sing N N 22  
ARG CB  HB3  sing N N 23  
ARG CG  CD   sing N N 24  
ARG CG  HG2  sing N N 25  
ARG CG  HG3  sing N N 26  
ARG CD  NE   sing N N 27  
ARG CD  HD2  sing N N 28  
ARG CD  HD3  sing N N 29  
ARG NE  CZ   sing N N 30  
ARG NE  HE   sing N N 31  
ARG CZ  NH1  sing N N 32  
ARG CZ  NH2  doub N N 33  
ARG NH1 HH11 sing N N 34  
ARG NH1 HH12 sing N N 35  
ARG NH2 HH21 sing N N 36  
ARG NH2 HH22 sing N N 37  
ARG OXT HXT  sing N N 38  
ASN N   CA   sing N N 39  
ASN N   H    sing N N 40  
ASN N   H2   sing N N 41  
ASN CA  C    sing N N 42  
ASN CA  CB   sing N N 43  
ASN CA  HA   sing N N 44  
ASN C   O    doub N N 45  
ASN C   OXT  sing N N 46  
ASN CB  CG   sing N N 47  
ASN CB  HB2  sing N N 48  
ASN CB  HB3  sing N N 49  
ASN CG  OD1  doub N N 50  
ASN CG  ND2  sing N N 51  
ASN ND2 HD21 sing N N 52  
ASN ND2 HD22 sing N N 53  
ASN OXT HXT  sing N N 54  
ASP N   CA   sing N N 55  
ASP N   H    sing N N 56  
ASP N   H2   sing N N 57  
ASP CA  C    sing N N 58  
ASP CA  CB   sing N N 59  
ASP CA  HA   sing N N 60  
ASP C   O    doub N N 61  
ASP C   OXT  sing N N 62  
ASP CB  CG   sing N N 63  
ASP CB  HB2  sing N N 64  
ASP CB  HB3  sing N N 65  
ASP CG  OD1  doub N N 66  
ASP CG  OD2  sing N N 67  
ASP OD2 HD2  sing N N 68  
ASP OXT HXT  sing N N 69  
CYS N   CA   sing N N 70  
CYS N   H    sing N N 71  
CYS N   H2   sing N N 72  
CYS CA  C    sing N N 73  
CYS CA  CB   sing N N 74  
CYS CA  HA   sing N N 75  
CYS C   O    doub N N 76  
CYS C   OXT  sing N N 77  
CYS CB  SG   sing N N 78  
CYS CB  HB2  sing N N 79  
CYS CB  HB3  sing N N 80  
CYS SG  HG   sing N N 81  
CYS OXT HXT  sing N N 82  
EVB O11 S64  doub N N 83  
EVB O9  S64  doub N N 84  
EVB S64 O10  sing N N 85  
EVB S64 C48  sing N N 86  
EVB O12 S65  doub N N 87  
EVB O13 S65  doub N N 88  
EVB C49 C48  doub Y N 89  
EVB C49 C44  sing Y N 90  
EVB C48 C47  sing Y N 91  
EVB C42 C44  sing N N 92  
EVB C42 C32  sing N N 93  
EVB S65 C34  sing N N 94  
EVB S65 O14  sing N N 95  
EVB C33 C34  doub Y N 96  
EVB C33 C32  sing Y N 97  
EVB C44 C45  doub Y N 98  
EVB C34 C35  sing Y N 99  
EVB C32 C31  doub Y N 100 
EVB O15 S66  doub N N 101 
EVB C47 C46  doub Y N 102 
EVB O17 S66  doub N N 103 
EVB C45 C46  sing Y N 104 
EVB C45 O1   sing N N 105 
EVB C35 C30  doub Y N 106 
EVB C31 O2   sing N N 107 
EVB C31 C30  sing Y N 108 
EVB S66 C26  sing N N 109 
EVB S66 O16  sing N N 110 
EVB C46 C72  sing N N 111 
EVB O32 S71  doub N N 112 
EVB C27 C26  doub Y N 113 
EVB C27 C22  sing Y N 114 
EVB C14 C22  sing N N 115 
EVB C14 C12  sing N N 116 
EVB C26 C25  sing Y N 117 
EVB C22 C23  doub Y N 118 
EVB C30 C28  sing N N 119 
EVB O30 S71  doub N N 120 
EVB C25 C24  doub Y N 121 
EVB C23 C24  sing Y N 122 
EVB C23 O3   sing N N 123 
EVB C24 C28  sing N N 124 
EVB S71 C52  sing N N 125 
EVB S71 O31  sing N N 126 
EVB C53 C52  doub Y N 127 
EVB C53 C54  sing Y N 128 
EVB C12 C11  doub Y N 129 
EVB C12 C13  sing Y N 130 
EVB C52 C51  sing Y N 131 
EVB C72 C54  sing N N 132 
EVB O19 S67  doub N N 133 
EVB C54 C55  doub Y N 134 
EVB C11 C10  sing Y N 135 
EVB C51 C50  doub Y N 136 
EVB C55 C50  sing Y N 137 
EVB C55 O8   sing N N 138 
EVB C50 C43  sing N N 139 
EVB O4  C13  sing N N 140 
EVB O23 S68  doub N N 141 
EVB C43 C40  sing N N 142 
EVB C13 C8   doub Y N 143 
EVB C15 C4   sing N N 144 
EVB C15 C16  sing N N 145 
EVB C10 S67  sing N N 146 
EVB C10 C9   doub Y N 147 
EVB S67 O18  doub N N 148 
EVB S67 O20  sing N N 149 
EVB C4  C5   doub Y N 150 
EVB C4  C3   sing Y N 151 
EVB C5  C6   sing Y N 152 
EVB O5  C3   sing N N 153 
EVB O7  C41  sing N N 154 
EVB C3  C2   doub Y N 155 
EVB C8  C9   sing Y N 156 
EVB C8  C7   sing N N 157 
EVB C16 C17  doub Y N 158 
EVB C16 C21  sing Y N 159 
EVB C6  S68  sing N N 160 
EVB C6  C1   doub Y N 161 
EVB S68 O22  doub N N 162 
EVB S68 O21  sing N N 163 
EVB O6  C21  sing N N 164 
EVB C40 C41  doub Y N 165 
EVB C40 C39  sing Y N 166 
EVB C2  C1   sing Y N 167 
EVB C2  C7   sing N N 168 
EVB C17 C18  sing Y N 169 
EVB C21 C20  doub Y N 170 
EVB C41 C36  sing Y N 171 
EVB O26 S69  doub N N 172 
EVB C39 C38  doub Y N 173 
EVB C18 S69  sing N N 174 
EVB C18 C19  doub Y N 175 
EVB C20 C19  sing Y N 176 
EVB C20 C29  sing N N 177 
EVB S69 O24  doub N N 178 
EVB S69 O25  sing N N 179 
EVB C36 C29  sing N N 180 
EVB C36 C37  doub Y N 181 
EVB C38 C37  sing Y N 182 
EVB C38 S70  sing N N 183 
EVB O29 S70  doub N N 184 
EVB S70 O27  doub N N 185 
EVB S70 O28  sing N N 186 
EVB C11 H1   sing N N 187 
EVB C14 H2   sing N N 188 
EVB C14 H3   sing N N 189 
EVB C15 H4   sing N N 190 
EVB C15 H5   sing N N 191 
EVB C17 H6   sing N N 192 
EVB C19 H7   sing N N 193 
EVB C1  H8   sing N N 194 
EVB C5  H9   sing N N 195 
EVB C7  H10  sing N N 196 
EVB C7  H11  sing N N 197 
EVB C9  H12  sing N N 198 
EVB C25 H13  sing N N 199 
EVB C27 H14  sing N N 200 
EVB C28 H15  sing N N 201 
EVB C28 H16  sing N N 202 
EVB C29 H17  sing N N 203 
EVB C29 H18  sing N N 204 
EVB C33 H19  sing N N 205 
EVB C35 H20  sing N N 206 
EVB C37 H21  sing N N 207 
EVB C39 H22  sing N N 208 
EVB C42 H23  sing N N 209 
EVB C42 H24  sing N N 210 
EVB C43 H25  sing N N 211 
EVB C43 H26  sing N N 212 
EVB C47 H27  sing N N 213 
EVB C49 H28  sing N N 214 
EVB C51 H29  sing N N 215 
EVB C53 H30  sing N N 216 
EVB O1  H31  sing N N 217 
EVB O2  H32  sing N N 218 
EVB O3  H33  sing N N 219 
EVB O4  H34  sing N N 220 
EVB O5  H35  sing N N 221 
EVB O6  H36  sing N N 222 
EVB O7  H37  sing N N 223 
EVB O8  H38  sing N N 224 
EVB C72 H39  sing N N 225 
EVB C72 H40  sing N N 226 
EVB O14 H41  sing N N 227 
EVB O16 H42  sing N N 228 
EVB O20 H43  sing N N 229 
EVB O21 H44  sing N N 230 
EVB O10 H45  sing N N 231 
EVB O31 H46  sing N N 232 
EVB O28 H47  sing N N 233 
EVB O25 H48  sing N N 234 
GLN N   CA   sing N N 235 
GLN N   H    sing N N 236 
GLN N   H2   sing N N 237 
GLN CA  C    sing N N 238 
GLN CA  CB   sing N N 239 
GLN CA  HA   sing N N 240 
GLN C   O    doub N N 241 
GLN C   OXT  sing N N 242 
GLN CB  CG   sing N N 243 
GLN CB  HB2  sing N N 244 
GLN CB  HB3  sing N N 245 
GLN CG  CD   sing N N 246 
GLN CG  HG2  sing N N 247 
GLN CG  HG3  sing N N 248 
GLN CD  OE1  doub N N 249 
GLN CD  NE2  sing N N 250 
GLN NE2 HE21 sing N N 251 
GLN NE2 HE22 sing N N 252 
GLN OXT HXT  sing N N 253 
GLU N   CA   sing N N 254 
GLU N   H    sing N N 255 
GLU N   H2   sing N N 256 
GLU CA  C    sing N N 257 
GLU CA  CB   sing N N 258 
GLU CA  HA   sing N N 259 
GLU C   O    doub N N 260 
GLU C   OXT  sing N N 261 
GLU CB  CG   sing N N 262 
GLU CB  HB2  sing N N 263 
GLU CB  HB3  sing N N 264 
GLU CG  CD   sing N N 265 
GLU CG  HG2  sing N N 266 
GLU CG  HG3  sing N N 267 
GLU CD  OE1  doub N N 268 
GLU CD  OE2  sing N N 269 
GLU OE2 HE2  sing N N 270 
GLU OXT HXT  sing N N 271 
GLY N   CA   sing N N 272 
GLY N   H    sing N N 273 
GLY N   H2   sing N N 274 
GLY CA  C    sing N N 275 
GLY CA  HA2  sing N N 276 
GLY CA  HA3  sing N N 277 
GLY C   O    doub N N 278 
GLY C   OXT  sing N N 279 
GLY OXT HXT  sing N N 280 
HIS N   CA   sing N N 281 
HIS N   H    sing N N 282 
HIS N   H2   sing N N 283 
HIS CA  C    sing N N 284 
HIS CA  CB   sing N N 285 
HIS CA  HA   sing N N 286 
HIS C   O    doub N N 287 
HIS C   OXT  sing N N 288 
HIS CB  CG   sing N N 289 
HIS CB  HB2  sing N N 290 
HIS CB  HB3  sing N N 291 
HIS CG  ND1  sing Y N 292 
HIS CG  CD2  doub Y N 293 
HIS ND1 CE1  doub Y N 294 
HIS ND1 HD1  sing N N 295 
HIS CD2 NE2  sing Y N 296 
HIS CD2 HD2  sing N N 297 
HIS CE1 NE2  sing Y N 298 
HIS CE1 HE1  sing N N 299 
HIS NE2 HE2  sing N N 300 
HIS OXT HXT  sing N N 301 
HOH O   H1   sing N N 302 
HOH O   H2   sing N N 303 
LEU N   CA   sing N N 304 
LEU N   H    sing N N 305 
LEU N   H2   sing N N 306 
LEU CA  C    sing N N 307 
LEU CA  CB   sing N N 308 
LEU CA  HA   sing N N 309 
LEU C   O    doub N N 310 
LEU C   OXT  sing N N 311 
LEU CB  CG   sing N N 312 
LEU CB  HB2  sing N N 313 
LEU CB  HB3  sing N N 314 
LEU CG  CD1  sing N N 315 
LEU CG  CD2  sing N N 316 
LEU CG  HG   sing N N 317 
LEU CD1 HD11 sing N N 318 
LEU CD1 HD12 sing N N 319 
LEU CD1 HD13 sing N N 320 
LEU CD2 HD21 sing N N 321 
LEU CD2 HD22 sing N N 322 
LEU CD2 HD23 sing N N 323 
LEU OXT HXT  sing N N 324 
LYS N   CA   sing N N 325 
LYS N   H    sing N N 326 
LYS N   H2   sing N N 327 
LYS CA  C    sing N N 328 
LYS CA  CB   sing N N 329 
LYS CA  HA   sing N N 330 
LYS C   O    doub N N 331 
LYS C   OXT  sing N N 332 
LYS CB  CG   sing N N 333 
LYS CB  HB2  sing N N 334 
LYS CB  HB3  sing N N 335 
LYS CG  CD   sing N N 336 
LYS CG  HG2  sing N N 337 
LYS CG  HG3  sing N N 338 
LYS CD  CE   sing N N 339 
LYS CD  HD2  sing N N 340 
LYS CD  HD3  sing N N 341 
LYS CE  NZ   sing N N 342 
LYS CE  HE2  sing N N 343 
LYS CE  HE3  sing N N 344 
LYS NZ  HZ1  sing N N 345 
LYS NZ  HZ2  sing N N 346 
LYS NZ  HZ3  sing N N 347 
LYS OXT HXT  sing N N 348 
PHE N   CA   sing N N 349 
PHE N   H    sing N N 350 
PHE N   H2   sing N N 351 
PHE CA  C    sing N N 352 
PHE CA  CB   sing N N 353 
PHE CA  HA   sing N N 354 
PHE C   O    doub N N 355 
PHE C   OXT  sing N N 356 
PHE CB  CG   sing N N 357 
PHE CB  HB2  sing N N 358 
PHE CB  HB3  sing N N 359 
PHE CG  CD1  doub Y N 360 
PHE CG  CD2  sing Y N 361 
PHE CD1 CE1  sing Y N 362 
PHE CD1 HD1  sing N N 363 
PHE CD2 CE2  doub Y N 364 
PHE CD2 HD2  sing N N 365 
PHE CE1 CZ   doub Y N 366 
PHE CE1 HE1  sing N N 367 
PHE CE2 CZ   sing Y N 368 
PHE CE2 HE2  sing N N 369 
PHE CZ  HZ   sing N N 370 
PHE OXT HXT  sing N N 371 
PO4 P   O1   doub N N 372 
PO4 P   O2   sing N N 373 
PO4 P   O3   sing N N 374 
PO4 P   O4   sing N N 375 
PRO N   CA   sing N N 376 
PRO N   CD   sing N N 377 
PRO N   H    sing N N 378 
PRO CA  C    sing N N 379 
PRO CA  CB   sing N N 380 
PRO CA  HA   sing N N 381 
PRO C   O    doub N N 382 
PRO C   OXT  sing N N 383 
PRO CB  CG   sing N N 384 
PRO CB  HB2  sing N N 385 
PRO CB  HB3  sing N N 386 
PRO CG  CD   sing N N 387 
PRO CG  HG2  sing N N 388 
PRO CG  HG3  sing N N 389 
PRO CD  HD2  sing N N 390 
PRO CD  HD3  sing N N 391 
PRO OXT HXT  sing N N 392 
SER N   CA   sing N N 393 
SER N   H    sing N N 394 
SER N   H2   sing N N 395 
SER CA  C    sing N N 396 
SER CA  CB   sing N N 397 
SER CA  HA   sing N N 398 
SER C   O    doub N N 399 
SER C   OXT  sing N N 400 
SER CB  OG   sing N N 401 
SER CB  HB2  sing N N 402 
SER CB  HB3  sing N N 403 
SER OG  HG   sing N N 404 
SER OXT HXT  sing N N 405 
THR N   CA   sing N N 406 
THR N   H    sing N N 407 
THR N   H2   sing N N 408 
THR CA  C    sing N N 409 
THR CA  CB   sing N N 410 
THR CA  HA   sing N N 411 
THR C   O    doub N N 412 
THR C   OXT  sing N N 413 
THR CB  OG1  sing N N 414 
THR CB  CG2  sing N N 415 
THR CB  HB   sing N N 416 
THR OG1 HG1  sing N N 417 
THR CG2 HG21 sing N N 418 
THR CG2 HG22 sing N N 419 
THR CG2 HG23 sing N N 420 
THR OXT HXT  sing N N 421 
TYR N   CA   sing N N 422 
TYR N   H    sing N N 423 
TYR N   H2   sing N N 424 
TYR CA  C    sing N N 425 
TYR CA  CB   sing N N 426 
TYR CA  HA   sing N N 427 
TYR C   O    doub N N 428 
TYR C   OXT  sing N N 429 
TYR CB  CG   sing N N 430 
TYR CB  HB2  sing N N 431 
TYR CB  HB3  sing N N 432 
TYR CG  CD1  doub Y N 433 
TYR CG  CD2  sing Y N 434 
TYR CD1 CE1  sing Y N 435 
TYR CD1 HD1  sing N N 436 
TYR CD2 CE2  doub Y N 437 
TYR CD2 HD2  sing N N 438 
TYR CE1 CZ   doub Y N 439 
TYR CE1 HE1  sing N N 440 
TYR CE2 CZ   sing Y N 441 
TYR CE2 HE2  sing N N 442 
TYR CZ  OH   sing N N 443 
TYR OH  HH   sing N N 444 
TYR OXT HXT  sing N N 445 
VAL N   CA   sing N N 446 
VAL N   H    sing N N 447 
VAL N   H2   sing N N 448 
VAL CA  C    sing N N 449 
VAL CA  CB   sing N N 450 
VAL CA  HA   sing N N 451 
VAL C   O    doub N N 452 
VAL C   OXT  sing N N 453 
VAL CB  CG1  sing N N 454 
VAL CB  CG2  sing N N 455 
VAL CB  HB   sing N N 456 
VAL CG1 HG11 sing N N 457 
VAL CG1 HG12 sing N N 458 
VAL CG1 HG13 sing N N 459 
VAL CG2 HG21 sing N N 460 
VAL CG2 HG22 sing N N 461 
VAL CG2 HG23 sing N N 462 
VAL OXT HXT  sing N N 463 
# 
loop_
_pdbx_audit_support.funding_organization 
_pdbx_audit_support.country 
_pdbx_audit_support.grant_number 
_pdbx_audit_support.ordinal 
'Science Foundation Ireland' Ireland 13/CDA/2168    1 
'Irish Research Council'     Ireland GOIPD/2019/513 2 
# 
_pdbx_initial_refinement_model.id               1 
_pdbx_initial_refinement_model.entity_id_list   ? 
_pdbx_initial_refinement_model.type             'experimental model' 
_pdbx_initial_refinement_model.source_name      PDB 
_pdbx_initial_refinement_model.accession_code   6HAJ 
_pdbx_initial_refinement_model.details          ? 
# 
_atom_sites.entry_id                    7BAD 
_atom_sites.Cartn_transf_matrix[1][1]   ? 
_atom_sites.Cartn_transf_matrix[1][2]   ? 
_atom_sites.Cartn_transf_matrix[1][3]   ? 
_atom_sites.Cartn_transf_matrix[2][1]   ? 
_atom_sites.Cartn_transf_matrix[2][2]   ? 
_atom_sites.Cartn_transf_matrix[2][3]   ? 
_atom_sites.Cartn_transf_matrix[3][1]   ? 
_atom_sites.Cartn_transf_matrix[3][2]   ? 
_atom_sites.Cartn_transf_matrix[3][3]   ? 
_atom_sites.Cartn_transf_vector[1]      ? 
_atom_sites.Cartn_transf_vector[2]      ? 
_atom_sites.Cartn_transf_vector[3]      ? 
_atom_sites.fract_transf_matrix[1][1]   0.00511505 
_atom_sites.fract_transf_matrix[1][2]   -0.00199214 
_atom_sites.fract_transf_matrix[1][3]   -0.01000598 
_atom_sites.fract_transf_matrix[2][1]   -0.00271337 
_atom_sites.fract_transf_matrix[2][2]   -0.00929234 
_atom_sites.fract_transf_matrix[2][3]   -0.00604538 
_atom_sites.fract_transf_matrix[3][1]   -0.01549533 
_atom_sites.fract_transf_matrix[3][2]   0.01111808 
_atom_sites.fract_transf_matrix[3][3]   -0.01013476 
_atom_sites.fract_transf_vector[1]      0.224210 
_atom_sites.fract_transf_vector[2]      0.162848 
_atom_sites.fract_transf_vector[3]      0.337923 
_atom_sites.solution_primary            ? 
_atom_sites.solution_secondary          ? 
_atom_sites.solution_hydrogens          ? 
_atom_sites.special_details             ? 
# 
loop_
_atom_type.symbol 
C  
H  
N  
O  
P  
S  
ZN 
# 
loop_
_atom_site.group_PDB 
_atom_site.id 
_atom_site.type_symbol 
_atom_site.label_atom_id 
_atom_site.label_alt_id 
_atom_site.label_comp_id 
_atom_site.label_asym_id 
_atom_site.label_entity_id 
_atom_site.label_seq_id 
_atom_site.pdbx_PDB_ins_code 
_atom_site.Cartn_x 
_atom_site.Cartn_y 
_atom_site.Cartn_z 
_atom_site.occupancy 
_atom_site.B_iso_or_equiv 
_atom_site.pdbx_formal_charge 
_atom_site.auth_seq_id 
_atom_site.auth_comp_id 
_atom_site.auth_asym_id 
_atom_site.auth_atom_id 
_atom_site.pdbx_PDB_model_num 
ATOM   1   N  N    . LEU A 1 1  ? -1.252  -5.624  15.760  1.00 43.41 ? -2  LEU A N    1 
ATOM   2   C  CA   . LEU A 1 1  ? -0.632  -4.738  14.782  1.00 43.07 ? -2  LEU A CA   1 
ATOM   3   C  C    . LEU A 1 1  ? -1.728  -4.043  13.965  1.00 40.82 ? -2  LEU A C    1 
ATOM   4   O  O    . LEU A 1 1  ? -2.677  -4.703  13.550  1.00 41.30 ? -2  LEU A O    1 
ATOM   5   C  CB   . LEU A 1 1  ? 0.256   -5.573  13.864  1.00 44.39 ? -2  LEU A CB   1 
ATOM   6   C  CG   . LEU A 1 1  ? 1.033   -4.817  12.802  1.00 47.35 ? -2  LEU A CG   1 
ATOM   7   C  CD1  . LEU A 1 1  ? 2.168   -4.020  13.427  1.00 48.43 ? -2  LEU A CD1  1 
ATOM   8   C  CD2  . LEU A 1 1  ? 1.603   -5.775  11.788  1.00 48.32 ? -2  LEU A CD2  1 
ATOM   9   N  N    . SER A 1 2  ? -1.633  -2.721  13.772  1.00 38.14 ? -1  SER A N    1 
ATOM   10  C  CA   . SER A 1 2  ? -2.641  -2.005  12.983  1.00 36.07 ? -1  SER A CA   1 
ATOM   11  C  C    . SER A 1 2  ? -2.061  -1.274  11.762  1.00 33.81 ? -1  SER A C    1 
ATOM   12  O  O    . SER A 1 2  ? -2.820  -0.591  11.087  1.00 33.07 ? -1  SER A O    1 
ATOM   13  C  CB   . SER A 1 2  ? -3.444  -1.041  13.857  1.00 36.93 ? -1  SER A CB   1 
ATOM   14  O  OG   . SER A 1 2  ? -2.547  -0.068  14.359  1.00 37.88 ? -1  SER A OG   1 
ATOM   15  N  N    . LYS A 1 3  ? -0.726  -1.355  11.525  1.00 32.74 ? 1   LYS A N    1 
ATOM   16  C  CA   . LYS A 1 3  ? -0.035  -0.813  10.341  1.00 32.67 ? 1   LYS A CA   1 
ATOM   17  C  C    . LYS A 1 3  ? 0.569   -2.029  9.628   1.00 31.23 ? 1   LYS A C    1 
ATOM   18  O  O    . LYS A 1 3  ? 1.293   -2.809  10.252  1.00 30.57 ? 1   LYS A O    1 
ATOM   19  C  CB   . LYS A 1 3  ? 1.084   0.153   10.708  1.00 35.92 ? 1   LYS A CB   1 
ATOM   20  C  CG   . LYS A 1 3  ? 0.685   1.605   10.552  1.00 41.97 ? 1   LYS A CG   1 
ATOM   21  C  CD   . LYS A 1 3  ? 1.878   2.539   10.714  1.00 47.75 ? 1   LYS A CD   1 
ATOM   22  C  CE   . LYS A 1 3  ? 2.357   3.050   9.384   1.00 53.27 ? 1   LYS A CE   1 
ATOM   23  N  NZ   . LYS A 1 3  ? 3.565   3.919   9.521   1.00 56.94 ? 1   LYS A NZ   1 
ATOM   24  N  N    . PHE A 1 4  ? 0.260   -2.202  8.347   1.00 29.10 ? 2   PHE A N    1 
ATOM   25  C  CA   . PHE A 1 4  ? 0.679   -3.392  7.594   1.00 28.67 ? 2   PHE A CA   1 
ATOM   26  C  C    . PHE A 1 4  ? 1.540   -3.039  6.409   1.00 29.22 ? 2   PHE A C    1 
ATOM   27  O  O    . PHE A 1 4  ? 1.254   -2.082  5.716   1.00 30.40 ? 2   PHE A O    1 
ATOM   28  C  CB   . PHE A 1 4  ? -0.557  -4.151  7.096   1.00 26.96 ? 2   PHE A CB   1 
ATOM   29  C  CG   . PHE A 1 4  ? -1.559  -4.468  8.183   1.00 26.00 ? 2   PHE A CG   1 
ATOM   30  C  CD1  . PHE A 1 4  ? -1.259  -5.377  9.178   1.00 26.33 ? 2   PHE A CD1  1 
ATOM   31  C  CD2  . PHE A 1 4  ? -2.790  -3.830  8.222   1.00 25.76 ? 2   PHE A CD2  1 
ATOM   32  C  CE1  . PHE A 1 4  ? -2.179  -5.672  10.176  1.00 26.43 ? 2   PHE A CE1  1 
ATOM   33  C  CE2  . PHE A 1 4  ? -3.709  -4.118  9.229   1.00 26.79 ? 2   PHE A CE2  1 
ATOM   34  C  CZ   . PHE A 1 4  ? -3.398  -5.045  10.197  1.00 26.79 ? 2   PHE A CZ   1 
ATOM   35  N  N    . GLY A 1 5  ? 2.575   -3.823  6.167   1.00 29.89 ? 3   GLY A N    1 
ATOM   36  C  CA   . GLY A 1 5  ? 3.468   -3.576  5.039   1.00 29.90 ? 3   GLY A CA   1 
ATOM   37  C  C    . GLY A 1 5  ? 3.173   -4.477  3.868   1.00 28.85 ? 3   GLY A C    1 
ATOM   38  O  O    . GLY A 1 5  ? 2.591   -5.558  4.021   1.00 29.43 ? 3   GLY A O    1 
ATOM   39  N  N    . GLY A 1 6  ? 3.565   -4.023  2.685   1.00 28.81 ? 4   GLY A N    1 
ATOM   40  C  CA   . GLY A 1 6  ? 3.345   -4.813  1.484   1.00 28.54 ? 4   GLY A CA   1 
ATOM   41  C  C    . GLY A 1 6  ? 4.027   -4.222  0.284   1.00 28.10 ? 4   GLY A C    1 
ATOM   42  O  O    . GLY A 1 6  ? 4.961   -3.434  0.419   1.00 27.35 ? 4   GLY A O    1 
ATOM   43  N  N    . GLU A 1 7  ? 3.541   -4.603  -0.916  1.00 28.11 ? 5   GLU A N    1 
ATOM   44  C  CA   . GLU A 1 7  ? 4.098   -4.128  -2.186  1.00 27.74 ? 5   GLU A CA   1 
ATOM   45  C  C    . GLU A 1 7  ? 2.980   -3.548  -3.053  1.00 25.50 ? 5   GLU A C    1 
ATOM   46  O  O    . GLU A 1 7  ? 1.887   -4.114  -3.054  1.00 25.54 ? 5   GLU A O    1 
ATOM   47  C  CB   . GLU A 1 7  ? 4.727   -5.311  -2.949  1.00 31.67 ? 5   GLU A CB   1 
ATOM   48  C  CG   . GLU A 1 7  ? 5.632   -6.185  -2.092  1.00 42.58 ? 5   GLU A CG   1 
ATOM   49  C  CD   . GLU A 1 7  ? 6.888   -5.505  -1.591  1.00 56.28 ? 5   GLU A CD   1 
ATOM   50  O  OE1  . GLU A 1 7  ? 7.485   -6.012  -0.611  1.00 61.09 ? 5   GLU A OE1  1 
ATOM   51  O  OE2  . GLU A 1 7  ? 7.285   -4.472  -2.177  1.00 60.46 ? 5   GLU A OE2  1 
ATOM   52  N  N    . CYS A 1 8  ? 3.265   -2.482  -3.818  1.00 25.67 ? 6   CYS A N    1 
ATOM   53  C  CA   . CYS A 1 8  ? 2.248   -1.899  -4.702  1.00 27.04 ? 6   CYS A CA   1 
ATOM   54  C  C    . CYS A 1 8  ? 2.387   -2.356  -6.160  1.00 28.68 ? 6   CYS A C    1 
ATOM   55  O  O    . CYS A 1 8  ? 3.468   -2.732  -6.604  1.00 30.00 ? 6   CYS A O    1 
ATOM   56  C  CB   . CYS A 1 8  ? 2.114   -0.376  -4.586  1.00 27.89 ? 6   CYS A CB   1 
ATOM   57  S  SG   . CYS A 1 8  ? 3.463   0.611   -5.297  1.00 33.31 ? 6   CYS A SG   1 
ATOM   58  N  N    . SER A 1 9  ? 1.255   -2.383  -6.861  1.00 27.73 ? 7   SER A N    1 
ATOM   59  C  CA   . SER A 1 9  ? 1.173   -2.753  -8.277  1.00 27.79 ? 7   SER A CA   1 
ATOM   60  C  C    . SER A 1 9  ? 1.131   -1.455  -9.060  1.00 28.76 ? 7   SER A C    1 
ATOM   61  O  O    . SER A 1 9  ? 0.271   -0.597  -8.809  1.00 28.56 ? 7   SER A O    1 
ATOM   62  C  CB   . SER A 1 9  ? -0.097  -3.545  -8.556  1.00 29.39 ? 7   SER A CB   1 
ATOM   63  O  OG   . SER A 1 9  ? -0.280  -3.758  -9.950  1.00 31.73 ? 7   SER A OG   1 
ATOM   64  N  N    . LEU A 1 10 ? 2.067   -1.288  -10.012 1.00 28.14 ? 8   LEU A N    1 
ATOM   65  C  CA   . LEU A 1 10 ? 2.087   -0.066  -10.811 1.00 28.61 ? 8   LEU A CA   1 
ATOM   66  C  C    . LEU A 1 10 ? 0.862   -0.048  -11.745 1.00 27.81 ? 8   LEU A C    1 
ATOM   67  O  O    . LEU A 1 10 ? 0.210   0.990   -11.889 1.00 28.18 ? 8   LEU A O    1 
ATOM   68  C  CB   . LEU A 1 10 ? 3.397   0.007   -11.620 1.00 30.17 ? 8   LEU A CB   1 
ATOM   69  C  CG   . LEU A 1 10 ? 3.479   1.100   -12.673 1.00 31.92 ? 8   LEU A CG   1 
ATOM   70  C  CD1  . LEU A 1 10 ? 3.572   2.476   -12.045 1.00 32.59 ? 8   LEU A CD1  1 
ATOM   71  C  CD2  . LEU A 1 10 ? 4.681   0.880   -13.582 1.00 33.16 ? 8   LEU A CD2  1 
ATOM   72  N  N    . LYS A 1 11 ? 0.531   -1.200  -12.347 1.00 27.83 ? 9   LYS A N    1 
ATOM   73  C  CA   . LYS A 1 11 ? -0.572  -1.315  -13.301 1.00 29.04 ? 9   LYS A CA   1 
ATOM   74  C  C    . LYS A 1 11 ? -1.951  -1.211  -12.630 1.00 29.21 ? 9   LYS A C    1 
ATOM   75  O  O    . LYS A 1 11 ? -2.840  -0.541  -13.169 1.00 28.92 ? 9   LYS A O    1 
ATOM   76  C  CB   . LYS A 1 11 ? -0.413  -2.616  -14.117 1.00 31.06 ? 9   LYS A CB   1 
ATOM   77  C  CG   . LYS A 1 11 ? -1.631  -3.194  -14.795 1.00 36.45 ? 9   LYS A CG   1 
ATOM   78  C  CD   . LYS A 1 11 ? -1.204  -4.442  -15.578 1.00 42.72 ? 9   LYS A CD   1 
ATOM   79  C  CE   . LYS A 1 11 ? -2.354  -5.274  -16.064 1.00 48.36 ? 9   LYS A CE   1 
ATOM   80  N  NZ   . LYS A 1 11 ? -1.872  -6.364  -16.961 1.00 51.58 ? 9   LYS A NZ   1 
ATOM   81  N  N    . HIS A 1 12 ? -2.110  -1.825  -11.448 1.00 28.48 ? 10  HIS A N    1 
ATOM   82  C  CA   . HIS A 1 12 ? -3.408  -1.802  -10.735 1.00 28.45 ? 10  HIS A CA   1 
ATOM   83  C  C    . HIS A 1 12 ? -3.572  -0.681  -9.705  1.00 27.32 ? 10  HIS A C    1 
ATOM   84  O  O    . HIS A 1 12 ? -4.703  -0.459  -9.239  1.00 26.52 ? 10  HIS A O    1 
ATOM   85  C  CB   . HIS A 1 12 ? -3.691  -3.146  -10.072 1.00 30.17 ? 10  HIS A CB   1 
ATOM   86  C  CG   . HIS A 1 12 ? -3.682  -4.272  -11.053 1.00 36.18 ? 10  HIS A CG   1 
ATOM   87  N  ND1  . HIS A 1 12 ? -4.433  -4.218  -12.207 1.00 39.17 ? 10  HIS A ND1  1 
ATOM   88  C  CD2  . HIS A 1 12 ? -3.011  -5.445  -11.019 1.00 38.74 ? 10  HIS A CD2  1 
ATOM   89  C  CE1  . HIS A 1 12 ? -4.194  -5.356  -12.846 1.00 39.97 ? 10  HIS A CE1  1 
ATOM   90  N  NE2  . HIS A 1 12 ? -3.334  -6.118  -12.181 1.00 39.81 ? 10  HIS A NE2  1 
ATOM   91  N  N    . ASN A 1 13 ? -2.480  -0.014  -9.347  1.00 25.30 ? 11  ASN A N    1 
ATOM   92  C  CA   . ASN A 1 13 ? -2.455  1.097   -8.390  1.00 24.52 ? 11  ASN A CA   1 
ATOM   93  C  C    . ASN A 1 13 ? -2.983  0.650   -7.045  1.00 25.77 ? 11  ASN A C    1 
ATOM   94  O  O    . ASN A 1 13 ? -3.797  1.341   -6.429  1.00 26.57 ? 11  ASN A O    1 
ATOM   95  C  CB   . ASN A 1 13 ? -3.200  2.365   -8.898  1.00 24.28 ? 11  ASN A CB   1 
ATOM   96  C  CG   . ASN A 1 13 ? -2.869  3.584   -8.063  1.00 26.51 ? 11  ASN A CG   1 
ATOM   97  O  OD1  . ASN A 1 13 ? -1.804  3.665   -7.492  1.00 26.40 ? 11  ASN A OD1  1 
ATOM   98  N  ND2  . ASN A 1 13 ? -3.783  4.526   -7.934  1.00 28.00 ? 11  ASN A ND2  1 
ATOM   99  N  N    . THR A 1 14 ? -2.542  -0.527  -6.594  1.00 25.27 ? 12  THR A N    1 
ATOM   100 C  CA   . THR A 1 14 ? -3.019  -1.079  -5.327  1.00 25.40 ? 12  THR A CA   1 
ATOM   101 C  C    . THR A 1 14 ? -1.850  -1.489  -4.443  1.00 25.08 ? 12  THR A C    1 
ATOM   102 O  O    . THR A 1 14 ? -0.757  -1.681  -4.941  1.00 25.36 ? 12  THR A O    1 
ATOM   103 C  CB   . THR A 1 14 ? -3.892  -2.316  -5.591  1.00 27.62 ? 12  THR A CB   1 
ATOM   104 O  OG1  . THR A 1 14 ? -3.160  -3.268  -6.385  1.00 28.53 ? 12  THR A OG1  1 
ATOM   105 C  CG2  . THR A 1 14 ? -5.219  -1.972  -6.285  1.00 28.63 ? 12  THR A CG2  1 
ATOM   106 N  N    . CYS A 1 15 ? -2.088  -1.585  -3.127  1.00 23.47 ? 13  CYS A N    1 
ATOM   107 C  CA   . CYS A 1 15 ? -1.153  -2.052  -2.097  1.00 23.94 ? 13  CYS A CA   1 
ATOM   108 C  C    . CYS A 1 15 ? -1.602  -3.404  -1.611  1.00 23.53 ? 13  CYS A C    1 
ATOM   109 O  O    . CYS A 1 15 ? -2.711  -3.526  -1.075  1.00 22.64 ? 13  CYS A O    1 
ATOM   110 C  CB   . CYS A 1 15 ? -1.087  -1.065  -0.928  1.00 24.16 ? 13  CYS A CB   1 
ATOM   111 S  SG   . CYS A 1 15 ? 0.025   -1.608  0.403   1.00 25.73 ? 13  CYS A SG   1 
ATOM   112 N  N    . THR A 1 16 ? -0.773  -4.451  -1.788  1.00 24.36 ? 14  THR A N    1 
ATOM   113 C  CA   . THR A 1 16 ? -1.124  -5.784  -1.319  1.00 24.29 ? 14  THR A CA   1 
ATOM   114 C  C    . THR A 1 16 ? -0.293  -6.036  -0.091  1.00 24.51 ? 14  THR A C    1 
ATOM   115 O  O    . THR A 1 16 ? 0.927   -6.032  -0.180  1.00 24.94 ? 14  THR A O    1 
ATOM   116 C  CB   . THR A 1 16 ? -0.891  -6.865  -2.386  1.00 26.82 ? 14  THR A CB   1 
ATOM   117 O  OG1  . THR A 1 16 ? -1.835  -6.668  -3.443  1.00 28.13 ? 14  THR A OG1  1 
ATOM   118 C  CG2  . THR A 1 16 ? -1.066  -8.244  -1.821  1.00 27.96 ? 14  THR A CG2  1 
ATOM   119 N  N    . TYR A 1 17 ? -0.950  -6.118  1.054   1.00 24.28 ? 15  TYR A N    1 
ATOM   120 C  CA   . TYR A 1 17 ? -0.255  -6.251  2.340   1.00 24.36 ? 15  TYR A CA   1 
ATOM   121 C  C    . TYR A 1 17 ? -0.619  -7.515  3.075   1.00 24.35 ? 15  TYR A C    1 
ATOM   122 O  O    . TYR A 1 17 ? -1.704  -8.057  2.914   1.00 23.34 ? 15  TYR A O    1 
ATOM   123 C  CB   . TYR A 1 17 ? -0.602  -5.035  3.249   1.00 23.68 ? 15  TYR A CB   1 
ATOM   124 C  CG   . TYR A 1 17 ? -2.085  -4.867  3.483   1.00 22.46 ? 15  TYR A CG   1 
ATOM   125 C  CD1  . TYR A 1 17 ? -2.875  -4.176  2.579   1.00 23.04 ? 15  TYR A CD1  1 
ATOM   126 C  CD2  . TYR A 1 17 ? -2.687  -5.327  4.650   1.00 21.71 ? 15  TYR A CD2  1 
ATOM   127 C  CE1  . TYR A 1 17 ? -4.234  -4.048  2.767   1.00 23.02 ? 15  TYR A CE1  1 
ATOM   128 C  CE2  . TYR A 1 17 ? -4.059  -5.222  4.841   1.00 21.68 ? 15  TYR A CE2  1 
ATOM   129 C  CZ   . TYR A 1 17 ? -4.817  -4.504  3.932   1.00 22.69 ? 15  TYR A CZ   1 
ATOM   130 O  OH   . TYR A 1 17 ? -6.170  -4.368  4.080   1.00 23.48 ? 15  TYR A OH   1 
ATOM   131 N  N    . LEU A 1 18 ? 0.265   -7.940  4.008   1.00 25.53 ? 16  LEU A N    1 
ATOM   132 C  CA   . LEU A 1 18 ? 0.006   -9.096  4.839   1.00 26.97 ? 16  LEU A CA   1 
ATOM   133 C  C    . LEU A 1 18 ? -0.699  -8.693  6.135   1.00 26.48 ? 16  LEU A C    1 
ATOM   134 O  O    . LEU A 1 18 ? -0.240  -7.773  6.816   1.00 26.00 ? 16  LEU A O    1 
ATOM   135 C  CB   . LEU A 1 18 ? 1.353   -9.743  5.235   1.00 28.61 ? 16  LEU A CB   1 
ATOM   136 C  CG   . LEU A 1 18 ? 1.897   -10.887 4.376   1.00 32.33 ? 16  LEU A CG   1 
ATOM   137 C  CD1  . LEU A 1 18 ? 3.111   -11.559 5.079   1.00 33.34 ? 16  LEU A CD1  1 
ATOM   138 C  CD2  . LEU A 1 18 ? 0.829   -11.941 4.112   1.00 33.88 ? 16  LEU A CD2  1 
ATOM   139 N  N    . LYS A 1 19 ? -1.812  -9.360  6.460   1.00 25.95 ? 17  LYS A N    1 
ATOM   140 C  CA   . LYS A 1 19 ? -2.549  -9.183  7.726   1.00 26.49 ? 17  LYS A CA   1 
ATOM   141 C  C    . LYS A 1 19 ? -3.032  -10.565 8.145   1.00 28.42 ? 17  LYS A C    1 
ATOM   142 O  O    . LYS A 1 19 ? -3.723  -11.231 7.370   1.00 28.62 ? 17  LYS A O    1 
ATOM   143 C  CB   . LYS A 1 19 ? -3.744  -8.236  7.578   1.00 25.43 ? 17  LYS A CB   1 
ATOM   144 C  CG   . LYS A 1 19 ? -4.680  -8.205  8.807   1.00 26.27 ? 17  LYS A CG   1 
ATOM   145 C  CD   . LYS A 1 19 ? -5.860  -7.275  8.544   1.00 25.80 ? 17  LYS A CD   1 
ATOM   146 C  CE   . LYS A 1 19 ? -6.820  -7.216  9.722   1.00 28.39 ? 17  LYS A CE   1 
ATOM   147 N  NZ   . LYS A 1 19 ? -7.976  -6.301  9.482   1.00 30.46 ? 17  LYS A NZ   1 
ATOM   148 N  N    . GLY A 1 20 ? -2.646  -11.011 9.340   1.00 29.10 ? 18  GLY A N    1 
ATOM   149 C  CA   . GLY A 1 20 ? -3.000  -12.353 9.781   1.00 30.28 ? 18  GLY A CA   1 
ATOM   150 C  C    . GLY A 1 20 ? -2.381  -13.435 8.907   1.00 30.24 ? 18  GLY A C    1 
ATOM   151 O  O    . GLY A 1 20 ? -2.964  -14.517 8.750   1.00 31.76 ? 18  GLY A O    1 
ATOM   152 N  N    . GLY A 1 21 ? -1.225  -13.132 8.316   1.00 28.94 ? 19  GLY A N    1 
ATOM   153 C  CA   . GLY A 1 21 ? -0.479  -14.048 7.461   1.00 29.58 ? 19  GLY A CA   1 
ATOM   154 C  C    . GLY A 1 21 ? -1.039  -14.251 6.065   1.00 29.86 ? 19  GLY A C    1 
ATOM   155 O  O    . GLY A 1 21 ? -0.518  -15.069 5.314   1.00 29.97 ? 19  GLY A O    1 
ATOM   156 N  N    . LYS A 1 22 ? -2.046  -13.451 5.669   1.00 29.44 ? 20  LYS A N    1 
ATOM   157 C  CA   . LYS A 1 22 ? -2.649  -13.570 4.336   1.00 29.58 ? 20  LYS A CA   1 
ATOM   158 C  C    . LYS A 1 22 ? -2.678  -12.231 3.599   1.00 29.60 ? 20  LYS A C    1 
ATOM   159 O  O    . LYS A 1 22 ? -2.719  -11.175 4.233   1.00 28.65 ? 20  LYS A O    1 
ATOM   160 C  CB   . LYS A 1 22 ? -4.067  -14.134 4.452   1.00 31.23 ? 20  LYS A CB   1 
ATOM   161 C  CG   . LYS A 1 22 ? -4.079  -15.596 4.906   1.00 35.29 ? 20  LYS A CG   1 
ATOM   162 C  CD   . LYS A 1 22 ? -5.475  -16.125 5.140   1.00 40.05 ? 20  LYS A CD   1 
ATOM   163 C  CE   . LYS A 1 22 ? -6.047  -16.730 3.889   1.00 45.03 ? 20  LYS A CE   1 
ATOM   164 N  NZ   . LYS A 1 22 ? -7.032  -17.805 4.208   1.00 47.59 ? 20  LYS A NZ   1 
ATOM   165 N  N    . ASN A 1 23 ? -2.675  -12.273 2.255   1.00 29.05 ? 21  ASN A N    1 
ATOM   166 C  CA   . ASN A 1 23 ? -2.703  -11.069 1.438   1.00 28.70 ? 21  ASN A CA   1 
ATOM   167 C  C    . ASN A 1 23 ? -4.065  -10.381 1.422   1.00 26.05 ? 21  ASN A C    1 
ATOM   168 O  O    . ASN A 1 23 ? -5.098  -11.016 1.318   1.00 26.07 ? 21  ASN A O    1 
ATOM   169 C  CB   . ASN A 1 23 ? -2.266  -11.391 -0.012  1.00 31.31 ? 21  ASN A CB   1 
ATOM   170 C  CG   . ASN A 1 23 ? -0.799  -11.670 -0.215  1.00 35.48 ? 21  ASN A CG   1 
ATOM   171 O  OD1  . ASN A 1 23 ? -0.419  -12.571 -0.983  1.00 40.84 ? 21  ASN A OD1  1 
ATOM   172 N  ND2  . ASN A 1 23 ? 0.063   -10.918 0.426   1.00 33.51 ? 21  ASN A ND2  1 
ATOM   173 N  N    . HIS A 1 24 ? -4.048  -9.053  1.597   1.00 24.00 ? 22  HIS A N    1 
ATOM   174 C  CA   . HIS A 1 24 ? -5.210  -8.179  1.535   1.00 23.61 ? 22  HIS A CA   1 
ATOM   175 C  C    . HIS A 1 24 ? -4.881  -7.028  0.593   1.00 22.42 ? 22  HIS A C    1 
ATOM   176 O  O    . HIS A 1 24 ? -3.717  -6.735  0.358   1.00 23.11 ? 22  HIS A O    1 
ATOM   177 C  CB   . HIS A 1 24 ? -5.598  -7.638  2.925   1.00 24.11 ? 22  HIS A CB   1 
ATOM   178 C  CG   . HIS A 1 24 ? -6.004  -8.687  3.917   1.00 22.86 ? 22  HIS A CG   1 
ATOM   179 N  ND1  . HIS A 1 24 ? -5.083  -9.605  4.422   1.00 23.30 ? 22  HIS A ND1  1 
ATOM   180 C  CD2  . HIS A 1 24 ? -7.190  -8.883  4.528   1.00 23.97 ? 22  HIS A CD2  1 
ATOM   181 C  CE1  . HIS A 1 24 ? -5.732  -10.290 5.338   1.00 22.42 ? 22  HIS A CE1  1 
ATOM   182 N  NE2  . HIS A 1 24 ? -7.007  -9.924  5.412   1.00 24.81 ? 22  HIS A NE2  1 
ATOM   183 N  N    . VAL A 1 25 ? -5.907  -6.363  0.039   1.00 22.10 ? 23  VAL A N    1 
ATOM   184 C  CA   . VAL A 1 25 ? -5.669  -5.320  -0.949  1.00 23.00 ? 23  VAL A CA   1 
ATOM   185 C  C    . VAL A 1 25 ? -6.376  -4.010  -0.609  1.00 21.15 ? 23  VAL A C    1 
ATOM   186 O  O    . VAL A 1 25 ? -7.537  -4.036  -0.223  1.00 21.49 ? 23  VAL A O    1 
ATOM   187 C  CB   . VAL A 1 25 ? -6.138  -5.757  -2.371  1.00 26.34 ? 23  VAL A CB   1 
ATOM   188 C  CG1  . VAL A 1 25 ? -5.531  -4.836  -3.435  1.00 28.27 ? 23  VAL A CG1  1 
ATOM   189 C  CG2  . VAL A 1 25 ? -5.777  -7.197  -2.668  1.00 28.55 ? 23  VAL A CG2  1 
ATOM   190 N  N    . VAL A 1 26 ? -5.680  -2.891  -0.762  1.00 19.98 ? 24  VAL A N    1 
ATOM   191 C  CA   . VAL A 1 26 ? -6.308  -1.545  -0.713  1.00 20.63 ? 24  VAL A CA   1 
ATOM   192 C  C    . VAL A 1 26 ? -5.812  -0.692  -1.907  1.00 21.61 ? 24  VAL A C    1 
ATOM   193 O  O    . VAL A 1 26 ? -4.707  -0.886  -2.375  1.00 23.48 ? 24  VAL A O    1 
ATOM   194 C  CB   . VAL A 1 26 ? -6.130  -0.765  0.601   1.00 21.82 ? 24  VAL A CB   1 
ATOM   195 C  CG1  . VAL A 1 26 ? -6.936  -1.406  1.728   1.00 22.75 ? 24  VAL A CG1  1 
ATOM   196 C  CG2  . VAL A 1 26 ? -4.654  -0.563  0.957   1.00 21.93 ? 24  VAL A CG2  1 
ATOM   197 N  N    . ASN A 1 27 ? -6.640  0.248   -2.420  1.00 20.74 ? 25  ASN A N    1 
ATOM   198 C  CA   . ASN A 1 27 ? -6.200  1.122   -3.500  1.00 22.38 ? 25  ASN A CA   1 
ATOM   199 C  C    . ASN A 1 27 ? -5.233  2.175   -2.951  1.00 22.56 ? 25  ASN A C    1 
ATOM   200 O  O    . ASN A 1 27 ? -5.460  2.682   -1.860  1.00 23.25 ? 25  ASN A O    1 
ATOM   201 C  CB   . ASN A 1 27 ? -7.393  1.840   -4.111  1.00 23.96 ? 25  ASN A CB   1 
ATOM   202 C  CG   . ASN A 1 27 ? -7.061  2.322   -5.477  1.00 32.14 ? 25  ASN A CG   1 
ATOM   203 O  OD1  . ASN A 1 27 ? -7.189  1.570   -6.469  1.00 35.03 ? 25  ASN A OD1  1 
ATOM   204 N  ND2  . ASN A 1 27 ? -6.615  3.575   -5.559  1.00 33.29 ? 25  ASN A ND2  1 
ATOM   205 N  N    . CYS A 1 28 ? -4.194  2.540   -3.713  1.00 22.35 ? 26  CYS A N    1 
ATOM   206 C  CA   . CYS A 1 28 ? -3.207  3.531   -3.308  1.00 23.81 ? 26  CYS A CA   1 
ATOM   207 C  C    . CYS A 1 28 ? -3.739  4.949   -3.175  1.00 26.13 ? 26  CYS A C    1 
ATOM   208 O  O    . CYS A 1 28 ? -3.219  5.745   -2.384  1.00 27.33 ? 26  CYS A O    1 
ATOM   209 C  CB   . CYS A 1 28 ? -2.030  3.512   -4.285  1.00 25.12 ? 26  CYS A CB   1 
ATOM   210 S  SG   . CYS A 1 28 ? -0.984  2.040   -4.164  1.00 27.22 ? 26  CYS A SG   1 
ATOM   211 N  N    . GLY A 1 29 ? -4.651  5.296   -4.060  1.00 26.67 ? 27  GLY A N    1 
ATOM   212 C  CA   . GLY A 1 29 ? -5.082  6.682   -4.219  1.00 27.56 ? 27  GLY A CA   1 
ATOM   213 C  C    . GLY A 1 29 ? -4.581  7.197   -5.569  1.00 28.49 ? 27  GLY A C    1 
ATOM   214 O  O    . GLY A 1 29 ? -3.573  6.716   -6.071  1.00 27.61 ? 27  GLY A O    1 
ATOM   215 N  N    . SER A 1 30 ? -5.306  8.130   -6.187  1.00 29.00 ? 28  SER A N    1 
ATOM   216 C  CA   . SER A 1 30 ? -5.026  8.643   -7.537  1.00 30.72 ? 28  SER A CA   1 
ATOM   217 C  C    . SER A 1 30 ? -4.127  9.870   -7.615  1.00 31.28 ? 28  SER A C    1 
ATOM   218 O  O    . SER A 1 30 ? -3.625  10.182  -8.713  1.00 31.29 ? 28  SER A O    1 
ATOM   219 C  CB   . SER A 1 30 ? -6.341  9.017   -8.206  1.00 33.28 ? 28  SER A CB   1 
ATOM   220 O  OG   . SER A 1 30 ? -7.041  7.861   -8.615  1.00 39.05 ? 28  SER A OG   1 
ATOM   221 N  N    . ALA A 1 31 ? -3.978  10.600  -6.523  1.00 30.99 ? 29  ALA A N    1 
ATOM   222 C  CA   . ALA A 1 31 ? -3.163  11.827  -6.511  1.00 32.00 ? 29  ALA A CA   1 
ATOM   223 C  C    . ALA A 1 31 ? -1.688  11.575  -6.827  1.00 32.84 ? 29  ALA A C    1 
ATOM   224 O  O    . ALA A 1 31 ? -1.199  10.463  -6.654  1.00 32.23 ? 29  ALA A O    1 
ATOM   225 C  CB   . ALA A 1 31 ? -3.299  12.540  -5.169  1.00 32.19 ? 29  ALA A CB   1 
ATOM   226 N  N    . ALA A 1 32 ? -0.969  12.618  -7.283  1.00 34.18 ? 30  ALA A N    1 
ATOM   227 C  CA   . ALA A 1 32 ? 0.437   12.508  -7.656  1.00 35.57 ? 30  ALA A CA   1 
ATOM   228 C  C    . ALA A 1 32 ? 1.311   11.966  -6.525  1.00 35.64 ? 30  ALA A C    1 
ATOM   229 O  O    . ALA A 1 32 ? 2.196   11.160  -6.777  1.00 35.71 ? 30  ALA A O    1 
ATOM   230 C  CB   . ALA A 1 32 ? 0.957   13.856  -8.128  1.00 36.21 ? 30  ALA A CB   1 
ATOM   231 N  N    . ASN A 1 33 ? 1.055   12.389  -5.288  1.00 35.61 ? 31  ASN A N    1 
ATOM   232 C  CA   . ASN A 1 33 ? 1.834   11.928  -4.137  1.00 36.20 ? 31  ASN A CA   1 
ATOM   233 C  C    . ASN A 1 33 ? 1.340   10.622  -3.514  1.00 35.22 ? 31  ASN A C    1 
ATOM   234 O  O    . ASN A 1 33 ? 1.952   10.145  -2.562  1.00 35.53 ? 31  ASN A O    1 
ATOM   235 C  CB   . ASN A 1 33 ? 1.875   13.006  -3.065  1.00 39.01 ? 31  ASN A CB   1 
ATOM   236 C  CG   . ASN A 1 33 ? 0.507   13.365  -2.559  1.00 44.07 ? 31  ASN A CG   1 
ATOM   237 O  OD1  . ASN A 1 33 ? -0.408  13.695  -3.337  1.00 45.69 ? 31  ASN A OD1  1 
ATOM   238 N  ND2  . ASN A 1 33 ? 0.334   13.299  -1.247  1.00 45.00 ? 31  ASN A ND2  1 
ATOM   239 N  N    . LYS A 1 34 ? 0.255   10.050  -4.031  1.00 33.54 ? 32  LYS A N    1 
ATOM   240 C  CA   . LYS A 1 34 ? -0.308  8.812   -3.483  1.00 33.00 ? 32  LYS A CA   1 
ATOM   241 C  C    . LYS A 1 34 ? -0.169  7.562   -4.356  1.00 31.09 ? 32  LYS A C    1 
ATOM   242 O  O    . LYS A 1 34 ? 0.044   6.475   -3.811  1.00 30.38 ? 32  LYS A O    1 
ATOM   243 C  CB   . LYS A 1 34 ? -1.793  9.017   -3.150  1.00 34.71 ? 32  LYS A CB   1 
ATOM   244 C  CG   . LYS A 1 34 ? -2.043  10.194  -2.204  1.00 38.88 ? 32  LYS A CG   1 
ATOM   245 C  CD   . LYS A 1 34 ? -1.356  10.037  -0.845  1.00 42.86 ? 32  LYS A CD   1 
ATOM   246 C  CE   . LYS A 1 34 ? -2.024  9.009   0.022   1.00 47.91 ? 32  LYS A CE   1 
ATOM   247 N  NZ   . LYS A 1 34 ? -1.367  8.893   1.357   1.00 51.23 ? 32  LYS A NZ   1 
ATOM   248 N  N    . LYS A 1 35 ? -0.358  7.684   -5.677  1.00 29.61 ? 33  LYS A N    1 
ATOM   249 C  CA   . LYS A 1 35 ? -0.338  6.524   -6.550  1.00 29.97 ? 33  LYS A CA   1 
ATOM   250 C  C    . LYS A 1 35 ? 0.973   5.713   -6.536  1.00 29.89 ? 33  LYS A C    1 
ATOM   251 O  O    . LYS A 1 35 ? 2.042   6.233   -6.209  1.00 30.37 ? 33  LYS A O    1 
ATOM   252 C  CB   . LYS A 1 35 ? -0.717  6.905   -8.000  1.00 31.64 ? 33  LYS A CB   1 
ATOM   253 C  CG   . LYS A 1 35 ? 0.287   7.821   -8.685  1.00 36.56 ? 33  LYS A CG   1 
ATOM   254 C  CD   . LYS A 1 35 ? -0.346  8.457   -9.939  1.00 41.82 ? 33  LYS A CD   1 
ATOM   255 C  CE   . LYS A 1 35 ? 0.615   9.345   -10.693 1.00 45.82 ? 33  LYS A CE   1 
ATOM   256 N  NZ   . LYS A 1 35 ? -0.077  10.038  -11.815 1.00 48.61 ? 33  LYS A NZ   1 
ATOM   257 N  N    . CYS A 1 36 ? 0.875   4.433   -6.876  1.00 29.33 ? 34  CYS A N    1 
ATOM   258 C  CA   . CYS A 1 36 ? 2.043   3.569   -7.002  1.00 30.67 ? 34  CYS A CA   1 
ATOM   259 C  C    . CYS A 1 36 ? 2.823   4.077   -8.250  1.00 32.59 ? 34  CYS A C    1 
ATOM   260 O  O    . CYS A 1 36 ? 2.217   4.184   -9.306  1.00 32.73 ? 34  CYS A O    1 
ATOM   261 C  CB   . CYS A 1 36 ? 1.586   2.125   -7.186  1.00 30.75 ? 34  CYS A CB   1 
ATOM   262 S  SG   . CYS A 1 36 ? 2.931   0.909   -7.275  1.00 32.41 ? 34  CYS A SG   1 
ATOM   263 N  N    . LYS A 1 37 ? 4.093   4.499   -8.094  1.00 33.69 ? 35  LYS A N    1 
ATOM   264 C  CA   . LYS A 1 37 ? 4.911   5.028   -9.199  1.00 35.74 ? 35  LYS A CA   1 
ATOM   265 C  C    . LYS A 1 37 ? 5.976   4.044   -9.717  1.00 37.21 ? 35  LYS A C    1 
ATOM   266 O  O    . LYS A 1 37 ? 6.479   4.203   -10.834 1.00 37.33 ? 35  LYS A O    1 
ATOM   267 C  CB   . LYS A 1 37 ? 5.549   6.372   -8.795  1.00 38.51 ? 35  LYS A CB   1 
ATOM   268 C  CG   . LYS A 1 37 ? 4.543   7.516   -8.755  1.00 43.32 ? 35  LYS A CG   1 
ATOM   269 C  CD   . LYS A 1 37 ? 5.216   8.871   -8.694  1.00 49.19 ? 35  LYS A CD   1 
ATOM   270 C  CE   . LYS A 1 37 ? 4.296   9.996   -9.124  1.00 54.85 ? 35  LYS A CE   1 
ATOM   271 N  NZ   . LYS A 1 37 ? 3.898   9.876   -10.559 1.00 58.54 ? 35  LYS A NZ   1 
ATOM   272 N  N    . SER A 1 38 ? 6.307   3.021   -8.925  1.00 37.32 ? 36  SER A N    1 
ATOM   273 C  CA   . SER A 1 38 ? 7.288   2.004   -9.297  1.00 38.11 ? 36  SER A CA   1 
ATOM   274 C  C    . SER A 1 38 ? 6.704   0.653   -8.980  1.00 37.37 ? 36  SER A C    1 
ATOM   275 O  O    . SER A 1 38 ? 6.161   0.463   -7.882  1.00 38.53 ? 36  SER A O    1 
ATOM   276 C  CB   . SER A 1 38 ? 8.581   2.199   -8.511  1.00 41.12 ? 36  SER A CB   1 
ATOM   277 O  OG   . SER A 1 38 ? 9.042   3.529   -8.662  1.00 45.70 ? 36  SER A OG   1 
ATOM   278 N  N    . ASP A 1 39 ? 6.779   -0.287  -9.924  1.00 35.25 ? 37  ASP A N    1 
ATOM   279 C  CA   . ASP A 1 39 ? 6.209   -1.600  -9.722  1.00 34.69 ? 37  ASP A CA   1 
ATOM   280 C  C    . ASP A 1 39 ? 6.899   -2.336  -8.578  1.00 35.42 ? 37  ASP A C    1 
ATOM   281 O  O    . ASP A 1 39 ? 8.127   -2.243  -8.451  1.00 34.71 ? 37  ASP A O    1 
ATOM   282 C  CB   . ASP A 1 39 ? 6.274   -2.439  -10.996 1.00 34.84 ? 37  ASP A CB   1 
ATOM   283 C  CG   . ASP A 1 39 ? 5.329   -3.599  -10.930 1.00 36.59 ? 37  ASP A CG   1 
ATOM   284 O  OD1  . ASP A 1 39 ? 4.193   -3.413  -10.421 1.00 34.67 ? 37  ASP A OD1  1 
ATOM   285 O  OD2  . ASP A 1 39 ? 5.691   -4.686  -11.420 1.00 40.28 ? 37  ASP A OD2  1 
ATOM   286 N  N    . ARG A 1 40 ? 6.086   -2.981  -7.722  1.00 35.56 ? 38  ARG A N    1 
ATOM   287 C  CA   . ARG A 1 40 ? 6.494   -3.767  -6.552  1.00 36.02 ? 38  ARG A CA   1 
ATOM   288 C  C    . ARG A 1 40 ? 7.147   -2.914  -5.441  1.00 35.54 ? 38  ARG A C    1 
ATOM   289 O  O    . ARG A 1 40 ? 7.762   -3.477  -4.537  1.00 35.83 ? 38  ARG A O    1 
ATOM   290 C  CB   . ARG A 1 40 ? 7.384   -4.960  -6.975  1.00 38.22 ? 38  ARG A CB   1 
ATOM   291 C  CG   . ARG A 1 40 ? 6.628   -5.959  -7.857  1.00 42.88 ? 38  ARG A CG   1 
ATOM   292 C  CD   . ARG A 1 40 ? 7.539   -6.833  -8.711  1.00 49.15 ? 38  ARG A CD   1 
ATOM   293 N  NE   . ARG A 1 40 ? 8.105   -7.954  -7.957  1.00 54.17 ? 38  ARG A NE   1 
ATOM   294 C  CZ   . ARG A 1 40 ? 7.513   -9.138  -7.819  1.00 57.94 ? 38  ARG A CZ   1 
ATOM   295 N  NH1  . ARG A 1 40 ? 6.329   -9.367  -8.375  1.00 58.28 ? 38  ARG A NH1  1 
ATOM   296 N  NH2  . ARG A 1 40 ? 8.099   -10.102 -7.119  1.00 57.96 ? 38  ARG A NH2  1 
ATOM   297 N  N    . HIS A 1 41 ? 6.972   -1.578  -5.472  1.00 34.19 ? 39  HIS A N    1 
ATOM   298 C  CA   . HIS A 1 41 ? 7.535   -0.682  -4.444  1.00 33.62 ? 39  HIS A CA   1 
ATOM   299 C  C    . HIS A 1 41 ? 6.906   -0.968  -3.090  1.00 32.65 ? 39  HIS A C    1 
ATOM   300 O  O    . HIS A 1 41 ? 5.792   -1.463  -3.051  1.00 32.06 ? 39  HIS A O    1 
ATOM   301 C  CB   . HIS A 1 41 ? 7.254   0.780   -4.811  1.00 34.44 ? 39  HIS A CB   1 
ATOM   302 C  CG   . HIS A 1 41 ? 8.030   1.792   -4.024  1.00 37.43 ? 39  HIS A CG   1 
ATOM   303 N  ND1  . HIS A 1 41 ? 7.582   2.257   -2.794  1.00 39.61 ? 39  HIS A ND1  1 
ATOM   304 C  CD2  . HIS A 1 41 ? 9.200   2.407   -4.320  1.00 38.10 ? 39  HIS A CD2  1 
ATOM   305 C  CE1  . HIS A 1 41 ? 8.484   3.142   -2.391  1.00 39.94 ? 39  HIS A CE1  1 
ATOM   306 N  NE2  . HIS A 1 41 ? 9.474   3.269   -3.279  1.00 39.20 ? 39  HIS A NE2  1 
ATOM   307 N  N    . HIS A 1 42 ? 7.601   -0.655  -1.988  1.00 31.87 ? 40  HIS A N    1 
ATOM   308 C  CA   . HIS A 1 42 ? 7.039   -0.884  -0.660  1.00 31.24 ? 40  HIS A CA   1 
ATOM   309 C  C    . HIS A 1 42 ? 5.855   0.041   -0.434  1.00 29.78 ? 40  HIS A C    1 
ATOM   310 O  O    . HIS A 1 42 ? 5.886   1.209   -0.814  1.00 29.15 ? 40  HIS A O    1 
ATOM   311 C  CB   . HIS A 1 42 ? 8.102   -0.607  0.420   1.00 32.26 ? 40  HIS A CB   1 
ATOM   312 C  CG   . HIS A 1 42 ? 7.614   -0.798  1.827   1.00 34.30 ? 40  HIS A CG   1 
ATOM   313 N  ND1  . HIS A 1 42 ? 7.380   -2.059  2.346   1.00 36.24 ? 40  HIS A ND1  1 
ATOM   314 C  CD2  . HIS A 1 42 ? 7.367   0.120   2.787   1.00 35.15 ? 40  HIS A CD2  1 
ATOM   315 C  CE1  . HIS A 1 42 ? 6.968   -1.866  3.589   1.00 36.36 ? 40  HIS A CE1  1 
ATOM   316 N  NE2  . HIS A 1 42 ? 6.948   -0.573  3.897   1.00 36.24 ? 40  HIS A NE2  1 
ATOM   317 N  N    . CYS A 1 43 ? 4.816   -0.485  0.202   1.00 29.23 ? 41  CYS A N    1 
ATOM   318 C  CA   . CYS A 1 43 ? 3.678   0.327   0.608   1.00 28.50 ? 41  CYS A CA   1 
ATOM   319 C  C    . CYS A 1 43 ? 3.310   -0.015  2.061   1.00 27.16 ? 41  CYS A C    1 
ATOM   320 O  O    . CYS A 1 43 ? 3.636   -1.100  2.555   1.00 27.83 ? 41  CYS A O    1 
ATOM   321 C  CB   . CYS A 1 43 ? 2.483   0.179   -0.344  1.00 28.10 ? 41  CYS A CB   1 
ATOM   322 S  SG   . CYS A 1 43 ? 1.857   -1.503  -0.552  1.00 28.16 ? 41  CYS A SG   1 
ATOM   323 N  N    . GLU A 1 44 ? 2.592   0.888   2.729   1.00 26.27 ? 42  GLU A N    1 
ATOM   324 C  CA   . GLU A 1 44 ? 2.102   0.622   4.081   1.00 27.08 ? 42  GLU A CA   1 
ATOM   325 C  C    . GLU A 1 44 ? 0.650   1.043   4.200   1.00 26.63 ? 42  GLU A C    1 
ATOM   326 O  O    . GLU A 1 44 ? 0.280   2.091   3.674   1.00 28.02 ? 42  GLU A O    1 
ATOM   327 C  CB   . GLU A 1 44 ? 2.942   1.337   5.122   1.00 31.66 ? 42  GLU A CB   1 
ATOM   328 C  CG   . GLU A 1 44 ? 4.174   0.545   5.493   1.00 41.96 ? 42  GLU A CG   1 
ATOM   329 C  CD   . GLU A 1 44 ? 5.124   1.298   6.396   1.00 52.09 ? 42  GLU A CD   1 
ATOM   330 O  OE1  . GLU A 1 44 ? 4.637   2.102   7.222   1.00 55.09 ? 42  GLU A OE1  1 
ATOM   331 O  OE2  . GLU A 1 44 ? 6.353   1.090   6.271   1.00 53.88 ? 42  GLU A OE2  1 
ATOM   332 N  N    . TYR A 1 45 ? -0.181  0.200   4.826   1.00 24.89 ? 43  TYR A N    1 
ATOM   333 C  CA   . TYR A 1 45 ? -1.579  0.501   5.094   1.00 23.71 ? 43  TYR A CA   1 
ATOM   334 C  C    . TYR A 1 45 ? -1.791  0.634   6.616   1.00 23.22 ? 43  TYR A C    1 
ATOM   335 O  O    . TYR A 1 45 ? -1.593  -0.327  7.346   1.00 23.53 ? 43  TYR A O    1 
ATOM   336 C  CB   . TYR A 1 45 ? -2.493  -0.609  4.599   1.00 23.53 ? 43  TYR A CB   1 
ATOM   337 C  CG   . TYR A 1 45 ? -3.950  -0.339  4.893   1.00 22.52 ? 43  TYR A CG   1 
ATOM   338 C  CD1  . TYR A 1 45 ? -4.507  0.920   4.673   1.00 23.08 ? 43  TYR A CD1  1 
ATOM   339 C  CD2  . TYR A 1 45 ? -4.774  -1.341  5.384   1.00 23.86 ? 43  TYR A CD2  1 
ATOM   340 C  CE1  . TYR A 1 45 ? -5.852  1.166   4.930   1.00 24.49 ? 43  TYR A CE1  1 
ATOM   341 C  CE2  . TYR A 1 45 ? -6.126  -1.115  5.617   1.00 24.82 ? 43  TYR A CE2  1 
ATOM   342 C  CZ   . TYR A 1 45 ? -6.654  0.149   5.409   1.00 25.37 ? 43  TYR A CZ   1 
ATOM   343 O  OH   . TYR A 1 45 ? -7.970  0.373   5.694   1.00 25.92 ? 43  TYR A OH   1 
ATOM   344 N  N    . ASP A 1 46 ? -2.195  1.824   7.061   1.00 22.22 ? 44  ASP A N    1 
ATOM   345 C  CA   . ASP A 1 46 ? -2.529  2.080   8.468   1.00 21.36 ? 44  ASP A CA   1 
ATOM   346 C  C    . ASP A 1 46 ? -4.024  1.881   8.588   1.00 21.17 ? 44  ASP A C    1 
ATOM   347 O  O    . ASP A 1 46 ? -4.813  2.754   8.182   1.00 22.08 ? 44  ASP A O    1 
ATOM   348 C  CB   . ASP A 1 46 ? -2.166  3.529   8.820   1.00 21.45 ? 44  ASP A CB   1 
ATOM   349 C  CG   . ASP A 1 46 ? -2.403  3.890   10.283  1.00 24.66 ? 44  ASP A CG   1 
ATOM   350 O  OD1  . ASP A 1 46 ? -3.179  3.187   10.949  1.00 23.48 ? 44  ASP A OD1  1 
ATOM   351 O  OD2  . ASP A 1 46 ? -1.797  4.888   10.757  1.00 27.94 ? 44  ASP A OD2  1 
ATOM   352 N  N    . GLU A 1 47 ? -4.434  0.716   9.051   1.00 21.57 ? 45  GLU A N    1 
ATOM   353 C  CA   . GLU A 1 47 ? -5.860  0.376   9.148   1.00 22.12 ? 45  GLU A CA   1 
ATOM   354 C  C    . GLU A 1 47 ? -6.585  1.202   10.254  1.00 23.83 ? 45  GLU A C    1 
ATOM   355 O  O    . GLU A 1 47 ? -7.782  1.528   10.132  1.00 25.27 ? 45  GLU A O    1 
ATOM   356 C  CB   . GLU A 1 47 ? -6.004  -1.127  9.375   1.00 24.26 ? 45  GLU A CB   1 
ATOM   357 C  CG   . GLU A 1 47 ? -7.431  -1.597  9.376   1.00 27.29 ? 45  GLU A CG   1 
ATOM   358 C  CD   . GLU A 1 47 ? -7.541  -3.089  9.174   1.00 30.89 ? 45  GLU A CD   1 
ATOM   359 O  OE1  . GLU A 1 47 ? -8.063  -3.517  8.118   1.00 31.76 ? 45  GLU A OE1  1 
ATOM   360 O  OE2  . GLU A 1 47 ? -7.090  -3.826  10.076  1.00 31.18 ? 45  GLU A OE2  1 
ATOM   361 N  N    . HIS A 1 48 ? -5.841  1.564   11.303  1.00 21.92 ? 46  HIS A N    1 
ATOM   362 C  CA   . HIS A 1 48 ? -6.428  2.366   12.389  1.00 21.80 ? 46  HIS A CA   1 
ATOM   363 C  C    . HIS A 1 48 ? -6.842  3.761   11.953  1.00 22.76 ? 46  HIS A C    1 
ATOM   364 O  O    . HIS A 1 48 ? -7.917  4.248   12.353  1.00 24.13 ? 46  HIS A O    1 
ATOM   365 C  CB   . HIS A 1 48 ? -5.483  2.439   13.565  1.00 20.52 ? 46  HIS A CB   1 
ATOM   366 C  CG   . HIS A 1 48 ? -6.167  2.978   14.788  1.00 20.25 ? 46  HIS A CG   1 
ATOM   367 N  ND1  . HIS A 1 48 ? -7.188  2.279   15.390  1.00 21.68 ? 46  HIS A ND1  1 
ATOM   368 C  CD2  . HIS A 1 48 ? -5.950  4.129   15.478  1.00 20.52 ? 46  HIS A CD2  1 
ATOM   369 C  CE1  . HIS A 1 48 ? -7.573  3.020   16.428  1.00 23.16 ? 46  HIS A CE1  1 
ATOM   370 N  NE2  . HIS A 1 48 ? -6.861  4.141   16.515  1.00 21.50 ? 46  HIS A NE2  1 
ATOM   371 N  N    . HIS A 1 49 ? -6.005  4.407   11.116  1.00 22.08 ? 47  HIS A N    1 
ATOM   372 C  CA   . HIS A 1 49 ? -6.282  5.756   10.626  1.00 23.10 ? 47  HIS A CA   1 
ATOM   373 C  C    . HIS A 1 49 ? -6.875  5.755   9.208   1.00 25.96 ? 47  HIS A C    1 
ATOM   374 O  O    . HIS A 1 49 ? -7.263  6.813   8.716   1.00 26.85 ? 47  HIS A O    1 
ATOM   375 C  CB   . HIS A 1 49 ? -5.040  6.676   10.739  1.00 22.63 ? 47  HIS A CB   1 
ATOM   376 C  CG   . HIS A 1 49 ? -4.524  6.810   12.146  1.00 20.79 ? 47  HIS A CG   1 
ATOM   377 N  ND1  . HIS A 1 49 ? -3.386  6.148   12.575  1.00 21.16 ? 47  HIS A ND1  1 
ATOM   378 C  CD2  . HIS A 1 49 ? -5.053  7.485   13.198  1.00 20.78 ? 47  HIS A CD2  1 
ATOM   379 C  CE1  . HIS A 1 49 ? -3.273  6.422   13.875  1.00 21.52 ? 47  HIS A CE1  1 
ATOM   380 N  NE2  . HIS A 1 49 ? -4.233  7.243   14.281  1.00 20.29 ? 47  HIS A NE2  1 
ATOM   381 N  N    . LYS A 1 50 ? -6.988  4.560   8.575   1.00 26.62 ? 48  LYS A N    1 
ATOM   382 C  CA   . LYS A 1 50 ? -7.514  4.420   7.216   1.00 28.44 ? 48  LYS A CA   1 
ATOM   383 C  C    . LYS A 1 50 ? -6.685  5.261   6.238   1.00 29.03 ? 48  LYS A C    1 
ATOM   384 O  O    . LYS A 1 50 ? -7.230  6.064   5.478   1.00 30.36 ? 48  LYS A O    1 
ATOM   385 C  CB   . LYS A 1 50 ? -9.019  4.750   7.155   1.00 31.00 ? 48  LYS A CB   1 
ATOM   386 C  CG   . LYS A 1 50 ? -9.848  3.865   8.065   1.00 37.47 ? 48  LYS A CG   1 
ATOM   387 C  CD   . LYS A 1 50 ? -11.241 4.429   8.329   1.00 45.28 ? 48  LYS A CD   1 
ATOM   388 C  CE   . LYS A 1 50 ? -11.973 3.734   9.462   1.00 51.13 ? 48  LYS A CE   1 
ATOM   389 N  NZ   . LYS A 1 50 ? -11.037 3.104   10.436  1.00 54.03 ? 48  LYS A NZ   1 
ATOM   390 N  N    . ARG A 1 51 ? -5.365  5.107   6.285   1.00 28.25 ? 49  ARG A N    1 
ATOM   391 C  CA   . ARG A 1 51 ? -4.442  5.830   5.415   1.00 28.89 ? 49  ARG A CA   1 
ATOM   392 C  C    . ARG A 1 51 ? -3.489  4.869   4.697   1.00 28.01 ? 49  ARG A C    1 
ATOM   393 O  O    . ARG A 1 51 ? -2.928  3.991   5.351   1.00 26.89 ? 49  ARG A O    1 
ATOM   394 C  CB   . ARG A 1 51 ? -3.594  6.796   6.262   1.00 32.03 ? 49  ARG A CB   1 
ATOM   395 C  CG   . ARG A 1 51 ? -4.291  8.117   6.584   1.00 39.15 ? 49  ARG A CG   1 
ATOM   396 C  CD   . ARG A 1 51 ? -3.433  8.920   7.535   1.00 45.03 ? 49  ARG A CD   1 
ATOM   397 N  NE   . ARG A 1 51 ? -3.783  10.339  7.556   1.00 51.66 ? 49  ARG A NE   1 
ATOM   398 C  CZ   . ARG A 1 51 ? -2.901  11.331  7.431   1.00 55.11 ? 49  ARG A CZ   1 
ATOM   399 N  NH1  . ARG A 1 51 ? -1.612  11.065  7.247   1.00 55.00 ? 49  ARG A NH1  1 
ATOM   400 N  NH2  . ARG A 1 51 ? -3.304  12.594  7.482   1.00 55.94 ? 49  ARG A NH2  1 
ATOM   401 N  N    . VAL A 1 52 ? -3.242  5.073   3.387   1.00 27.47 ? 50  VAL A N    1 
ATOM   402 C  CA   . VAL A 1 52 ? -2.305  4.202   2.667   1.00 28.08 ? 50  VAL A CA   1 
ATOM   403 C  C    . VAL A 1 52 ? -1.182  5.020   2.035   1.00 28.19 ? 50  VAL A C    1 
ATOM   404 O  O    . VAL A 1 52 ? -1.425  6.127   1.558   1.00 28.69 ? 50  VAL A O    1 
ATOM   405 C  CB   . VAL A 1 52 ? -3.036  3.336   1.630   1.00 29.46 ? 50  VAL A CB   1 
ATOM   406 C  CG1  . VAL A 1 52 ? -3.782  4.193   0.634   1.00 30.81 ? 50  VAL A CG1  1 
ATOM   407 C  CG2  . VAL A 1 52 ? -2.093  2.354   0.942   1.00 29.49 ? 50  VAL A CG2  1 
ATOM   408 N  N    . ASP A 1 53 ? 0.045   4.491   2.049   1.00 27.42 ? 51  ASP A N    1 
ATOM   409 C  CA   . ASP A 1 53 ? 1.170   5.199   1.443   1.00 28.38 ? 51  ASP A CA   1 
ATOM   410 C  C    . ASP A 1 53 ? 1.922   4.248   0.530   1.00 28.74 ? 51  ASP A C    1 
ATOM   411 O  O    . ASP A 1 53 ? 2.587   3.328   1.003   1.00 29.37 ? 51  ASP A O    1 
ATOM   412 C  CB   . ASP A 1 53 ? 2.084   5.793   2.517   1.00 30.90 ? 51  ASP A CB   1 
ATOM   413 C  CG   . ASP A 1 53 ? 3.296   6.529   1.975   1.00 37.86 ? 51  ASP A CG   1 
ATOM   414 O  OD1  . ASP A 1 53 ? 3.324   6.836   0.758   1.00 37.65 ? 51  ASP A OD1  1 
ATOM   415 O  OD2  . ASP A 1 53 ? 4.215   6.795   2.761   1.00 42.43 ? 51  ASP A OD2  1 
ATOM   416 N  N    . CYS A 1 54 ? 1.805   4.466   -0.769  1.00 28.53 ? 52  CYS A N    1 
ATOM   417 C  CA   . CYS A 1 54 ? 2.461   3.622   -1.766  1.00 29.25 ? 52  CYS A CA   1 
ATOM   418 C  C    . CYS A 1 54 ? 3.776   4.250   -2.300  1.00 31.94 ? 52  CYS A C    1 
ATOM   419 O  O    . CYS A 1 54 ? 4.315   3.748   -3.289  1.00 31.86 ? 52  CYS A O    1 
ATOM   420 C  CB   . CYS A 1 54 ? 1.498   3.313   -2.905  1.00 28.36 ? 52  CYS A CB   1 
ATOM   421 S  SG   . CYS A 1 54 ? 0.028   2.362   -2.409  1.00 27.38 ? 52  CYS A SG   1 
ATOM   422 N  N    . GLN A 1 55 ? 4.270   5.332   -1.671  1.00 34.42 ? 53  GLN A N    1 
ATOM   423 C  CA   . GLN A 1 55 ? 5.474   6.039   -2.140  1.00 37.47 ? 53  GLN A CA   1 
ATOM   424 C  C    . GLN A 1 55 ? 6.657   6.204   -1.141  1.00 42.89 ? 53  GLN A C    1 
ATOM   425 O  O    . GLN A 1 55 ? 7.755   6.533   -1.601  1.00 44.11 ? 53  GLN A O    1 
ATOM   426 C  CB   . GLN A 1 55 ? 5.082   7.417   -2.664  1.00 36.70 ? 53  GLN A CB   1 
ATOM   427 C  CG   . GLN A 1 55 ? 4.408   7.335   -4.031  1.00 36.65 ? 53  GLN A CG   1 
ATOM   428 C  CD   . GLN A 1 55 ? 4.175   8.681   -4.649  1.00 38.48 ? 53  GLN A CD   1 
ATOM   429 O  OE1  . GLN A 1 55 ? 4.861   9.660   -4.352  1.00 41.78 ? 53  GLN A OE1  1 
ATOM   430 N  NE2  . GLN A 1 55 ? 3.211   8.762   -5.546  1.00 35.90 ? 53  GLN A NE2  1 
ATOM   431 N  N    . THR A 1 56 ? 6.468   6.026   0.177   1.00 46.01 ? 54  THR A N    1 
ATOM   432 C  CA   . THR A 1 56 ? 7.586   6.197   1.124   1.00 49.82 ? 54  THR A CA   1 
ATOM   433 C  C    . THR A 1 56 ? 8.332   4.882   1.318   1.00 52.60 ? 54  THR A C    1 
ATOM   434 O  O    . THR A 1 56 ? 7.711   3.823   1.485   1.00 52.68 ? 54  THR A O    1 
ATOM   435 C  CB   . THR A 1 56 ? 7.147   6.862   2.439   1.00 52.38 ? 54  THR A CB   1 
ATOM   436 O  OG1  . THR A 1 56 ? 6.430   8.068   2.145   1.00 53.56 ? 54  THR A OG1  1 
ATOM   437 C  CG2  . THR A 1 56 ? 8.321   7.177   3.366   1.00 53.00 ? 54  THR A CG2  1 
ATOM   438 N  N    . PRO A 1 57 ? 9.678   4.926   1.255   1.00 54.60 ? 55  PRO A N    1 
ATOM   439 C  CA   . PRO A 1 57 ? 10.462  3.682   1.362   1.00 55.85 ? 55  PRO A CA   1 
ATOM   440 C  C    . PRO A 1 57 ? 10.484  3.028   2.744   1.00 57.06 ? 55  PRO A C    1 
ATOM   441 O  O    . PRO A 1 57 ? 10.682  1.813   2.838   1.00 57.71 ? 55  PRO A O    1 
ATOM   442 C  CB   . PRO A 1 57 ? 11.863  4.125   0.947   1.00 56.51 ? 55  PRO A CB   1 
ATOM   443 C  CG   . PRO A 1 57 ? 11.920  5.567   1.348   1.00 56.69 ? 55  PRO A CG   1 
ATOM   444 C  CD   . PRO A 1 57 ? 10.552  6.094   1.022   1.00 54.64 ? 55  PRO A CD   1 
ATOM   445 N  N    . VAL A 1 58 ? 10.295  3.814   3.812   0.00 61.32 ? 56  VAL A N    1 
ATOM   446 C  CA   . VAL A 1 58 ? 10.298  3.266   5.167   0.00 62.65 ? 56  VAL A CA   1 
ATOM   447 C  C    . VAL A 1 58 ? 8.916   2.768   5.579   0.00 63.24 ? 56  VAL A C    1 
ATOM   448 O  O    . VAL A 1 58 ? 8.840   1.929   6.502   0.00 63.68 ? 56  VAL A O    1 
ATOM   449 C  CB   . VAL A 1 58 ? 10.878  4.254   6.201   0.00 63.84 ? 56  VAL A CB   1 
ATOM   450 C  CG1  . VAL A 1 58 ? 12.349  4.537   5.921   0.00 64.48 ? 56  VAL A CG1  1 
ATOM   451 C  CG2  . VAL A 1 58 ? 10.072  5.547   6.240   0.00 64.43 ? 56  VAL A CG2  1 
ATOM   452 O  OXT  . VAL A 1 58 ? 7.909   3.208   4.981   0.00 30.00 ? 56  VAL A OXT  1 
HETATM 453 C  C11  . EVB B 2 .  ? -13.358 -9.868  9.587   1.00 34.51 ? 101 EVB A C11  1 
HETATM 454 C  C12  . EVB B 2 .  ? -12.124 -9.326  9.283   1.00 33.41 ? 101 EVB A C12  1 
HETATM 455 C  C13  . EVB B 2 .  ? -11.409 -9.812  8.207   1.00 31.98 ? 101 EVB A C13  1 
HETATM 456 C  C14  . EVB B 2 .  ? -11.550 -8.237  10.187  1.00 33.68 ? 101 EVB A C14  1 
HETATM 457 C  C15  . EVB B 2 .  ? -6.594  -13.049 8.236   1.00 34.35 ? 101 EVB A C15  1 
HETATM 458 C  C17  . EVB B 2 .  ? -6.304  -14.024 10.528  1.00 37.40 ? 101 EVB A C17  1 
HETATM 459 C  C18  . EVB B 2 .  ? -6.296  -13.921 11.910  1.00 39.37 ? 101 EVB A C18  1 
HETATM 460 C  C19  . EVB B 2 .  ? -6.697  -12.760 12.522  1.00 37.63 ? 101 EVB A C19  1 
HETATM 461 C  C20  . EVB B 2 .  ? -7.040  -11.652 11.775  1.00 35.68 ? 101 EVB A C20  1 
HETATM 462 C  C21  . EVB B 2 .  ? -6.987  -11.714 10.394  1.00 35.16 ? 101 EVB A C21  1 
HETATM 463 C  C22  . EVB B 2 .  ? -11.547 -6.826  9.582   1.00 34.17 ? 101 EVB A C22  1 
HETATM 464 C  C23  . EVB B 2 .  ? -11.052 -5.799  10.368  1.00 35.24 ? 101 EVB A C23  1 
HETATM 465 C  C1   . EVB B 2 .  ? -10.490 -13.898 6.603   1.00 34.42 ? 101 EVB A C1   1 
HETATM 466 C  C2   . EVB B 2 .  ? -10.106 -12.564 6.751   1.00 33.08 ? 101 EVB A C2   1 
HETATM 467 C  C3   . EVB B 2 .  ? -8.831  -12.293 7.237   1.00 33.15 ? 101 EVB A C3   1 
HETATM 468 C  C4   . EVB B 2 .  ? -7.986  -13.319 7.663   1.00 33.87 ? 101 EVB A C4   1 
HETATM 469 C  C5   . EVB B 2 .  ? -8.381  -14.640 7.497   1.00 34.46 ? 101 EVB A C5   1 
HETATM 470 C  C6   . EVB B 2 .  ? -9.632  -14.922 7.000   1.00 35.25 ? 101 EVB A C6   1 
HETATM 471 C  C7   . EVB B 2 .  ? -11.058 -11.445 6.278   1.00 32.62 ? 101 EVB A C7   1 
HETATM 472 C  C8   . EVB B 2 .  ? -11.887 -10.871 7.439   1.00 32.60 ? 101 EVB A C8   1 
HETATM 473 C  C9   . EVB B 2 .  ? -13.136 -11.374 7.722   1.00 33.30 ? 101 EVB A C9   1 
HETATM 474 C  C10  . EVB B 2 .  ? -13.862 -10.865 8.783   1.00 35.17 ? 101 EVB A C10  1 
HETATM 475 C  C16  . EVB B 2 .  ? -6.666  -12.924 9.761   1.00 35.50 ? 101 EVB A C16  1 
HETATM 476 C  C24  . EVB B 2 .  ? -11.065 -4.481  9.927   1.00 36.20 ? 101 EVB A C24  1 
HETATM 477 C  C25  . EVB B 2 .  ? -11.524 -4.198  8.654   1.00 34.82 ? 101 EVB A C25  1 
HETATM 478 C  C26  . EVB B 2 .  ? -12.011 -5.227  7.871   1.00 33.07 ? 101 EVB A C26  1 
HETATM 479 C  C27  . EVB B 2 .  ? -12.051 -6.531  8.328   1.00 33.73 ? 101 EVB A C27  1 
HETATM 480 C  C28  . EVB B 2 .  ? -10.527 -3.318  10.760  1.00 39.56 ? 101 EVB A C28  1 
HETATM 481 C  C29  . EVB B 2 .  ? -7.415  -10.373 12.515  1.00 34.78 ? 101 EVB A C29  1 
HETATM 482 C  C30  . EVB B 2 .  ? -11.575 -2.757  11.737  1.00 42.76 ? 101 EVB A C30  1 
HETATM 483 C  C31  . EVB B 2 .  ? -11.650 -3.219  13.049  1.00 44.35 ? 101 EVB A C31  1 
HETATM 484 C  C32  . EVB B 2 .  ? -12.513 -2.599  13.966  1.00 45.90 ? 101 EVB A C32  1 
HETATM 485 C  C33  . EVB B 2 .  ? -13.369 -1.597  13.516  1.00 45.96 ? 101 EVB A C33  1 
HETATM 486 C  C34  . EVB B 2 .  ? -13.270 -1.131  12.225  1.00 46.31 ? 101 EVB A C34  1 
HETATM 487 C  C35  . EVB B 2 .  ? -12.363 -1.688  11.333  1.00 44.40 ? 101 EVB A C35  1 
HETATM 488 C  C36  . EVB B 2 .  ? -6.257  -9.378  12.654  1.00 34.71 ? 101 EVB A C36  1 
HETATM 489 C  C37  . EVB B 2 .  ? -4.930  -9.754  12.583  1.00 34.88 ? 101 EVB A C37  1 
HETATM 490 C  C38  . EVB B 2 .  ? -3.946  -8.809  12.818  1.00 35.38 ? 101 EVB A C38  1 
HETATM 491 C  C39  . EVB B 2 .  ? -4.255  -7.494  13.114  1.00 35.05 ? 101 EVB A C39  1 
HETATM 492 C  C40  . EVB B 2 .  ? -5.572  -7.121  13.189  1.00 35.76 ? 101 EVB A C40  1 
HETATM 493 C  C41  . EVB B 2 .  ? -6.554  -8.070  13.012  1.00 34.54 ? 101 EVB A C41  1 
HETATM 494 C  C42  . EVB B 2 .  ? -12.701 -3.066  15.422  1.00 47.17 ? 101 EVB A C42  1 
HETATM 495 C  C43  . EVB B 2 .  ? -5.938  -5.669  13.501  1.00 38.36 ? 101 EVB A C43  1 
HETATM 496 C  C44  . EVB B 2 .  ? -11.462 -2.897  16.312  1.00 48.42 ? 101 EVB A C44  1 
HETATM 497 C  C45  . EVB B 2 .  ? -10.740 -4.035  16.646  1.00 48.72 ? 101 EVB A C45  1 
HETATM 498 C  C46  . EVB B 2 .  ? -9.619  -3.946  17.452  1.00 48.37 ? 101 EVB A C46  1 
HETATM 499 C  C47  . EVB B 2 .  ? -9.281  -2.708  18.024  1.00 49.24 ? 101 EVB A C47  1 
HETATM 500 C  C48  . EVB B 2 .  ? -10.052 -1.560  17.777  1.00 49.62 ? 101 EVB A C48  1 
HETATM 501 C  C49  . EVB B 2 .  ? -11.143 -1.673  16.916  1.00 49.25 ? 101 EVB A C49  1 
HETATM 502 C  C50  . EVB B 2 .  ? -6.115  -5.417  15.009  1.00 41.28 ? 101 EVB A C50  1 
HETATM 503 C  C51  . EVB B 2 .  ? -5.032  -4.959  15.728  1.00 42.66 ? 101 EVB A C51  1 
HETATM 504 C  C52  . EVB B 2 .  ? -5.145  -4.645  17.070  1.00 44.55 ? 101 EVB A C52  1 
HETATM 505 C  C53  . EVB B 2 .  ? -6.355  -4.769  17.711  1.00 44.69 ? 101 EVB A C53  1 
HETATM 506 C  C54  . EVB B 2 .  ? -7.466  -5.179  17.001  1.00 44.97 ? 101 EVB A C54  1 
HETATM 507 C  C55  . EVB B 2 .  ? -7.344  -5.507  15.642  1.00 43.32 ? 101 EVB A C55  1 
HETATM 508 O  O1   . EVB B 2 .  ? -11.052 -5.239  15.988  1.00 48.92 ? 101 EVB A O1   1 
HETATM 509 O  O2   . EVB B 2 .  ? -10.802 -4.270  13.416  1.00 44.35 ? 101 EVB A O2   1 
HETATM 510 O  O3   . EVB B 2 .  ? -10.580 -6.158  11.636  1.00 35.82 ? 101 EVB A O3   1 
HETATM 511 O  O4   . EVB B 2 .  ? -10.136 -9.340  7.916   1.00 31.27 ? 101 EVB A O4   1 
HETATM 512 O  O5   . EVB B 2 .  ? -8.421  -10.951 7.365   1.00 32.42 ? 101 EVB A O5   1 
HETATM 513 O  O6   . EVB B 2 .  ? -7.377  -10.569 9.671   1.00 34.52 ? 101 EVB A O6   1 
HETATM 514 O  O7   . EVB B 2 .  ? -7.881  -7.680  13.076  1.00 34.72 ? 101 EVB A O7   1 
HETATM 515 O  O8   . EVB B 2 .  ? -8.451  -5.950  14.926  1.00 43.55 ? 101 EVB A O8   1 
HETATM 516 S  S64  . EVB B 2 .  ? -9.647  0.067   18.564  1.00 50.79 ? 101 EVB A S64  1 
HETATM 517 S  S65  . EVB B 2 .  ? -14.370 0.221   11.718  1.00 48.31 ? 101 EVB A S65  1 
HETATM 518 S  S66  . EVB B 2 .  ? -12.570 -4.891  6.193   1.00 31.91 ? 101 EVB A S66  1 
HETATM 519 S  S67  . EVB B 2 .  ? -15.483 -11.575 9.144   1.00 38.30 ? 101 EVB A S67  1 
HETATM 520 S  S68  . EVB B 2 .  ? -10.125 -16.676 6.812   1.00 37.50 ? 101 EVB A S68  1 
HETATM 521 S  S69  . EVB B 2 .  ? -5.888  -15.328 12.993  1.00 42.69 ? 101 EVB A S69  1 
HETATM 522 S  S70  . EVB B 2 .  ? -2.232  -9.306  12.711  1.00 36.74 ? 101 EVB A S70  1 
HETATM 523 S  S71  . EVB B 2 .  ? -3.676  -4.123  17.994  1.00 46.49 ? 101 EVB A S71  1 
HETATM 524 C  C72  . EVB B 2 .  ? -8.806  -5.231  17.735  1.00 46.86 ? 101 EVB A C72  1 
HETATM 525 O  O9   . EVB B 2 .  ? -10.596 1.266   17.922  1.00 50.45 ? 101 EVB A O9   1 
HETATM 526 O  O10  . EVB B 2 .  ? -9.911  -0.028  20.190  1.00 51.51 ? 101 EVB A O10  1 
HETATM 527 O  O11  . EVB B 2 .  ? -8.049  0.431   18.357  1.00 50.95 ? 101 EVB A O11  1 
HETATM 528 O  O12  . EVB B 2 .  ? -13.946 0.834   10.245  1.00 48.25 ? 101 EVB A O12  1 
HETATM 529 O  O13  . EVB B 2 .  ? -15.906 -0.395  11.640  1.00 48.87 ? 101 EVB A O13  1 
HETATM 530 O  O14  . EVB B 2 .  ? -14.302 1.424   12.859  1.00 49.05 ? 101 EVB A O14  1 
HETATM 531 O  O15  . EVB B 2 .  ? -12.832 -3.277  6.012   1.00 32.41 ? 101 EVB A O15  1 
HETATM 532 O  O16  . EVB B 2 .  ? -11.382 -5.443  5.236   1.00 31.71 ? 101 EVB A O16  1 
HETATM 533 O  O17  . EVB B 2 .  ? -14.011 -5.607  5.910   1.00 31.02 ? 101 EVB A O17  1 
HETATM 534 O  O18  . EVB B 2 .  ? -16.582 -10.463 9.679   1.00 40.00 ? 101 EVB A O18  1 
HETATM 535 O  O19  . EVB B 2 .  ? -15.178 -12.729 10.277  1.00 39.67 ? 101 EVB A O19  1 
HETATM 536 O  O20  . EVB B 2 .  ? -15.994 -12.269 7.753   1.00 38.40 ? 101 EVB A O20  1 
HETATM 537 O  O21  . EVB B 2 .  ? -9.555  -17.574 8.070   1.00 38.61 ? 101 EVB A O21  1 
HETATM 538 O  O22  . EVB B 2 .  ? -11.756 -16.678 6.755   1.00 37.30 ? 101 EVB A O22  1 
HETATM 539 O  O23  . EVB B 2 .  ? -9.406  -17.094 5.399   1.00 37.89 ? 101 EVB A O23  1 
HETATM 540 O  O24  . EVB B 2 .  ? -7.334  -15.769 13.613  1.00 43.77 ? 101 EVB A O24  1 
HETATM 541 O  O25  . EVB B 2 .  ? -4.823  -14.795 14.130  1.00 43.41 ? 101 EVB A O25  1 
HETATM 542 O  O26  . EVB B 2 .  ? -5.204  -16.522 12.101  1.00 43.22 ? 101 EVB A O26  1 
HETATM 543 O  O27  . EVB B 2 .  ? -1.270  -8.406  13.688  1.00 37.74 ? 101 EVB A O27  1 
HETATM 544 O  O28  . EVB B 2 .  ? -1.715  -9.057  11.174  1.00 36.28 ? 101 EVB A O28  1 
HETATM 545 O  O29  . EVB B 2 .  ? -2.101  -10.897 13.142  1.00 38.15 ? 101 EVB A O29  1 
HETATM 546 O  O30  . EVB B 2 .  ? -2.673  -3.180  17.114  1.00 46.96 ? 101 EVB A O30  1 
HETATM 547 O  O31  . EVB B 2 .  ? -4.137  -3.308  19.358  1.00 47.08 ? 101 EVB A O31  1 
HETATM 548 O  O32  . EVB B 2 .  ? -2.829  -5.459  18.469  1.00 47.56 ? 101 EVB A O32  1 
HETATM 549 H  H1   . EVB B 2 .  ? -13.949 -9.476  10.402  0.00 41.41 ? 101 EVB A H1   1 
HETATM 550 H  H2   . EVB B 2 .  ? -10.525 -8.512  10.434  0.00 40.41 ? 101 EVB A H2   1 
HETATM 551 H  H3   . EVB B 2 .  ? -12.132 -8.216  11.110  0.00 40.41 ? 101 EVB A H3   1 
HETATM 552 H  H4   . EVB B 2 .  ? -6.177  -12.137 7.811   0.00 41.21 ? 101 EVB A H4   1 
HETATM 553 H  H5   . EVB B 2 .  ? -5.941  -13.881 7.976   0.00 41.21 ? 101 EVB A H5   1 
HETATM 554 H  H6   . EVB B 2 .  ? -6.012  -14.950 10.053  0.00 44.88 ? 101 EVB A H6   1 
HETATM 555 H  H7   . EVB B 2 .  ? -6.695  -12.703 13.599  0.00 45.16 ? 101 EVB A H7   1 
HETATM 556 H  H8   . EVB B 2 .  ? -11.460 -14.132 6.190   0.00 41.31 ? 101 EVB A H8   1 
HETATM 557 H  H9   . EVB B 2 .  ? -7.732  -15.443 7.813   0.00 41.35 ? 101 EVB A H9   1 
HETATM 558 H  H10  . EVB B 2 .  ? -11.748 -11.870 5.548   0.00 39.15 ? 101 EVB A H10  1 
HETATM 559 H  H11  . EVB B 2 .  ? -10.492 -10.655 5.785   0.00 39.15 ? 101 EVB A H11  1 
HETATM 560 H  H12  . EVB B 2 .  ? -13.530 -12.179 7.121   0.00 39.96 ? 101 EVB A H12  1 
HETATM 561 H  H13  . EVB B 2 .  ? -11.501 -3.187  8.276   0.00 41.79 ? 101 EVB A H13  1 
HETATM 562 H  H14  . EVB B 2 .  ? -12.405 -7.305  7.664   0.00 40.48 ? 101 EVB A H14  1 
HETATM 563 H  H15  . EVB B 2 .  ? -9.642  -3.646  11.305  0.00 47.47 ? 101 EVB A H15  1 
HETATM 564 H  H16  . EVB B 2 .  ? -10.226 -2.514  10.087  0.00 47.47 ? 101 EVB A H16  1 
HETATM 565 H  H17  . EVB B 2 .  ? -8.255  -9.898  12.013  0.00 41.73 ? 101 EVB A H17  1 
HETATM 566 H  H18  . EVB B 2 .  ? -7.743  -10.643 13.518  0.00 41.73 ? 101 EVB A H18  1 
HETATM 567 H  H19  . EVB B 2 .  ? -14.072 -1.131  14.191  0.00 55.15 ? 101 EVB A H19  1 
HETATM 568 H  H20  . EVB B 2 .  ? -12.310 -1.327  10.317  0.00 53.28 ? 101 EVB A H20  1 
HETATM 569 H  H21  . EVB B 2 .  ? -4.644  -10.776 12.389  0.00 41.86 ? 101 EVB A H21  1 
HETATM 570 H  H22  . EVB B 2 .  ? -3.471  -6.767  13.260  0.00 42.06 ? 101 EVB A H22  1 
HETATM 571 H  H23  . EVB B 2 .  ? -13.501 -2.479  15.874  0.00 56.61 ? 101 EVB A H23  1 
HETATM 572 H  H24  . EVB B 2 .  ? -13.028 -4.103  15.413  0.00 56.61 ? 101 EVB A H24  1 
HETATM 573 H  H25  . EVB B 2 .  ? -5.126  -5.035  13.145  0.00 46.04 ? 101 EVB A H25  1 
HETATM 574 H  H26  . EVB B 2 .  ? -6.843  -5.383  12.966  0.00 46.04 ? 101 EVB A H26  1 
HETATM 575 H  H27  . EVB B 2 .  ? -8.439  -2.647  18.699  0.00 59.09 ? 101 EVB A H27  1 
HETATM 576 H  H28  . EVB B 2 .  ? -11.757 -0.809  16.713  0.00 59.10 ? 101 EVB A H28  1 
HETATM 577 H  H29  . EVB B 2 .  ? -4.068  -4.883  15.248  0.00 51.20 ? 101 EVB A H29  1 
HETATM 578 H  H30  . EVB B 2 .  ? -6.441  -4.514  18.757  0.00 53.63 ? 101 EVB A H30  1 
HETATM 579 H  H31  . EVB B 2 .  ? -11.414 -5.880  16.634  0.00 58.70 ? 101 EVB A H31  1 
HETATM 580 H  H32  . EVB B 2 .  ? -11.329 -4.997  13.810  0.00 53.22 ? 101 EVB A H32  1 
HETATM 581 H  H33  . EVB B 2 .  ? -11.336 -6.244  12.253  0.00 42.99 ? 101 EVB A H33  1 
HETATM 582 H  H34  . EVB B 2 .  ? -9.535  -9.536  8.660   0.00 37.53 ? 101 EVB A H34  1 
HETATM 583 H  H35  . EVB B 2 .  ? -7.847  -10.821 8.142   0.00 38.91 ? 101 EVB A H35  1 
HETATM 584 H  H36  . EVB B 2 .  ? -8.284  -10.315 9.940   0.00 41.43 ? 101 EVB A H36  1 
HETATM 585 H  H37  . EVB B 2 .  ? -8.120  -7.200  12.256  0.00 41.66 ? 101 EVB A H37  1 
HETATM 586 H  H38  . EVB B 2 .  ? -8.809  -5.211  14.389  0.00 52.26 ? 101 EVB A H38  1 
HETATM 587 H  H39  . EVB B 2 .  ? -8.622  -5.290  18.807  0.00 56.23 ? 101 EVB A H39  1 
HETATM 588 H  H40  . EVB B 2 .  ? -9.354  -6.121  17.433  0.00 56.23 ? 101 EVB A H40  1 
HETATM 589 H  H41  . EVB B 2 .  ? -14.995 1.273   13.535  0.00 58.86 ? 101 EVB A H41  1 
HETATM 590 H  H42  . EVB B 2 .  ? -10.566 -5.564  5.765   0.00 38.05 ? 101 EVB A H42  1 
HETATM 591 H  H43  . EVB B 2 .  ? -15.617 -13.169 7.680   0.00 46.08 ? 101 EVB A H43  1 
HETATM 592 H  H44  . EVB B 2 .  ? -9.503  -17.015 8.873   0.00 46.33 ? 101 EVB A H44  1 
HETATM 593 H  H45  . EVB B 2 .  ? -10.853 0.166   20.379  0.00 61.81 ? 101 EVB A H45  1 
HETATM 594 H  H46  . EVB B 2 .  ? -4.265  -3.945  20.091  0.00 56.50 ? 101 EVB A H46  1 
HETATM 595 H  H47  . EVB B 2 .  ? -0.865  -8.571  11.189  0.00 43.54 ? 101 EVB A H47  1 
HETATM 596 H  H48  . EVB B 2 .  ? -3.912  -15.044 13.867  0.00 52.10 ? 101 EVB A H48  1 
HETATM 597 H  H92  . EVB B 2 .  ? -10.064 1.812   17.306  0.00 60.54 ? 101 EVB A H92  1 
HETATM 598 H  H112 . EVB B 2 .  ? -7.711  -0.031  17.561  0.00 61.14 ? 101 EVB A H112 1 
HETATM 599 H  H121 . EVB B 2 .  ? -14.127 0.169   9.548   0.00 57.90 ? 101 EVB A H121 1 
HETATM 600 H  H131 . EVB B 2 .  ? -15.868 -1.373  11.699  0.00 58.65 ? 101 EVB A H131 1 
HETATM 601 H  H153 . EVB B 2 .  ? -11.984 -2.795  6.103   0.00 38.89 ? 101 EVB A H153 1 
HETATM 602 H  H172 . EVB B 2 .  ? -14.723 -4.951  6.051   0.00 37.23 ? 101 EVB A H172 1 
HETATM 603 H  H181 . EVB B 2 .  ? -16.223 -9.998  10.463  0.00 48.00 ? 101 EVB A H181 1 
HETATM 604 H  H192 . EVB B 2 .  ? -15.718 -12.552 11.077  0.00 47.61 ? 101 EVB A H192 1 
HETATM 605 H  H221 . EVB B 2 .  ? -12.113 -17.050 7.588   0.00 44.76 ? 101 EVB A H221 1 
HETATM 606 H  H231 . EVB B 2 .  ? -9.011  -16.298 4.985   0.00 45.47 ? 101 EVB A H231 1 
HETATM 607 H  H241 . EVB B 2 .  ? -7.428  -15.399 14.515  0.00 52.52 ? 101 EVB A H241 1 
HETATM 608 H  H261 . EVB B 2 .  ? -4.503  -16.142 11.530  0.00 51.87 ? 101 EVB A H261 1 
HETATM 609 H  H272 . EVB B 2 .  ? -1.402  -8.681  14.620  0.00 45.29 ? 101 EVB A H272 1 
HETATM 610 H  H293 . EVB B 2 .  ? -2.039  -10.967 14.118  0.00 45.78 ? 101 EVB A H293 1 
HETATM 611 H  H301 . EVB B 2 .  ? -3.064  -2.286  17.018  0.00 56.35 ? 101 EVB A H301 1 
HETATM 612 H  H321 . EVB B 2 .  ? -2.077  -5.188  19.036  0.00 57.07 ? 101 EVB A H321 1 
HETATM 613 ZN ZN   . ZN  C 3 .  ? -7.163  5.642   17.842  1.00 20.22 2 102 ZN  A ZN   1 
HETATM 614 P  P    . PO4 D 4 .  ? -4.381  6.522   18.884  0.33 21.77 ? 103 PO4 A P    1 
HETATM 615 O  O1   . PO4 D 4 .  ? -3.282  5.723   19.596  0.33 21.87 ? 103 PO4 A O1   1 
HETATM 616 O  O2   . PO4 D 4 .  ? -5.745  5.701   19.064  0.33 22.02 ? 103 PO4 A O2   1 
HETATM 617 O  O3   . PO4 D 4 .  ? -4.455  7.957   19.590  0.33 22.01 ? 103 PO4 A O3   1 
HETATM 618 O  O4   . PO4 D 4 .  ? -3.959  6.633   17.344  0.33 22.05 ? 103 PO4 A O4   1 
HETATM 619 P  P    . PO4 E 4 .  ? -7.322  8.895   17.120  0.33 17.74 ? 104 PO4 A P    1 
HETATM 620 O  O1   . PO4 E 4 .  ? -7.220  7.306   16.953  0.33 19.22 ? 104 PO4 A O1   1 
HETATM 621 O  O2   . PO4 E 4 .  ? -6.058  9.523   16.457  0.33 17.99 ? 104 PO4 A O2   1 
HETATM 622 O  O3   . PO4 E 4 .  ? -7.435  9.372   18.651  0.33 16.48 ? 104 PO4 A O3   1 
HETATM 623 O  O4   . PO4 E 4 .  ? -8.619  9.411   16.340  0.33 18.36 ? 104 PO4 A O4   1 
HETATM 624 O  O    . HOH F 5 .  ? -5.538  11.528  15.499  1.00 31.91 ? 201 HOH A O    1 
HETATM 625 O  O    . HOH F 5 .  ? 9.447   -4.926  -3.663  1.00 45.44 ? 202 HOH A O    1 
HETATM 626 O  O    . HOH F 5 .  ? -0.442  6.113   -1.345  1.00 32.61 ? 203 HOH A O    1 
HETATM 627 O  O    . HOH F 5 .  ? -7.142  -1.057  -9.645  1.00 44.28 ? 204 HOH A O    1 
HETATM 628 O  O    . HOH F 5 .  ? -8.787  7.305   -6.753  1.00 35.64 ? 205 HOH A O    1 
HETATM 629 O  O    . HOH F 5 .  ? -7.367  -5.228  6.256   1.00 34.60 ? 206 HOH A O    1 
HETATM 630 O  O    . HOH F 5 .  ? -2.690  0.683   -15.508 1.00 29.41 ? 207 HOH A O    1 
HETATM 631 O  O    . HOH F 5 .  ? -7.771  3.270   -0.715  1.00 29.46 ? 208 HOH A O    1 
HETATM 632 O  O    . HOH F 5 .  ? 7.482   -4.736  1.708   1.00 64.59 ? 209 HOH A O    1 
HETATM 633 O  O    . HOH F 5 .  ? 0.846   -8.867  10.519  1.00 53.44 ? 210 HOH A O    1 
HETATM 634 O  O    . HOH F 5 .  ? 5.503   4.056   -5.646  1.00 35.34 ? 211 HOH A O    1 
HETATM 635 O  O    . HOH F 5 .  ? 1.832   -16.146 5.975   1.00 33.35 ? 212 HOH A O    1 
HETATM 636 O  O    . HOH F 5 .  ? 2.224   -6.744  7.091   1.00 36.46 ? 213 HOH A O    1 
HETATM 637 O  O    . HOH F 5 .  ? -7.573  6.451   2.839   1.00 52.63 ? 214 HOH A O    1 
HETATM 638 O  O    . HOH F 5 .  ? -1.857  2.355   13.414  1.00 37.55 ? 215 HOH A O    1 
HETATM 639 O  O    . HOH F 5 .  ? -13.338 -15.804 8.762   1.00 58.35 ? 216 HOH A O    1 
HETATM 640 O  O    . HOH F 5 .  ? 0.553   -6.188  -10.787 1.00 39.91 ? 217 HOH A O    1 
HETATM 641 O  O    . HOH F 5 .  ? -7.754  -19.490 8.754   1.00 53.17 ? 218 HOH A O    1 
HETATM 642 O  O    . HOH F 5 .  ? -9.392  -1.864  6.419   1.00 35.23 ? 219 HOH A O    1 
HETATM 643 O  O    . HOH F 5 .  ? -9.789  -3.419  4.350   1.00 40.49 ? 220 HOH A O    1 
HETATM 644 O  O    . HOH F 5 .  ? -3.182  -8.673  -4.710  1.00 38.96 ? 221 HOH A O    1 
HETATM 645 O  O    . HOH F 5 .  ? -6.778  -19.588 2.149   1.00 42.52 ? 222 HOH A O    1 
HETATM 646 O  O    . HOH F 5 .  ? -1.114  -4.840  -5.416  1.00 31.46 ? 223 HOH A O    1 
HETATM 647 O  O    . HOH F 5 .  ? -9.246  -6.982  6.762   1.00 31.06 ? 224 HOH A O    1 
HETATM 648 O  O    . HOH F 5 .  ? -0.201  3.290   -10.354 1.00 30.81 ? 225 HOH A O    1 
HETATM 649 O  O    . HOH F 5 .  ? -8.471  -4.382  2.376   1.00 34.67 ? 226 HOH A O    1 
HETATM 650 O  O    . HOH F 5 .  ? 2.035   5.997   -11.448 1.00 39.16 ? 227 HOH A O    1 
HETATM 651 O  O    . HOH F 5 .  ? -1.918  11.786  -10.311 1.00 40.02 ? 228 HOH A O    1 
HETATM 652 O  O    . HOH F 5 .  ? -14.411 -1.675  4.279   1.00 32.70 ? 229 HOH A O    1 
HETATM 653 O  O    . HOH F 5 .  ? 8.111   0.063   -12.457 1.00 40.70 ? 230 HOH A O    1 
HETATM 654 O  O    . HOH F 5 .  ? 2.215   -3.808  -12.496 1.00 34.01 ? 231 HOH A O    1 
HETATM 655 O  O    . HOH F 5 .  ? -9.160  1.134   -1.243  0.50 19.23 ? 232 HOH A O    1 
HETATM 656 O  O    . HOH F 5 .  ? 0.711   -11.023 8.980   1.00 36.98 ? 233 HOH A O    1 
HETATM 657 O  O    . HOH F 5 .  ? -7.145  -0.601  14.728  1.00 38.84 ? 234 HOH A O    1 
HETATM 658 O  O    . HOH F 5 .  ? 0.614   -1.204  15.024  1.00 52.85 ? 235 HOH A O    1 
HETATM 659 O  O    . HOH F 5 .  ? -6.722  3.649   -8.607  1.00 44.45 ? 236 HOH A O    1 
HETATM 660 O  O    . HOH F 5 .  ? -5.097  -5.406  -7.283  1.00 42.65 ? 237 HOH A O    1 
HETATM 661 O  O    . HOH F 5 .  ? 3.072   -8.127  0.219   1.00 46.71 ? 238 HOH A O    1 
HETATM 662 O  O    . HOH F 5 .  ? -8.553  -7.798  0.375   1.00 34.09 ? 239 HOH A O    1 
HETATM 663 O  O    . HOH F 5 .  ? -4.608  7.512   2.116   1.00 27.69 ? 240 HOH A O    1 
HETATM 664 O  O    . HOH F 5 .  ? -3.278  -8.273  -14.465 1.00 50.14 ? 241 HOH A O    1 
HETATM 665 O  O    . HOH F 5 .  ? 11.431  1.455   -1.321  1.00 68.94 ? 242 HOH A O    1 
HETATM 666 O  O    . HOH F 5 .  ? -13.705 1.895   7.077   1.00 49.37 ? 243 HOH A O    1 
HETATM 667 O  O    . HOH F 5 .  ? -3.839  1.380   17.404  1.00 42.16 ? 244 HOH A O    1 
HETATM 668 O  O    . HOH F 5 .  ? -8.266  4.043   2.005   1.00 58.91 ? 245 HOH A O    1 
HETATM 669 O  O    . HOH F 5 .  ? -10.845 -13.235 10.909  1.00 56.19 ? 246 HOH A O    1 
HETATM 670 O  O    . HOH F 5 .  ? -15.609 -4.688  10.637  1.00 66.72 ? 247 HOH A O    1 
HETATM 671 O  O    . HOH F 5 .  ? -8.738  -2.407  -8.111  1.00 38.55 ? 248 HOH A O    1 
HETATM 672 O  O    . HOH F 5 .  ? -5.372  -9.493  16.900  1.00 65.25 ? 249 HOH A O    1 
# 
